data_1SXK
# 
_entry.id   1SXK 
# 
_audit_conform.dict_name       mmcif_pdbx.dic 
_audit_conform.dict_version    5.397 
_audit_conform.dict_location   http://mmcif.pdb.org/dictionaries/ascii/mmcif_pdbx.dic 
# 
loop_
_database_2.database_id 
_database_2.database_code 
_database_2.pdbx_database_accession 
_database_2.pdbx_DOI 
PDB   1SXK         pdb_00001sxk 10.2210/pdb1sxk/pdb 
RCSB  RCSB022071   ?            ?                   
WWPDB D_1000022071 ?            ?                   
# 
loop_
_pdbx_audit_revision_history.ordinal 
_pdbx_audit_revision_history.data_content_type 
_pdbx_audit_revision_history.major_revision 
_pdbx_audit_revision_history.minor_revision 
_pdbx_audit_revision_history.revision_date 
1 'Structure model' 1 0 2004-04-13 
2 'Structure model' 1 1 2008-04-30 
3 'Structure model' 1 2 2011-07-13 
4 'Structure model' 1 3 2023-08-23 
5 'Structure model' 1 4 2024-10-30 
# 
_pdbx_audit_revision_details.ordinal             1 
_pdbx_audit_revision_details.revision_ordinal    1 
_pdbx_audit_revision_details.data_content_type   'Structure model' 
_pdbx_audit_revision_details.provider            repository 
_pdbx_audit_revision_details.type                'Initial release' 
_pdbx_audit_revision_details.description         ? 
_pdbx_audit_revision_details.details             ? 
# 
loop_
_pdbx_audit_revision_group.ordinal 
_pdbx_audit_revision_group.revision_ordinal 
_pdbx_audit_revision_group.data_content_type 
_pdbx_audit_revision_group.group 
1 2 'Structure model' 'Version format compliance' 
2 3 'Structure model' 'Version format compliance' 
3 4 'Structure model' 'Data collection'           
4 4 'Structure model' 'Database references'       
5 4 'Structure model' 'Derived calculations'      
6 4 'Structure model' 'Refinement description'    
7 5 'Structure model' 'Structure summary'         
# 
loop_
_pdbx_audit_revision_category.ordinal 
_pdbx_audit_revision_category.revision_ordinal 
_pdbx_audit_revision_category.data_content_type 
_pdbx_audit_revision_category.category 
1 4 'Structure model' chem_comp_atom                
2 4 'Structure model' chem_comp_bond                
3 4 'Structure model' database_2                    
4 4 'Structure model' diffrn_source                 
5 4 'Structure model' pdbx_initial_refinement_model 
6 4 'Structure model' struct_site                   
7 5 'Structure model' pdbx_entry_details            
8 5 'Structure model' pdbx_modification_feature     
# 
loop_
_pdbx_audit_revision_item.ordinal 
_pdbx_audit_revision_item.revision_ordinal 
_pdbx_audit_revision_item.data_content_type 
_pdbx_audit_revision_item.item 
1 4 'Structure model' '_database_2.pdbx_DOI'                 
2 4 'Structure model' '_database_2.pdbx_database_accession'  
3 4 'Structure model' '_diffrn_source.pdbx_synchrotron_site' 
4 4 'Structure model' '_struct_site.pdbx_auth_asym_id'       
5 4 'Structure model' '_struct_site.pdbx_auth_comp_id'       
6 4 'Structure model' '_struct_site.pdbx_auth_seq_id'        
# 
_pdbx_database_status.status_code                     REL 
_pdbx_database_status.entry_id                        1SXK 
_pdbx_database_status.recvd_initial_deposition_date   2004-03-31 
_pdbx_database_status.deposit_site                    RCSB 
_pdbx_database_status.process_site                    RCSB 
_pdbx_database_status.SG_entry                        . 
_pdbx_database_status.pdb_format_compatible           Y 
_pdbx_database_status.status_code_mr                  ? 
_pdbx_database_status.status_code_sf                  ? 
_pdbx_database_status.status_code_cs                  ? 
_pdbx_database_status.status_code_nmr_data            ? 
_pdbx_database_status.methods_development_category    ? 
# 
loop_
_audit_author.name 
_audit_author.pdbx_ordinal 
'Singh, N.'    1 
'Bilgrami, S.' 2 
'Kaur, P.'     3 
'Sharma, S.'   4 
'Singh, T.P.'  5 
# 
_citation.id                        primary 
_citation.title                     
;Crystal Structure of a complex formed between phospholipase A2 and a non-specific anti-inflammatory amino salicylic acid at 1.2 A resolution
;
_citation.journal_abbrev            'To be Published' 
_citation.journal_volume            ? 
_citation.page_first                ? 
_citation.page_last                 ? 
_citation.year                      ? 
_citation.journal_id_ASTM           ? 
_citation.country                   ? 
_citation.journal_id_ISSN           ? 
_citation.journal_id_CSD            0353 
_citation.book_publisher            ? 
_citation.pdbx_database_id_PubMed   ? 
_citation.pdbx_database_id_DOI      ? 
# 
loop_
_citation_author.citation_id 
_citation_author.name 
_citation_author.ordinal 
_citation_author.identifier_ORCID 
primary 'Singh, N.'    1 ? 
primary 'Bilgrami, S.' 2 ? 
primary 'Kaur, P.'     3 ? 
primary 'Sharma, S.'   4 ? 
primary 'Singh, T.P.'  5 ? 
# 
loop_
_entity.id 
_entity.type 
_entity.src_method 
_entity.pdbx_description 
_entity.formula_weight 
_entity.pdbx_number_of_molecules 
_entity.pdbx_ec 
_entity.pdbx_mutation 
_entity.pdbx_fragment 
_entity.details 
1 polymer     nat 'Phospholipase A2 VRV-PL-VIIIa' 13629.767 1   3.1.1.4 ? ? ? 
2 non-polymer syn 'SULFATE ION'                   96.063    4   ?       ? ? ? 
3 non-polymer syn '2-HYDROXY-4-AMINOBENZOIC ACID' 153.135   1   ?       ? ? ? 
4 water       nat water                           18.015    222 ?       ? ? ? 
# 
_entity_name_com.entity_id   1 
_entity_name_com.name        'Phosphatidylcholine 2- acylhydrolase' 
# 
_entity_poly.entity_id                      1 
_entity_poly.type                           'polypeptide(L)' 
_entity_poly.nstd_linkage                   no 
_entity_poly.nstd_monomer                   no 
_entity_poly.pdbx_seq_one_letter_code       
;SLLEFGKMILEETGKLAIPSYSSYGCYCGWGGKGTPKDATDRCCFVHDCCYGNLPDCNPKSDRYKYKRVNGAIVCEKGTS
CENRICECDKAAAICFRQNLNTYSKKYMLYPDFLCKGELKC
;
_entity_poly.pdbx_seq_one_letter_code_can   
;SLLEFGKMILEETGKLAIPSYSSYGCYCGWGGKGTPKDATDRCCFVHDCCYGNLPDCNPKSDRYKYKRVNGAIVCEKGTS
CENRICECDKAAAICFRQNLNTYSKKYMLYPDFLCKGELKC
;
_entity_poly.pdbx_strand_id                 A 
_entity_poly.pdbx_target_identifier         ? 
# 
loop_
_pdbx_entity_nonpoly.entity_id 
_pdbx_entity_nonpoly.name 
_pdbx_entity_nonpoly.comp_id 
2 'SULFATE ION'                   SO4 
3 '2-HYDROXY-4-AMINOBENZOIC ACID' BHA 
4 water                           HOH 
# 
loop_
_entity_poly_seq.entity_id 
_entity_poly_seq.num 
_entity_poly_seq.mon_id 
_entity_poly_seq.hetero 
1 1   SER n 
1 2   LEU n 
1 3   LEU n 
1 4   GLU n 
1 5   PHE n 
1 6   GLY n 
1 7   LYS n 
1 8   MET n 
1 9   ILE n 
1 10  LEU n 
1 11  GLU n 
1 12  GLU n 
1 13  THR n 
1 14  GLY n 
1 15  LYS n 
1 16  LEU n 
1 17  ALA n 
1 18  ILE n 
1 19  PRO n 
1 20  SER n 
1 21  TYR n 
1 22  SER n 
1 23  SER n 
1 24  TYR n 
1 25  GLY n 
1 26  CYS n 
1 27  TYR n 
1 28  CYS n 
1 29  GLY n 
1 30  TRP n 
1 31  GLY n 
1 32  GLY n 
1 33  LYS n 
1 34  GLY n 
1 35  THR n 
1 36  PRO n 
1 37  LYS n 
1 38  ASP n 
1 39  ALA n 
1 40  THR n 
1 41  ASP n 
1 42  ARG n 
1 43  CYS n 
1 44  CYS n 
1 45  PHE n 
1 46  VAL n 
1 47  HIS n 
1 48  ASP n 
1 49  CYS n 
1 50  CYS n 
1 51  TYR n 
1 52  GLY n 
1 53  ASN n 
1 54  LEU n 
1 55  PRO n 
1 56  ASP n 
1 57  CYS n 
1 58  ASN n 
1 59  PRO n 
1 60  LYS n 
1 61  SER n 
1 62  ASP n 
1 63  ARG n 
1 64  TYR n 
1 65  LYS n 
1 66  TYR n 
1 67  LYS n 
1 68  ARG n 
1 69  VAL n 
1 70  ASN n 
1 71  GLY n 
1 72  ALA n 
1 73  ILE n 
1 74  VAL n 
1 75  CYS n 
1 76  GLU n 
1 77  LYS n 
1 78  GLY n 
1 79  THR n 
1 80  SER n 
1 81  CYS n 
1 82  GLU n 
1 83  ASN n 
1 84  ARG n 
1 85  ILE n 
1 86  CYS n 
1 87  GLU n 
1 88  CYS n 
1 89  ASP n 
1 90  LYS n 
1 91  ALA n 
1 92  ALA n 
1 93  ALA n 
1 94  ILE n 
1 95  CYS n 
1 96  PHE n 
1 97  ARG n 
1 98  GLN n 
1 99  ASN n 
1 100 LEU n 
1 101 ASN n 
1 102 THR n 
1 103 TYR n 
1 104 SER n 
1 105 LYS n 
1 106 LYS n 
1 107 TYR n 
1 108 MET n 
1 109 LEU n 
1 110 TYR n 
1 111 PRO n 
1 112 ASP n 
1 113 PHE n 
1 114 LEU n 
1 115 CYS n 
1 116 LYS n 
1 117 GLY n 
1 118 GLU n 
1 119 LEU n 
1 120 LYS n 
1 121 CYS n 
# 
_entity_src_nat.entity_id                  1 
_entity_src_nat.pdbx_src_id                1 
_entity_src_nat.pdbx_alt_source_flag       sample 
_entity_src_nat.pdbx_beg_seq_num           ? 
_entity_src_nat.pdbx_end_seq_num           ? 
_entity_src_nat.common_name                ? 
_entity_src_nat.pdbx_organism_scientific   'Daboia russellii russellii' 
_entity_src_nat.pdbx_ncbi_taxonomy_id      31159 
_entity_src_nat.genus                      Daboia 
_entity_src_nat.species                    'Daboia russellii' 
_entity_src_nat.strain                     russellii 
_entity_src_nat.tissue                     ? 
_entity_src_nat.tissue_fraction            ? 
_entity_src_nat.pdbx_secretion             venom 
_entity_src_nat.pdbx_fragment              ? 
_entity_src_nat.pdbx_variant               ? 
_entity_src_nat.pdbx_cell_line             ? 
_entity_src_nat.pdbx_atcc                  ? 
_entity_src_nat.pdbx_cellular_location     ? 
_entity_src_nat.pdbx_organ                 ? 
_entity_src_nat.pdbx_organelle             ? 
_entity_src_nat.pdbx_cell                  ? 
_entity_src_nat.pdbx_plasmid_name          ? 
_entity_src_nat.pdbx_plasmid_details       ? 
_entity_src_nat.details                    ? 
# 
loop_
_chem_comp.id 
_chem_comp.type 
_chem_comp.mon_nstd_flag 
_chem_comp.name 
_chem_comp.pdbx_synonyms 
_chem_comp.formula 
_chem_comp.formula_weight 
ALA 'L-peptide linking' y ALANINE                         ? 'C3 H7 N O2'     89.093  
ARG 'L-peptide linking' y ARGININE                        ? 'C6 H15 N4 O2 1' 175.209 
ASN 'L-peptide linking' y ASPARAGINE                      ? 'C4 H8 N2 O3'    132.118 
ASP 'L-peptide linking' y 'ASPARTIC ACID'                 ? 'C4 H7 N O4'     133.103 
BHA non-polymer         . '2-HYDROXY-4-AMINOBENZOIC ACID' ? 'C7 H7 N O3'     153.135 
CYS 'L-peptide linking' y CYSTEINE                        ? 'C3 H7 N O2 S'   121.158 
GLN 'L-peptide linking' y GLUTAMINE                       ? 'C5 H10 N2 O3'   146.144 
GLU 'L-peptide linking' y 'GLUTAMIC ACID'                 ? 'C5 H9 N O4'     147.129 
GLY 'peptide linking'   y GLYCINE                         ? 'C2 H5 N O2'     75.067  
HIS 'L-peptide linking' y HISTIDINE                       ? 'C6 H10 N3 O2 1' 156.162 
HOH non-polymer         . WATER                           ? 'H2 O'           18.015  
ILE 'L-peptide linking' y ISOLEUCINE                      ? 'C6 H13 N O2'    131.173 
LEU 'L-peptide linking' y LEUCINE                         ? 'C6 H13 N O2'    131.173 
LYS 'L-peptide linking' y LYSINE                          ? 'C6 H15 N2 O2 1' 147.195 
MET 'L-peptide linking' y METHIONINE                      ? 'C5 H11 N O2 S'  149.211 
PHE 'L-peptide linking' y PHENYLALANINE                   ? 'C9 H11 N O2'    165.189 
PRO 'L-peptide linking' y PROLINE                         ? 'C5 H9 N O2'     115.130 
SER 'L-peptide linking' y SERINE                          ? 'C3 H7 N O3'     105.093 
SO4 non-polymer         . 'SULFATE ION'                   ? 'O4 S -2'        96.063  
THR 'L-peptide linking' y THREONINE                       ? 'C4 H9 N O3'     119.119 
TRP 'L-peptide linking' y TRYPTOPHAN                      ? 'C11 H12 N2 O2'  204.225 
TYR 'L-peptide linking' y TYROSINE                        ? 'C9 H11 N O3'    181.189 
VAL 'L-peptide linking' y VALINE                          ? 'C5 H11 N O2'    117.146 
# 
loop_
_pdbx_poly_seq_scheme.asym_id 
_pdbx_poly_seq_scheme.entity_id 
_pdbx_poly_seq_scheme.seq_id 
_pdbx_poly_seq_scheme.mon_id 
_pdbx_poly_seq_scheme.ndb_seq_num 
_pdbx_poly_seq_scheme.pdb_seq_num 
_pdbx_poly_seq_scheme.auth_seq_num 
_pdbx_poly_seq_scheme.pdb_mon_id 
_pdbx_poly_seq_scheme.auth_mon_id 
_pdbx_poly_seq_scheme.pdb_strand_id 
_pdbx_poly_seq_scheme.pdb_ins_code 
_pdbx_poly_seq_scheme.hetero 
A 1 1   SER 1   1   1   SER SER A . n 
A 1 2   LEU 2   2   2   LEU LEU A . n 
A 1 3   LEU 3   3   3   LEU LEU A . n 
A 1 4   GLU 4   4   4   GLU GLU A . n 
A 1 5   PHE 5   5   5   PHE PHE A . n 
A 1 6   GLY 6   6   6   GLY GLY A . n 
A 1 7   LYS 7   7   7   LYS LYS A . n 
A 1 8   MET 8   8   8   MET MET A . n 
A 1 9   ILE 9   9   9   ILE ILE A . n 
A 1 10  LEU 10  10  10  LEU LEU A . n 
A 1 11  GLU 11  11  11  GLU GLU A . n 
A 1 12  GLU 12  12  12  GLU GLU A . n 
A 1 13  THR 13  13  13  THR THR A . n 
A 1 14  GLY 14  14  14  GLY GLY A . n 
A 1 15  LYS 15  16  16  LYS LYS A . n 
A 1 16  LEU 16  17  17  LEU LEU A . n 
A 1 17  ALA 17  18  18  ALA ALA A . n 
A 1 18  ILE 18  19  19  ILE ILE A . n 
A 1 19  PRO 19  20  20  PRO PRO A . n 
A 1 20  SER 20  21  21  SER SER A . n 
A 1 21  TYR 21  22  22  TYR TYR A . n 
A 1 22  SER 22  23  23  SER SER A . n 
A 1 23  SER 23  24  24  SER SER A . n 
A 1 24  TYR 24  25  25  TYR TYR A . n 
A 1 25  GLY 25  26  26  GLY GLY A . n 
A 1 26  CYS 26  27  27  CYS CYS A . n 
A 1 27  TYR 27  28  28  TYR TYR A . n 
A 1 28  CYS 28  29  29  CYS CYS A . n 
A 1 29  GLY 29  30  30  GLY GLY A . n 
A 1 30  TRP 30  31  31  TRP TRP A . n 
A 1 31  GLY 31  32  32  GLY GLY A . n 
A 1 32  GLY 32  33  33  GLY GLY A . n 
A 1 33  LYS 33  34  34  LYS LYS A . n 
A 1 34  GLY 34  35  35  GLY GLY A . n 
A 1 35  THR 35  36  36  THR THR A . n 
A 1 36  PRO 36  37  37  PRO PRO A . n 
A 1 37  LYS 37  38  38  LYS LYS A . n 
A 1 38  ASP 38  39  39  ASP ASP A . n 
A 1 39  ALA 39  40  40  ALA ALA A . n 
A 1 40  THR 40  41  41  THR THR A . n 
A 1 41  ASP 41  42  42  ASP ASP A . n 
A 1 42  ARG 42  43  43  ARG ARG A . n 
A 1 43  CYS 43  44  44  CYS CYS A . n 
A 1 44  CYS 44  45  45  CYS CYS A . n 
A 1 45  PHE 45  46  46  PHE PHE A . n 
A 1 46  VAL 46  47  47  VAL VAL A . n 
A 1 47  HIS 47  48  48  HIS HIS A . n 
A 1 48  ASP 48  49  49  ASP ASP A . n 
A 1 49  CYS 49  50  50  CYS CYS A . n 
A 1 50  CYS 50  51  51  CYS CYS A . n 
A 1 51  TYR 51  52  52  TYR TYR A . n 
A 1 52  GLY 52  53  53  GLY GLY A . n 
A 1 53  ASN 53  54  54  ASN ASN A . n 
A 1 54  LEU 54  55  55  LEU LEU A . n 
A 1 55  PRO 55  56  56  PRO PRO A . n 
A 1 56  ASP 56  59  59  ASP ASP A . n 
A 1 57  CYS 57  61  61  CYS CYS A . n 
A 1 58  ASN 58  67  67  ASN ASN A . n 
A 1 59  PRO 59  68  68  PRO PRO A . n 
A 1 60  LYS 60  69  69  LYS LYS A . n 
A 1 61  SER 61  70  70  SER SER A . n 
A 1 62  ASP 62  71  71  ASP ASP A . n 
A 1 63  ARG 63  72  72  ARG ARG A . n 
A 1 64  TYR 64  73  73  TYR TYR A . n 
A 1 65  LYS 65  74  74  LYS LYS A . n 
A 1 66  TYR 66  75  75  TYR TYR A . n 
A 1 67  LYS 67  76  76  LYS LYS A . n 
A 1 68  ARG 68  77  77  ARG ARG A . n 
A 1 69  VAL 69  78  78  VAL VAL A . n 
A 1 70  ASN 70  79  79  ASN ASN A . n 
A 1 71  GLY 71  80  80  GLY GLY A . n 
A 1 72  ALA 72  81  81  ALA ALA A . n 
A 1 73  ILE 73  82  82  ILE ILE A . n 
A 1 74  VAL 74  83  83  VAL VAL A . n 
A 1 75  CYS 75  84  84  CYS CYS A . n 
A 1 76  GLU 76  85  85  GLU GLU A . n 
A 1 77  LYS 77  86  86  LYS LYS A . n 
A 1 78  GLY 78  88  88  GLY GLY A . n 
A 1 79  THR 79  89  89  THR THR A . n 
A 1 80  SER 80  90  90  SER SER A . n 
A 1 81  CYS 81  91  91  CYS CYS A . n 
A 1 82  GLU 82  92  92  GLU GLU A . n 
A 1 83  ASN 83  93  93  ASN ASN A . n 
A 1 84  ARG 84  94  94  ARG ARG A . n 
A 1 85  ILE 85  95  95  ILE ILE A . n 
A 1 86  CYS 86  96  96  CYS CYS A . n 
A 1 87  GLU 87  97  97  GLU GLU A . n 
A 1 88  CYS 88  98  98  CYS CYS A . n 
A 1 89  ASP 89  99  99  ASP ASP A . n 
A 1 90  LYS 90  100 100 LYS LYS A . n 
A 1 91  ALA 91  101 101 ALA ALA A . n 
A 1 92  ALA 92  102 102 ALA ALA A . n 
A 1 93  ALA 93  103 103 ALA ALA A . n 
A 1 94  ILE 94  104 104 ILE ILE A . n 
A 1 95  CYS 95  105 105 CYS CYS A . n 
A 1 96  PHE 96  106 106 PHE PHE A . n 
A 1 97  ARG 97  107 107 ARG ARG A . n 
A 1 98  GLN 98  108 108 GLN GLN A . n 
A 1 99  ASN 99  109 109 ASN ASN A . n 
A 1 100 LEU 100 110 110 LEU LEU A . n 
A 1 101 ASN 101 111 111 ASN ASN A . n 
A 1 102 THR 102 112 112 THR THR A . n 
A 1 103 TYR 103 113 113 TYR TYR A . n 
A 1 104 SER 104 114 114 SER SER A . n 
A 1 105 LYS 105 115 115 LYS LYS A . n 
A 1 106 LYS 106 116 116 LYS LYS A . n 
A 1 107 TYR 107 117 117 TYR TYR A . n 
A 1 108 MET 108 118 118 MET MET A . n 
A 1 109 LEU 109 119 119 LEU LEU A . n 
A 1 110 TYR 110 120 120 TYR TYR A . n 
A 1 111 PRO 111 121 121 PRO PRO A . n 
A 1 112 ASP 112 122 122 ASP ASP A . n 
A 1 113 PHE 113 124 124 PHE PHE A . n 
A 1 114 LEU 114 125 125 LEU LEU A . n 
A 1 115 CYS 115 126 126 CYS CYS A . n 
A 1 116 LYS 116 127 127 LYS LYS A . n 
A 1 117 GLY 117 128 128 GLY GLY A . n 
A 1 118 GLU 118 129 129 GLU GLU A . n 
A 1 119 LEU 119 130 130 LEU LEU A . n 
A 1 120 LYS 120 131 131 LYS LYS A . n 
A 1 121 CYS 121 133 133 CYS CYS A . n 
# 
loop_
_pdbx_nonpoly_scheme.asym_id 
_pdbx_nonpoly_scheme.entity_id 
_pdbx_nonpoly_scheme.mon_id 
_pdbx_nonpoly_scheme.ndb_seq_num 
_pdbx_nonpoly_scheme.pdb_seq_num 
_pdbx_nonpoly_scheme.auth_seq_num 
_pdbx_nonpoly_scheme.pdb_mon_id 
_pdbx_nonpoly_scheme.auth_mon_id 
_pdbx_nonpoly_scheme.pdb_strand_id 
_pdbx_nonpoly_scheme.pdb_ins_code 
B 2 SO4 1   301 1   SO4 SO4 A . 
C 2 SO4 1   302 2   SO4 SO4 A . 
D 2 SO4 1   303 3   SO4 SO4 A . 
E 2 SO4 1   304 4   SO4 SO4 A . 
F 3 BHA 1   251 1   BHA AMN A . 
G 4 HOH 1   305 1   HOH HOH A . 
G 4 HOH 2   306 2   HOH HOH A . 
G 4 HOH 3   307 3   HOH HOH A . 
G 4 HOH 4   308 4   HOH HOH A . 
G 4 HOH 5   309 5   HOH HOH A . 
G 4 HOH 6   310 6   HOH HOH A . 
G 4 HOH 7   311 7   HOH HOH A . 
G 4 HOH 8   312 8   HOH HOH A . 
G 4 HOH 9   313 9   HOH HOH A . 
G 4 HOH 10  314 10  HOH HOH A . 
G 4 HOH 11  315 11  HOH HOH A . 
G 4 HOH 12  316 12  HOH HOH A . 
G 4 HOH 13  317 13  HOH HOH A . 
G 4 HOH 14  318 14  HOH HOH A . 
G 4 HOH 15  319 15  HOH HOH A . 
G 4 HOH 16  320 16  HOH HOH A . 
G 4 HOH 17  321 17  HOH HOH A . 
G 4 HOH 18  322 18  HOH HOH A . 
G 4 HOH 19  323 19  HOH HOH A . 
G 4 HOH 20  324 20  HOH HOH A . 
G 4 HOH 21  325 21  HOH HOH A . 
G 4 HOH 22  326 22  HOH HOH A . 
G 4 HOH 23  327 23  HOH HOH A . 
G 4 HOH 24  328 24  HOH HOH A . 
G 4 HOH 25  329 25  HOH HOH A . 
G 4 HOH 26  330 26  HOH HOH A . 
G 4 HOH 27  331 27  HOH HOH A . 
G 4 HOH 28  332 28  HOH HOH A . 
G 4 HOH 29  333 29  HOH HOH A . 
G 4 HOH 30  334 30  HOH HOH A . 
G 4 HOH 31  335 31  HOH HOH A . 
G 4 HOH 32  336 32  HOH HOH A . 
G 4 HOH 33  337 33  HOH HOH A . 
G 4 HOH 34  338 34  HOH HOH A . 
G 4 HOH 35  339 35  HOH HOH A . 
G 4 HOH 36  340 36  HOH HOH A . 
G 4 HOH 37  341 37  HOH HOH A . 
G 4 HOH 38  342 38  HOH HOH A . 
G 4 HOH 39  343 39  HOH HOH A . 
G 4 HOH 40  344 40  HOH HOH A . 
G 4 HOH 41  345 41  HOH HOH A . 
G 4 HOH 42  346 42  HOH HOH A . 
G 4 HOH 43  347 43  HOH HOH A . 
G 4 HOH 44  348 44  HOH HOH A . 
G 4 HOH 45  349 45  HOH HOH A . 
G 4 HOH 46  350 46  HOH HOH A . 
G 4 HOH 47  351 47  HOH HOH A . 
G 4 HOH 48  352 48  HOH HOH A . 
G 4 HOH 49  353 49  HOH HOH A . 
G 4 HOH 50  354 50  HOH HOH A . 
G 4 HOH 51  355 51  HOH HOH A . 
G 4 HOH 52  356 52  HOH HOH A . 
G 4 HOH 53  357 53  HOH HOH A . 
G 4 HOH 54  358 54  HOH HOH A . 
G 4 HOH 55  359 55  HOH HOH A . 
G 4 HOH 56  360 56  HOH HOH A . 
G 4 HOH 57  361 57  HOH HOH A . 
G 4 HOH 58  362 58  HOH HOH A . 
G 4 HOH 59  363 59  HOH HOH A . 
G 4 HOH 60  364 60  HOH HOH A . 
G 4 HOH 61  365 61  HOH HOH A . 
G 4 HOH 62  366 62  HOH HOH A . 
G 4 HOH 63  367 63  HOH HOH A . 
G 4 HOH 64  368 64  HOH HOH A . 
G 4 HOH 65  369 65  HOH HOH A . 
G 4 HOH 66  370 66  HOH HOH A . 
G 4 HOH 67  371 67  HOH HOH A . 
G 4 HOH 68  372 68  HOH HOH A . 
G 4 HOH 69  373 69  HOH HOH A . 
G 4 HOH 70  374 70  HOH HOH A . 
G 4 HOH 71  375 71  HOH HOH A . 
G 4 HOH 72  376 72  HOH HOH A . 
G 4 HOH 73  377 73  HOH HOH A . 
G 4 HOH 74  378 74  HOH HOH A . 
G 4 HOH 75  379 75  HOH HOH A . 
G 4 HOH 76  380 76  HOH HOH A . 
G 4 HOH 77  381 77  HOH HOH A . 
G 4 HOH 78  382 78  HOH HOH A . 
G 4 HOH 79  383 79  HOH HOH A . 
G 4 HOH 80  384 80  HOH HOH A . 
G 4 HOH 81  385 81  HOH HOH A . 
G 4 HOH 82  386 82  HOH HOH A . 
G 4 HOH 83  387 83  HOH HOH A . 
G 4 HOH 84  388 84  HOH HOH A . 
G 4 HOH 85  389 85  HOH HOH A . 
G 4 HOH 86  390 86  HOH HOH A . 
G 4 HOH 87  391 87  HOH HOH A . 
G 4 HOH 88  392 88  HOH HOH A . 
G 4 HOH 89  393 89  HOH HOH A . 
G 4 HOH 90  394 90  HOH HOH A . 
G 4 HOH 91  395 91  HOH HOH A . 
G 4 HOH 92  396 92  HOH HOH A . 
G 4 HOH 93  397 93  HOH HOH A . 
G 4 HOH 94  398 94  HOH HOH A . 
G 4 HOH 95  399 95  HOH HOH A . 
G 4 HOH 96  400 96  HOH HOH A . 
G 4 HOH 97  401 97  HOH HOH A . 
G 4 HOH 98  402 98  HOH HOH A . 
G 4 HOH 99  403 99  HOH HOH A . 
G 4 HOH 100 404 100 HOH HOH A . 
G 4 HOH 101 405 101 HOH HOH A . 
G 4 HOH 102 406 102 HOH HOH A . 
G 4 HOH 103 407 103 HOH HOH A . 
G 4 HOH 104 408 104 HOH HOH A . 
G 4 HOH 105 409 105 HOH HOH A . 
G 4 HOH 106 410 106 HOH HOH A . 
G 4 HOH 107 411 107 HOH HOH A . 
G 4 HOH 108 412 108 HOH HOH A . 
G 4 HOH 109 413 109 HOH HOH A . 
G 4 HOH 110 414 110 HOH HOH A . 
G 4 HOH 111 415 111 HOH HOH A . 
G 4 HOH 112 416 112 HOH HOH A . 
G 4 HOH 113 417 113 HOH HOH A . 
G 4 HOH 114 418 114 HOH HOH A . 
G 4 HOH 115 419 115 HOH HOH A . 
G 4 HOH 116 420 116 HOH HOH A . 
G 4 HOH 117 421 117 HOH HOH A . 
G 4 HOH 118 422 118 HOH HOH A . 
G 4 HOH 119 423 119 HOH HOH A . 
G 4 HOH 120 424 120 HOH HOH A . 
G 4 HOH 121 425 121 HOH HOH A . 
G 4 HOH 122 426 122 HOH HOH A . 
G 4 HOH 123 427 123 HOH HOH A . 
G 4 HOH 124 428 124 HOH HOH A . 
G 4 HOH 125 429 125 HOH HOH A . 
G 4 HOH 126 430 126 HOH HOH A . 
G 4 HOH 127 431 127 HOH HOH A . 
G 4 HOH 128 432 128 HOH HOH A . 
G 4 HOH 129 433 129 HOH HOH A . 
G 4 HOH 130 434 130 HOH HOH A . 
G 4 HOH 131 435 131 HOH HOH A . 
G 4 HOH 132 436 132 HOH HOH A . 
G 4 HOH 133 437 133 HOH HOH A . 
G 4 HOH 134 438 134 HOH HOH A . 
G 4 HOH 135 439 135 HOH HOH A . 
G 4 HOH 136 440 136 HOH HOH A . 
G 4 HOH 137 441 137 HOH HOH A . 
G 4 HOH 138 442 138 HOH HOH A . 
G 4 HOH 139 443 139 HOH HOH A . 
G 4 HOH 140 444 140 HOH HOH A . 
G 4 HOH 141 445 141 HOH HOH A . 
G 4 HOH 142 446 142 HOH HOH A . 
G 4 HOH 143 447 143 HOH HOH A . 
G 4 HOH 144 448 144 HOH HOH A . 
G 4 HOH 145 449 145 HOH HOH A . 
G 4 HOH 146 450 146 HOH HOH A . 
G 4 HOH 147 451 147 HOH HOH A . 
G 4 HOH 148 452 148 HOH HOH A . 
G 4 HOH 149 453 149 HOH HOH A . 
G 4 HOH 150 454 150 HOH HOH A . 
G 4 HOH 151 455 151 HOH HOH A . 
G 4 HOH 152 456 152 HOH HOH A . 
G 4 HOH 153 457 153 HOH HOH A . 
G 4 HOH 154 458 154 HOH HOH A . 
G 4 HOH 155 459 155 HOH HOH A . 
G 4 HOH 156 460 156 HOH HOH A . 
G 4 HOH 157 461 157 HOH HOH A . 
G 4 HOH 158 462 158 HOH HOH A . 
G 4 HOH 159 463 159 HOH HOH A . 
G 4 HOH 160 464 160 HOH HOH A . 
G 4 HOH 161 465 161 HOH HOH A . 
G 4 HOH 162 466 162 HOH HOH A . 
G 4 HOH 163 467 163 HOH HOH A . 
G 4 HOH 164 468 164 HOH HOH A . 
G 4 HOH 165 469 165 HOH HOH A . 
G 4 HOH 166 470 166 HOH HOH A . 
G 4 HOH 167 471 167 HOH HOH A . 
G 4 HOH 168 472 168 HOH HOH A . 
G 4 HOH 169 473 169 HOH HOH A . 
G 4 HOH 170 474 170 HOH HOH A . 
G 4 HOH 171 475 171 HOH HOH A . 
G 4 HOH 172 476 172 HOH HOH A . 
G 4 HOH 173 477 173 HOH HOH A . 
G 4 HOH 174 478 174 HOH HOH A . 
G 4 HOH 175 479 175 HOH HOH A . 
G 4 HOH 176 480 176 HOH HOH A . 
G 4 HOH 177 481 177 HOH HOH A . 
G 4 HOH 178 482 178 HOH HOH A . 
G 4 HOH 179 483 179 HOH HOH A . 
G 4 HOH 180 484 180 HOH HOH A . 
G 4 HOH 181 485 181 HOH HOH A . 
G 4 HOH 182 486 182 HOH HOH A . 
G 4 HOH 183 487 183 HOH HOH A . 
G 4 HOH 184 488 184 HOH HOH A . 
G 4 HOH 185 489 185 HOH HOH A . 
G 4 HOH 186 490 186 HOH HOH A . 
G 4 HOH 187 491 187 HOH HOH A . 
G 4 HOH 188 492 188 HOH HOH A . 
G 4 HOH 189 493 189 HOH HOH A . 
G 4 HOH 190 494 190 HOH HOH A . 
G 4 HOH 191 495 191 HOH HOH A . 
G 4 HOH 192 496 192 HOH HOH A . 
G 4 HOH 193 497 193 HOH HOH A . 
G 4 HOH 194 498 194 HOH HOH A . 
G 4 HOH 195 499 195 HOH HOH A . 
G 4 HOH 196 500 196 HOH HOH A . 
G 4 HOH 197 501 197 HOH HOH A . 
G 4 HOH 198 502 198 HOH HOH A . 
G 4 HOH 199 503 199 HOH HOH A . 
G 4 HOH 200 504 200 HOH HOH A . 
G 4 HOH 201 505 201 HOH HOH A . 
G 4 HOH 202 506 202 HOH HOH A . 
G 4 HOH 203 507 203 HOH HOH A . 
G 4 HOH 204 508 204 HOH HOH A . 
G 4 HOH 205 509 205 HOH HOH A . 
G 4 HOH 206 510 206 HOH HOH A . 
G 4 HOH 207 511 207 HOH HOH A . 
G 4 HOH 208 512 208 HOH HOH A . 
G 4 HOH 209 513 209 HOH HOH A . 
G 4 HOH 210 514 210 HOH HOH A . 
G 4 HOH 211 515 211 HOH HOH A . 
G 4 HOH 212 516 212 HOH HOH A . 
G 4 HOH 213 517 213 HOH HOH A . 
G 4 HOH 214 518 214 HOH HOH A . 
G 4 HOH 215 519 215 HOH HOH A . 
G 4 HOH 216 520 216 HOH HOH A . 
G 4 HOH 217 521 217 HOH HOH A . 
G 4 HOH 218 522 218 HOH HOH A . 
G 4 HOH 219 523 219 HOH HOH A . 
G 4 HOH 220 524 220 HOH HOH A . 
G 4 HOH 221 525 221 HOH HOH A . 
G 4 HOH 222 526 222 HOH HOH A . 
# 
loop_
_software.name 
_software.classification 
_software.version 
_software.citation_id 
_software.pdbx_ordinal 
REFMAC    refinement       5.0 ? 1 
DENZO     'data reduction' .   ? 2 
SCALEPACK 'data scaling'   .   ? 3 
AMoRE     phasing          .   ? 4 
# 
_cell.entry_id           1SXK 
_cell.length_a           52.255 
_cell.length_b           52.255 
_cell.length_c           47.743 
_cell.angle_alpha        90.00 
_cell.angle_beta         90.00 
_cell.angle_gamma        90.00 
_cell.Z_PDB              4 
_cell.pdbx_unique_axis   ? 
# 
_symmetry.entry_id                         1SXK 
_symmetry.space_group_name_H-M             'P 43' 
_symmetry.pdbx_full_space_group_name_H-M   ? 
_symmetry.cell_setting                     ? 
_symmetry.Int_Tables_number                78 
# 
_exptl.entry_id          1SXK 
_exptl.method            'X-RAY DIFFRACTION' 
_exptl.crystals_number   1 
# 
_exptl_crystal.id                    1 
_exptl_crystal.density_meas          ? 
_exptl_crystal.density_percent_sol   50 
_exptl_crystal.description           ? 
_exptl_crystal.density_Matthews      2.5 
# 
_exptl_crystal_grow.crystal_id      1 
_exptl_crystal_grow.method          'VAPOR DIFFUSION, HANGING DROP' 
_exptl_crystal_grow.temp            297 
_exptl_crystal_grow.temp_details    ? 
_exptl_crystal_grow.pH              7.8 
_exptl_crystal_grow.pdbx_details    '0.2M ammonium sulphate, 50% PEG, pH 7.8, VAPOR DIFFUSION, HANGING DROP, temperature 297K' 
_exptl_crystal_grow.pdbx_pH_range   . 
# 
_diffrn.id                     1 
_diffrn.ambient_temp           200 
_diffrn.ambient_temp_details   ? 
_diffrn.crystal_id             1 
# 
_diffrn_detector.diffrn_id              1 
_diffrn_detector.detector               CCD 
_diffrn_detector.type                   MARRESEARCH 
_diffrn_detector.pdbx_collection_date   2003-09-30 
_diffrn_detector.details                Mirrors 
# 
_diffrn_radiation.diffrn_id                        1 
_diffrn_radiation.wavelength_id                    1 
_diffrn_radiation.pdbx_monochromatic_or_laue_m_l   M 
_diffrn_radiation.monochromator                    graphite 
_diffrn_radiation.pdbx_diffrn_protocol             'SINGLE WAVELENGTH' 
_diffrn_radiation.pdbx_scattering_type             x-ray 
# 
_diffrn_radiation_wavelength.id           1 
_diffrn_radiation_wavelength.wavelength   0.8030 
_diffrn_radiation_wavelength.wt           1.0 
# 
_diffrn_source.diffrn_id                   1 
_diffrn_source.source                      SYNCHROTRON 
_diffrn_source.type                        'EMBL/DESY, HAMBURG BEAMLINE X11' 
_diffrn_source.pdbx_synchrotron_site       'EMBL/DESY, HAMBURG' 
_diffrn_source.pdbx_synchrotron_beamline   X11 
_diffrn_source.pdbx_wavelength             ? 
_diffrn_source.pdbx_wavelength_list        0.8030 
# 
_reflns.entry_id                     1SXK 
_reflns.observed_criterion_sigma_F   0.0 
_reflns.observed_criterion_sigma_I   0.0 
_reflns.d_resolution_high            1.20 
_reflns.d_resolution_low             20.0 
_reflns.number_all                   38466 
_reflns.number_obs                   38466 
_reflns.percent_possible_obs         100 
_reflns.pdbx_Rmerge_I_obs            ? 
_reflns.pdbx_Rsym_value              0.067 
_reflns.pdbx_netI_over_sigmaI        10.1 
_reflns.B_iso_Wilson_estimate        11.6 
_reflns.pdbx_redundancy              10.2 
_reflns.R_free_details               ? 
_reflns.limit_h_max                  ? 
_reflns.limit_h_min                  ? 
_reflns.limit_k_max                  ? 
_reflns.limit_k_min                  ? 
_reflns.limit_l_max                  ? 
_reflns.limit_l_min                  ? 
_reflns.observed_criterion_F_max     ? 
_reflns.observed_criterion_F_min     ? 
_reflns.pdbx_diffrn_id               1 
_reflns.pdbx_ordinal                 1 
# 
_reflns_shell.d_res_high             1.20 
_reflns_shell.d_res_low              1.23 
_reflns_shell.percent_possible_all   100 
_reflns_shell.Rmerge_I_obs           ? 
_reflns_shell.pdbx_Rsym_value        0.222 
_reflns_shell.meanI_over_sigI_obs    3.7 
_reflns_shell.pdbx_redundancy        ? 
_reflns_shell.percent_possible_obs   ? 
_reflns_shell.number_unique_all      ? 
_reflns_shell.pdbx_diffrn_id         ? 
_reflns_shell.pdbx_ordinal           1 
# 
_refine.entry_id                                 1SXK 
_refine.ls_number_reflns_obs                     38466 
_refine.ls_number_reflns_all                     38466 
_refine.pdbx_ls_sigma_I                          ? 
_refine.pdbx_ls_sigma_F                          0.0 
_refine.pdbx_data_cutoff_high_absF               ? 
_refine.pdbx_data_cutoff_low_absF                ? 
_refine.pdbx_data_cutoff_high_rms_absF           ? 
_refine.ls_d_res_low                             18.47 
_refine.ls_d_res_high                            1.21 
_refine.ls_percent_reflns_obs                    100.00 
_refine.ls_R_factor_obs                          0.17388 
_refine.ls_R_factor_all                          0.17388 
_refine.ls_R_factor_R_work                       0.17356 
_refine.ls_R_factor_R_free                       0.18845 
_refine.ls_R_factor_R_free_error                 ? 
_refine.ls_R_factor_R_free_error_details         ? 
_refine.ls_percent_reflns_R_free                 2.1 
_refine.ls_number_reflns_R_free                  808 
_refine.ls_number_parameters                     ? 
_refine.ls_number_restraints                     ? 
_refine.occupancy_min                            ? 
_refine.occupancy_max                            ? 
_refine.correlation_coeff_Fo_to_Fc               0.964 
_refine.correlation_coeff_Fo_to_Fc_free          0.957 
_refine.B_iso_mean                               12.873 
_refine.aniso_B[1][1]                            0.08 
_refine.aniso_B[2][2]                            0.08 
_refine.aniso_B[3][3]                            -0.16 
_refine.aniso_B[1][2]                            0.00 
_refine.aniso_B[1][3]                            0.00 
_refine.aniso_B[2][3]                            0.00 
_refine.solvent_model_details                    'BABINET MODEL WITH MASK' 
_refine.solvent_model_param_ksol                 ? 
_refine.solvent_model_param_bsol                 ? 
_refine.pdbx_solvent_vdw_probe_radii             1.40 
_refine.pdbx_solvent_ion_probe_radii             0.80 
_refine.pdbx_solvent_shrinkage_radii             0.80 
_refine.pdbx_ls_cross_valid_method               THROUGHOUT 
_refine.details                                  'HYDROGENS HAVE BEEN ADDED IN THE RIDING POSITIONS' 
_refine.pdbx_starting_model                      1FB2 
_refine.pdbx_method_to_determine_struct          'MOLECULAR REPLACEMENT' 
_refine.pdbx_isotropic_thermal_model             ? 
_refine.pdbx_stereochemistry_target_values       'MAXIMUM LIKELIHOOD' 
_refine.pdbx_stereochem_target_val_spec_case     ? 
_refine.pdbx_R_Free_selection_details            RANDOM 
_refine.pdbx_overall_ESU_R                       0.043 
_refine.pdbx_overall_ESU_R_Free                  0.044 
_refine.overall_SU_ML                            0.035 
_refine.overall_SU_B                             0.739 
_refine.ls_redundancy_reflns_obs                 ? 
_refine.B_iso_min                                ? 
_refine.B_iso_max                                ? 
_refine.overall_SU_R_Cruickshank_DPI             ? 
_refine.overall_SU_R_free                        ? 
_refine.pdbx_refine_id                           'X-RAY DIFFRACTION' 
_refine.pdbx_diffrn_id                           1 
_refine.pdbx_TLS_residual_ADP_flag               ? 
_refine.pdbx_overall_phase_error                 ? 
_refine.pdbx_overall_SU_R_free_Cruickshank_DPI   ? 
_refine.pdbx_overall_SU_R_Blow_DPI               ? 
_refine.pdbx_overall_SU_R_free_Blow_DPI          ? 
# 
_refine_analyze.entry_id                        1SXK 
_refine_analyze.Luzzati_coordinate_error_obs    0.14 
_refine_analyze.Luzzati_sigma_a_obs             0.08 
_refine_analyze.Luzzati_d_res_low_obs           5.0 
_refine_analyze.Luzzati_coordinate_error_free   ? 
_refine_analyze.Luzzati_sigma_a_free            ? 
_refine_analyze.Luzzati_d_res_low_free          ? 
_refine_analyze.number_disordered_residues      ? 
_refine_analyze.occupancy_sum_non_hydrogen      ? 
_refine_analyze.occupancy_sum_hydrogen          ? 
_refine_analyze.pdbx_Luzzati_d_res_high_obs     ? 
_refine_analyze.pdbx_refine_id                  'X-RAY DIFFRACTION' 
# 
_refine_hist.pdbx_refine_id                   'X-RAY DIFFRACTION' 
_refine_hist.cycle_id                         LAST 
_refine_hist.pdbx_number_atoms_protein        944 
_refine_hist.pdbx_number_atoms_nucleic_acid   0 
_refine_hist.pdbx_number_atoms_ligand         31 
_refine_hist.number_atoms_solvent             222 
_refine_hist.number_atoms_total               1197 
_refine_hist.d_res_high                       1.21 
_refine_hist.d_res_low                        18.47 
# 
loop_
_refine_ls_restr.type 
_refine_ls_restr.dev_ideal 
_refine_ls_restr.dev_ideal_target 
_refine_ls_restr.weight 
_refine_ls_restr.number 
_refine_ls_restr.pdbx_refine_id 
_refine_ls_restr.pdbx_restraint_function 
r_bond_refined_d         0.006  0.021  ? 991  'X-RAY DIFFRACTION' ? 
r_bond_other_d           0.001  0.020  ? 827  'X-RAY DIFFRACTION' ? 
r_angle_refined_deg      1.646  2.020  ? 1325 'X-RAY DIFFRACTION' ? 
r_angle_other_deg        0.846  3.000  ? 1951 'X-RAY DIFFRACTION' ? 
r_dihedral_angle_1_deg   4.904  3.000  ? 113  'X-RAY DIFFRACTION' ? 
r_dihedral_angle_2_deg   ?      ?      ? ?    'X-RAY DIFFRACTION' ? 
r_dihedral_angle_3_deg   19.321 15.000 ? 187  'X-RAY DIFFRACTION' ? 
r_dihedral_angle_4_deg   ?      ?      ? ?    'X-RAY DIFFRACTION' ? 
r_chiral_restr           0.080  0.200  ? 132  'X-RAY DIFFRACTION' ? 
r_gen_planes_refined     0.004  0.020  ? 1036 'X-RAY DIFFRACTION' ? 
r_gen_planes_other       0.002  0.020  ? 196  'X-RAY DIFFRACTION' ? 
r_nbd_refined            0.406  0.300  ? 305  'X-RAY DIFFRACTION' ? 
r_nbd_other              0.204  0.300  ? 816  'X-RAY DIFFRACTION' ? 
r_nbtor_refined          ?      ?      ? ?    'X-RAY DIFFRACTION' ? 
r_nbtor_other            ?      ?      ? ?    'X-RAY DIFFRACTION' ? 
r_xyhbond_nbd_refined    0.204  0.500  ? 172  'X-RAY DIFFRACTION' ? 
r_xyhbond_nbd_other      ?      ?      ? ?    'X-RAY DIFFRACTION' ? 
r_metal_ion_refined      ?      ?      ? ?    'X-RAY DIFFRACTION' ? 
r_metal_ion_other        ?      ?      ? ?    'X-RAY DIFFRACTION' ? 
r_symmetry_vdw_refined   0.298  0.300  ? 17   'X-RAY DIFFRACTION' ? 
r_symmetry_vdw_other     0.271  0.300  ? 53   'X-RAY DIFFRACTION' ? 
r_symmetry_hbond_refined 0.183  0.500  ? 33   'X-RAY DIFFRACTION' ? 
r_symmetry_hbond_other   ?      ?      ? ?    'X-RAY DIFFRACTION' ? 
r_mcbond_it              0.384  1.500  ? 592  'X-RAY DIFFRACTION' ? 
r_mcbond_other           ?      ?      ? ?    'X-RAY DIFFRACTION' ? 
r_mcangle_it             0.767  2.000  ? 934  'X-RAY DIFFRACTION' ? 
r_scbond_it              0.849  3.000  ? 399  'X-RAY DIFFRACTION' ? 
r_scangle_it             1.547  4.500  ? 391  'X-RAY DIFFRACTION' ? 
r_rigid_bond_restr       ?      ?      ? ?    'X-RAY DIFFRACTION' ? 
r_sphericity_free        ?      ?      ? ?    'X-RAY DIFFRACTION' ? 
r_sphericity_bonded      ?      ?      ? ?    'X-RAY DIFFRACTION' ? 
# 
_refine_ls_shell.pdbx_total_number_of_bins_used   20 
_refine_ls_shell.d_res_high                       1.210 
_refine_ls_shell.d_res_low                        1.241 
_refine_ls_shell.number_reflns_R_work             2833 
_refine_ls_shell.R_factor_R_work                  0.231 
_refine_ls_shell.percent_reflns_obs               ? 
_refine_ls_shell.R_factor_R_free                  0.216 
_refine_ls_shell.R_factor_R_free_error            ? 
_refine_ls_shell.percent_reflns_R_free            ? 
_refine_ls_shell.number_reflns_R_free             60 
_refine_ls_shell.number_reflns_obs                ? 
_refine_ls_shell.redundancy_reflns_obs            ? 
_refine_ls_shell.number_reflns_all                ? 
_refine_ls_shell.pdbx_refine_id                   'X-RAY DIFFRACTION' 
_refine_ls_shell.R_factor_all                     ? 
# 
_struct.entry_id                  1SXK 
_struct.title                     
;Crystal Structure of a complex formed between phospholipase A2 and a non-specific anti-inflammatory amino salicylic acid at 1.2 A resolution
;
_struct.pdbx_model_details        ? 
_struct.pdbx_CASP_flag            ? 
_struct.pdbx_model_type_details   ? 
# 
_struct_keywords.entry_id        1SXK 
_struct_keywords.pdbx_keywords   TOXIN 
_struct_keywords.text            'complex, phospholipase A2, amino salicylic acid, daboia russeli pulchella, TOXIN' 
# 
loop_
_struct_asym.id 
_struct_asym.pdbx_blank_PDB_chainid_flag 
_struct_asym.pdbx_modified 
_struct_asym.entity_id 
_struct_asym.details 
A N N 1 ? 
B N N 2 ? 
C N N 2 ? 
D N N 2 ? 
E N N 2 ? 
F N N 3 ? 
G N N 4 ? 
# 
_struct_ref.id                         1 
_struct_ref.db_name                    UNP 
_struct_ref.db_code                    PA28_DABRP 
_struct_ref.pdbx_db_accession          P59071 
_struct_ref.entity_id                  1 
_struct_ref.pdbx_seq_one_letter_code   
;SLLEFGKMILEETGKLAIPSYSSYGCYCGWGGKGTPKDATDRCCFVHDCCYGNLPDCNPKSDRYKYKRVNGAIVCEKGTS
CENRICECDKAAAICFRQNLNTYSKKYMLYPDFLCKGELKC
;
_struct_ref.pdbx_align_begin           1 
_struct_ref.pdbx_db_isoform            ? 
# 
_struct_ref_seq.align_id                      1 
_struct_ref_seq.ref_id                        1 
_struct_ref_seq.pdbx_PDB_id_code              1SXK 
_struct_ref_seq.pdbx_strand_id                A 
_struct_ref_seq.seq_align_beg                 1 
_struct_ref_seq.pdbx_seq_align_beg_ins_code   ? 
_struct_ref_seq.seq_align_end                 111 
_struct_ref_seq.pdbx_seq_align_end_ins_code   ? 
_struct_ref_seq.pdbx_db_accession             P59071 
_struct_ref_seq.db_align_beg                  1 
_struct_ref_seq.pdbx_db_align_beg_ins_code    ? 
_struct_ref_seq.db_align_end                  121 
_struct_ref_seq.pdbx_db_align_end_ins_code    ? 
_struct_ref_seq.pdbx_auth_seq_align_beg       1 
_struct_ref_seq.pdbx_auth_seq_align_end       121 
# 
_pdbx_struct_assembly.id                   1 
_pdbx_struct_assembly.details              author_defined_assembly 
_pdbx_struct_assembly.method_details       ? 
_pdbx_struct_assembly.oligomeric_details   monomeric 
_pdbx_struct_assembly.oligomeric_count     1 
# 
_pdbx_struct_assembly_gen.assembly_id       1 
_pdbx_struct_assembly_gen.oper_expression   1 
_pdbx_struct_assembly_gen.asym_id_list      A,B,C,D,E,F,G 
# 
_pdbx_struct_oper_list.id                   1 
_pdbx_struct_oper_list.type                 'identity operation' 
_pdbx_struct_oper_list.name                 1_555 
_pdbx_struct_oper_list.symmetry_operation   x,y,z 
_pdbx_struct_oper_list.matrix[1][1]         1.0000000000 
_pdbx_struct_oper_list.matrix[1][2]         0.0000000000 
_pdbx_struct_oper_list.matrix[1][3]         0.0000000000 
_pdbx_struct_oper_list.vector[1]            0.0000000000 
_pdbx_struct_oper_list.matrix[2][1]         0.0000000000 
_pdbx_struct_oper_list.matrix[2][2]         1.0000000000 
_pdbx_struct_oper_list.matrix[2][3]         0.0000000000 
_pdbx_struct_oper_list.vector[2]            0.0000000000 
_pdbx_struct_oper_list.matrix[3][1]         0.0000000000 
_pdbx_struct_oper_list.matrix[3][2]         0.0000000000 
_pdbx_struct_oper_list.matrix[3][3]         1.0000000000 
_pdbx_struct_oper_list.vector[3]            0.0000000000 
# 
loop_
_struct_conf.conf_type_id 
_struct_conf.id 
_struct_conf.pdbx_PDB_helix_id 
_struct_conf.beg_label_comp_id 
_struct_conf.beg_label_asym_id 
_struct_conf.beg_label_seq_id 
_struct_conf.pdbx_beg_PDB_ins_code 
_struct_conf.end_label_comp_id 
_struct_conf.end_label_asym_id 
_struct_conf.end_label_seq_id 
_struct_conf.pdbx_end_PDB_ins_code 
_struct_conf.beg_auth_comp_id 
_struct_conf.beg_auth_asym_id 
_struct_conf.beg_auth_seq_id 
_struct_conf.end_auth_comp_id 
_struct_conf.end_auth_asym_id 
_struct_conf.end_auth_seq_id 
_struct_conf.pdbx_PDB_helix_class 
_struct_conf.details 
_struct_conf.pdbx_PDB_helix_length 
HELX_P HELX_P1 1 SER A 1   ? GLY A 14  ? SER A 1   GLY A 14  1 ? 14 
HELX_P HELX_P2 2 LEU A 16  ? TYR A 21  ? LEU A 17  TYR A 22  1 ? 6  
HELX_P HELX_P3 3 ASP A 38  ? ASN A 53  ? ASP A 39  ASN A 54  1 ? 16 
HELX_P HELX_P4 4 THR A 79  ? ASN A 99  ? THR A 89  ASN A 109 1 ? 21 
HELX_P HELX_P5 5 LEU A 100 ? TYR A 103 ? LEU A 110 TYR A 113 5 ? 4  
HELX_P HELX_P6 6 SER A 104 ? MET A 108 ? SER A 114 MET A 118 5 ? 5  
HELX_P HELX_P7 7 PRO A 111 ? CYS A 115 ? PRO A 121 CYS A 126 5 ? 5  
# 
_struct_conf_type.id          HELX_P 
_struct_conf_type.criteria    ? 
_struct_conf_type.reference   ? 
# 
loop_
_struct_conn.id 
_struct_conn.conn_type_id 
_struct_conn.pdbx_leaving_atom_flag 
_struct_conn.pdbx_PDB_id 
_struct_conn.ptnr1_label_asym_id 
_struct_conn.ptnr1_label_comp_id 
_struct_conn.ptnr1_label_seq_id 
_struct_conn.ptnr1_label_atom_id 
_struct_conn.pdbx_ptnr1_label_alt_id 
_struct_conn.pdbx_ptnr1_PDB_ins_code 
_struct_conn.pdbx_ptnr1_standard_comp_id 
_struct_conn.ptnr1_symmetry 
_struct_conn.ptnr2_label_asym_id 
_struct_conn.ptnr2_label_comp_id 
_struct_conn.ptnr2_label_seq_id 
_struct_conn.ptnr2_label_atom_id 
_struct_conn.pdbx_ptnr2_label_alt_id 
_struct_conn.pdbx_ptnr2_PDB_ins_code 
_struct_conn.ptnr1_auth_asym_id 
_struct_conn.ptnr1_auth_comp_id 
_struct_conn.ptnr1_auth_seq_id 
_struct_conn.ptnr2_auth_asym_id 
_struct_conn.ptnr2_auth_comp_id 
_struct_conn.ptnr2_auth_seq_id 
_struct_conn.ptnr2_symmetry 
_struct_conn.pdbx_ptnr3_label_atom_id 
_struct_conn.pdbx_ptnr3_label_seq_id 
_struct_conn.pdbx_ptnr3_label_comp_id 
_struct_conn.pdbx_ptnr3_label_asym_id 
_struct_conn.pdbx_ptnr3_label_alt_id 
_struct_conn.pdbx_ptnr3_PDB_ins_code 
_struct_conn.details 
_struct_conn.pdbx_dist_value 
_struct_conn.pdbx_value_order 
_struct_conn.pdbx_role 
disulf1 disulf ? ? A CYS 26 SG ? ? ? 1_555 A CYS 115 SG ? ? A CYS 27 A CYS 126 1_555 ? ? ? ? ? ? ? 2.028 ? ? 
disulf2 disulf ? ? A CYS 28 SG ? ? ? 1_555 A CYS 44  SG ? ? A CYS 29 A CYS 45  1_555 ? ? ? ? ? ? ? 2.021 ? ? 
disulf3 disulf ? ? A CYS 43 SG ? ? ? 1_555 A CYS 95  SG ? ? A CYS 44 A CYS 105 1_555 ? ? ? ? ? ? ? 2.025 ? ? 
disulf4 disulf ? ? A CYS 49 SG ? ? ? 1_555 A CYS 121 SG ? ? A CYS 50 A CYS 133 1_555 ? ? ? ? ? ? ? 2.022 ? ? 
disulf5 disulf ? ? A CYS 50 SG ? ? ? 1_555 A CYS 88  SG ? ? A CYS 51 A CYS 98  1_555 ? ? ? ? ? ? ? 2.025 ? ? 
disulf6 disulf ? ? A CYS 57 SG ? ? ? 1_555 A CYS 81  SG ? ? A CYS 61 A CYS 91  1_555 ? ? ? ? ? ? ? 2.031 ? ? 
disulf7 disulf ? ? A CYS 75 SG ? ? ? 1_555 A CYS 86  SG ? ? A CYS 84 A CYS 96  1_555 ? ? ? ? ? ? ? 2.030 ? ? 
# 
_struct_conn_type.id          disulf 
_struct_conn_type.criteria    ? 
_struct_conn_type.reference   ? 
# 
loop_
_pdbx_modification_feature.ordinal 
_pdbx_modification_feature.label_comp_id 
_pdbx_modification_feature.label_asym_id 
_pdbx_modification_feature.label_seq_id 
_pdbx_modification_feature.label_alt_id 
_pdbx_modification_feature.modified_residue_label_comp_id 
_pdbx_modification_feature.modified_residue_label_asym_id 
_pdbx_modification_feature.modified_residue_label_seq_id 
_pdbx_modification_feature.modified_residue_label_alt_id 
_pdbx_modification_feature.auth_comp_id 
_pdbx_modification_feature.auth_asym_id 
_pdbx_modification_feature.auth_seq_id 
_pdbx_modification_feature.PDB_ins_code 
_pdbx_modification_feature.symmetry 
_pdbx_modification_feature.modified_residue_auth_comp_id 
_pdbx_modification_feature.modified_residue_auth_asym_id 
_pdbx_modification_feature.modified_residue_auth_seq_id 
_pdbx_modification_feature.modified_residue_PDB_ins_code 
_pdbx_modification_feature.modified_residue_symmetry 
_pdbx_modification_feature.comp_id_linking_atom 
_pdbx_modification_feature.modified_residue_id_linking_atom 
_pdbx_modification_feature.modified_residue_id 
_pdbx_modification_feature.ref_pcm_id 
_pdbx_modification_feature.ref_comp_id 
_pdbx_modification_feature.type 
_pdbx_modification_feature.category 
1 CYS A 26 ? CYS A 115 ? CYS A 27 ? 1_555 CYS A 126 ? 1_555 SG SG . . . None 'Disulfide bridge' 
2 CYS A 28 ? CYS A 44  ? CYS A 29 ? 1_555 CYS A 45  ? 1_555 SG SG . . . None 'Disulfide bridge' 
3 CYS A 43 ? CYS A 95  ? CYS A 44 ? 1_555 CYS A 105 ? 1_555 SG SG . . . None 'Disulfide bridge' 
4 CYS A 49 ? CYS A 121 ? CYS A 50 ? 1_555 CYS A 133 ? 1_555 SG SG . . . None 'Disulfide bridge' 
5 CYS A 50 ? CYS A 88  ? CYS A 51 ? 1_555 CYS A 98  ? 1_555 SG SG . . . None 'Disulfide bridge' 
6 CYS A 57 ? CYS A 81  ? CYS A 61 ? 1_555 CYS A 91  ? 1_555 SG SG . . . None 'Disulfide bridge' 
7 CYS A 75 ? CYS A 86  ? CYS A 84 ? 1_555 CYS A 96  ? 1_555 SG SG . . . None 'Disulfide bridge' 
# 
_struct_mon_prot_cis.pdbx_id                1 
_struct_mon_prot_cis.label_comp_id          ILE 
_struct_mon_prot_cis.label_seq_id           18 
_struct_mon_prot_cis.label_asym_id          A 
_struct_mon_prot_cis.label_alt_id           . 
_struct_mon_prot_cis.pdbx_PDB_ins_code      ? 
_struct_mon_prot_cis.auth_comp_id           ILE 
_struct_mon_prot_cis.auth_seq_id            19 
_struct_mon_prot_cis.auth_asym_id           A 
_struct_mon_prot_cis.pdbx_label_comp_id_2   PRO 
_struct_mon_prot_cis.pdbx_label_seq_id_2    19 
_struct_mon_prot_cis.pdbx_label_asym_id_2   A 
_struct_mon_prot_cis.pdbx_PDB_ins_code_2    ? 
_struct_mon_prot_cis.pdbx_auth_comp_id_2    PRO 
_struct_mon_prot_cis.pdbx_auth_seq_id_2     20 
_struct_mon_prot_cis.pdbx_auth_asym_id_2    A 
_struct_mon_prot_cis.pdbx_PDB_model_num     1 
_struct_mon_prot_cis.pdbx_omega_angle       6.69 
# 
_struct_sheet.id               A 
_struct_sheet.type             ? 
_struct_sheet.number_strands   2 
_struct_sheet.details          ? 
# 
_struct_sheet_order.sheet_id     A 
_struct_sheet_order.range_id_1   1 
_struct_sheet_order.range_id_2   2 
_struct_sheet_order.offset       ? 
_struct_sheet_order.sense        anti-parallel 
# 
loop_
_struct_sheet_range.sheet_id 
_struct_sheet_range.id 
_struct_sheet_range.beg_label_comp_id 
_struct_sheet_range.beg_label_asym_id 
_struct_sheet_range.beg_label_seq_id 
_struct_sheet_range.pdbx_beg_PDB_ins_code 
_struct_sheet_range.end_label_comp_id 
_struct_sheet_range.end_label_asym_id 
_struct_sheet_range.end_label_seq_id 
_struct_sheet_range.pdbx_end_PDB_ins_code 
_struct_sheet_range.beg_auth_comp_id 
_struct_sheet_range.beg_auth_asym_id 
_struct_sheet_range.beg_auth_seq_id 
_struct_sheet_range.end_auth_comp_id 
_struct_sheet_range.end_auth_asym_id 
_struct_sheet_range.end_auth_seq_id 
A 1 TYR A 66 ? VAL A 69 ? TYR A 75 VAL A 78 
A 2 ALA A 72 ? CYS A 75 ? ALA A 81 CYS A 84 
# 
_pdbx_struct_sheet_hbond.sheet_id                A 
_pdbx_struct_sheet_hbond.range_id_1              1 
_pdbx_struct_sheet_hbond.range_id_2              2 
_pdbx_struct_sheet_hbond.range_1_label_atom_id   N 
_pdbx_struct_sheet_hbond.range_1_label_comp_id   LYS 
_pdbx_struct_sheet_hbond.range_1_label_asym_id   A 
_pdbx_struct_sheet_hbond.range_1_label_seq_id    67 
_pdbx_struct_sheet_hbond.range_1_PDB_ins_code    ? 
_pdbx_struct_sheet_hbond.range_1_auth_atom_id    N 
_pdbx_struct_sheet_hbond.range_1_auth_comp_id    LYS 
_pdbx_struct_sheet_hbond.range_1_auth_asym_id    A 
_pdbx_struct_sheet_hbond.range_1_auth_seq_id     76 
_pdbx_struct_sheet_hbond.range_2_label_atom_id   O 
_pdbx_struct_sheet_hbond.range_2_label_comp_id   VAL 
_pdbx_struct_sheet_hbond.range_2_label_asym_id   A 
_pdbx_struct_sheet_hbond.range_2_label_seq_id    74 
_pdbx_struct_sheet_hbond.range_2_PDB_ins_code    ? 
_pdbx_struct_sheet_hbond.range_2_auth_atom_id    O 
_pdbx_struct_sheet_hbond.range_2_auth_comp_id    VAL 
_pdbx_struct_sheet_hbond.range_2_auth_asym_id    A 
_pdbx_struct_sheet_hbond.range_2_auth_seq_id     83 
# 
loop_
_struct_site.id 
_struct_site.pdbx_evidence_code 
_struct_site.pdbx_auth_asym_id 
_struct_site.pdbx_auth_comp_id 
_struct_site.pdbx_auth_seq_id 
_struct_site.pdbx_auth_ins_code 
_struct_site.pdbx_num_residues 
_struct_site.details 
AC1 Software A SO4 301 ? 4  'BINDING SITE FOR RESIDUE SO4 A 301' 
AC2 Software A SO4 302 ? 7  'BINDING SITE FOR RESIDUE SO4 A 302' 
AC3 Software A SO4 303 ? 5  'BINDING SITE FOR RESIDUE SO4 A 303' 
AC4 Software A SO4 304 ? 8  'BINDING SITE FOR RESIDUE SO4 A 304' 
AC5 Software A BHA 251 ? 10 'BINDING SITE FOR RESIDUE BHA A 251' 
# 
loop_
_struct_site_gen.id 
_struct_site_gen.site_id 
_struct_site_gen.pdbx_num_res 
_struct_site_gen.label_comp_id 
_struct_site_gen.label_asym_id 
_struct_site_gen.label_seq_id 
_struct_site_gen.pdbx_auth_ins_code 
_struct_site_gen.auth_comp_id 
_struct_site_gen.auth_asym_id 
_struct_site_gen.auth_seq_id 
_struct_site_gen.label_atom_id 
_struct_site_gen.label_alt_id 
_struct_site_gen.symmetry 
_struct_site_gen.details 
1  AC1 4  SER A 104 ? SER A 114 . ? 1_555 ? 
2  AC1 4  LYS A 105 ? LYS A 115 . ? 1_555 ? 
3  AC1 4  LYS A 120 ? LYS A 131 . ? 4_465 ? 
4  AC1 4  HOH G .   ? HOH A 443 . ? 1_555 ? 
5  AC2 7  ASN A 53  ? ASN A 54  . ? 1_555 ? 
6  AC2 7  PRO A 55  ? PRO A 56  . ? 1_555 ? 
7  AC2 7  ARG A 84  ? ARG A 94  . ? 1_555 ? 
8  AC2 7  HOH G .   ? HOH A 323 . ? 1_555 ? 
9  AC2 7  HOH G .   ? HOH A 413 . ? 1_555 ? 
10 AC2 7  HOH G .   ? HOH A 433 . ? 1_555 ? 
11 AC2 7  HOH G .   ? HOH A 499 . ? 1_555 ? 
12 AC3 5  ASP A 38  ? ASP A 39  . ? 1_555 ? 
13 AC3 5  ARG A 42  ? ARG A 43  . ? 1_555 ? 
14 AC3 5  HOH G .   ? HOH A 470 . ? 1_555 ? 
15 AC3 5  HOH G .   ? HOH A 480 . ? 1_555 ? 
16 AC3 5  HOH G .   ? HOH A 486 . ? 1_555 ? 
17 AC4 8  GLU A 4   ? GLU A 4   . ? 1_555 ? 
18 AC4 8  ARG A 63  ? ARG A 72  . ? 1_555 ? 
19 AC4 8  LYS A 65  ? LYS A 74  . ? 1_555 ? 
20 AC4 8  HOH G .   ? HOH A 361 . ? 1_555 ? 
21 AC4 8  HOH G .   ? HOH A 378 . ? 1_555 ? 
22 AC4 8  HOH G .   ? HOH A 388 . ? 3_654 ? 
23 AC4 8  HOH G .   ? HOH A 402 . ? 1_555 ? 
24 AC4 8  HOH G .   ? HOH A 500 . ? 1_555 ? 
25 AC5 10 ILE A 18  ? ILE A 19  . ? 2_565 ? 
26 AC5 10 PRO A 19  ? PRO A 20  . ? 2_565 ? 
27 AC5 10 LYS A 65  ? LYS A 74  . ? 4_565 ? 
28 AC5 10 GLN A 98  ? GLN A 108 . ? 1_555 ? 
29 AC5 10 ASN A 101 ? ASN A 111 . ? 1_555 ? 
30 AC5 10 HOH G .   ? HOH A 339 . ? 4_565 ? 
31 AC5 10 HOH G .   ? HOH A 358 . ? 1_555 ? 
32 AC5 10 HOH G .   ? HOH A 400 . ? 1_555 ? 
33 AC5 10 HOH G .   ? HOH A 435 . ? 2_565 ? 
34 AC5 10 HOH G .   ? HOH A 472 . ? 1_555 ? 
# 
_pdbx_entry_details.entry_id                   1SXK 
_pdbx_entry_details.compound_details           ? 
_pdbx_entry_details.source_details             ? 
_pdbx_entry_details.nonpolymer_details         ? 
_pdbx_entry_details.sequence_details           ? 
_pdbx_entry_details.has_ligand_of_interest     ? 
_pdbx_entry_details.has_protein_modification   Y 
# 
loop_
_pdbx_validate_torsion.id 
_pdbx_validate_torsion.PDB_model_num 
_pdbx_validate_torsion.auth_comp_id 
_pdbx_validate_torsion.auth_asym_id 
_pdbx_validate_torsion.auth_seq_id 
_pdbx_validate_torsion.PDB_ins_code 
_pdbx_validate_torsion.label_alt_id 
_pdbx_validate_torsion.phi 
_pdbx_validate_torsion.psi 
1 1 SER A 24 ? ? -147.31 32.05   
2 1 TRP A 31 ? ? -147.70 21.11   
3 1 ASN A 79 ? ? 66.91   -125.01 
# 
loop_
_chem_comp_atom.comp_id 
_chem_comp_atom.atom_id 
_chem_comp_atom.type_symbol 
_chem_comp_atom.pdbx_aromatic_flag 
_chem_comp_atom.pdbx_stereo_config 
_chem_comp_atom.pdbx_ordinal 
ALA N      N N N 1   
ALA CA     C N S 2   
ALA C      C N N 3   
ALA O      O N N 4   
ALA CB     C N N 5   
ALA OXT    O N N 6   
ALA H      H N N 7   
ALA H2     H N N 8   
ALA HA     H N N 9   
ALA HB1    H N N 10  
ALA HB2    H N N 11  
ALA HB3    H N N 12  
ALA HXT    H N N 13  
ARG N      N N N 14  
ARG CA     C N S 15  
ARG C      C N N 16  
ARG O      O N N 17  
ARG CB     C N N 18  
ARG CG     C N N 19  
ARG CD     C N N 20  
ARG NE     N N N 21  
ARG CZ     C N N 22  
ARG NH1    N N N 23  
ARG NH2    N N N 24  
ARG OXT    O N N 25  
ARG H      H N N 26  
ARG H2     H N N 27  
ARG HA     H N N 28  
ARG HB2    H N N 29  
ARG HB3    H N N 30  
ARG HG2    H N N 31  
ARG HG3    H N N 32  
ARG HD2    H N N 33  
ARG HD3    H N N 34  
ARG HE     H N N 35  
ARG HH11   H N N 36  
ARG HH12   H N N 37  
ARG HH21   H N N 38  
ARG HH22   H N N 39  
ARG HXT    H N N 40  
ASN N      N N N 41  
ASN CA     C N S 42  
ASN C      C N N 43  
ASN O      O N N 44  
ASN CB     C N N 45  
ASN CG     C N N 46  
ASN OD1    O N N 47  
ASN ND2    N N N 48  
ASN OXT    O N N 49  
ASN H      H N N 50  
ASN H2     H N N 51  
ASN HA     H N N 52  
ASN HB2    H N N 53  
ASN HB3    H N N 54  
ASN HD21   H N N 55  
ASN HD22   H N N 56  
ASN HXT    H N N 57  
ASP N      N N N 58  
ASP CA     C N S 59  
ASP C      C N N 60  
ASP O      O N N 61  
ASP CB     C N N 62  
ASP CG     C N N 63  
ASP OD1    O N N 64  
ASP OD2    O N N 65  
ASP OXT    O N N 66  
ASP H      H N N 67  
ASP H2     H N N 68  
ASP HA     H N N 69  
ASP HB2    H N N 70  
ASP HB3    H N N 71  
ASP HD2    H N N 72  
ASP HXT    H N N 73  
BHA "C1'"  C N N 74  
BHA "O1'"  O N N 75  
BHA "O2'"  O N N 76  
BHA C1     C Y N 77  
BHA C2     C Y N 78  
BHA C3     C Y N 79  
BHA C4     C Y N 80  
BHA C5     C Y N 81  
BHA C6     C Y N 82  
BHA O2     O N N 83  
BHA N4     N N N 84  
BHA "HO2'" H N N 85  
BHA H3     H N N 86  
BHA H5     H N N 87  
BHA H6     H N N 88  
BHA HO2    H N N 89  
BHA HN41   H N N 90  
BHA HN42   H N N 91  
CYS N      N N N 92  
CYS CA     C N R 93  
CYS C      C N N 94  
CYS O      O N N 95  
CYS CB     C N N 96  
CYS SG     S N N 97  
CYS OXT    O N N 98  
CYS H      H N N 99  
CYS H2     H N N 100 
CYS HA     H N N 101 
CYS HB2    H N N 102 
CYS HB3    H N N 103 
CYS HG     H N N 104 
CYS HXT    H N N 105 
GLN N      N N N 106 
GLN CA     C N S 107 
GLN C      C N N 108 
GLN O      O N N 109 
GLN CB     C N N 110 
GLN CG     C N N 111 
GLN CD     C N N 112 
GLN OE1    O N N 113 
GLN NE2    N N N 114 
GLN OXT    O N N 115 
GLN H      H N N 116 
GLN H2     H N N 117 
GLN HA     H N N 118 
GLN HB2    H N N 119 
GLN HB3    H N N 120 
GLN HG2    H N N 121 
GLN HG3    H N N 122 
GLN HE21   H N N 123 
GLN HE22   H N N 124 
GLN HXT    H N N 125 
GLU N      N N N 126 
GLU CA     C N S 127 
GLU C      C N N 128 
GLU O      O N N 129 
GLU CB     C N N 130 
GLU CG     C N N 131 
GLU CD     C N N 132 
GLU OE1    O N N 133 
GLU OE2    O N N 134 
GLU OXT    O N N 135 
GLU H      H N N 136 
GLU H2     H N N 137 
GLU HA     H N N 138 
GLU HB2    H N N 139 
GLU HB3    H N N 140 
GLU HG2    H N N 141 
GLU HG3    H N N 142 
GLU HE2    H N N 143 
GLU HXT    H N N 144 
GLY N      N N N 145 
GLY CA     C N N 146 
GLY C      C N N 147 
GLY O      O N N 148 
GLY OXT    O N N 149 
GLY H      H N N 150 
GLY H2     H N N 151 
GLY HA2    H N N 152 
GLY HA3    H N N 153 
GLY HXT    H N N 154 
HIS N      N N N 155 
HIS CA     C N S 156 
HIS C      C N N 157 
HIS O      O N N 158 
HIS CB     C N N 159 
HIS CG     C Y N 160 
HIS ND1    N Y N 161 
HIS CD2    C Y N 162 
HIS CE1    C Y N 163 
HIS NE2    N Y N 164 
HIS OXT    O N N 165 
HIS H      H N N 166 
HIS H2     H N N 167 
HIS HA     H N N 168 
HIS HB2    H N N 169 
HIS HB3    H N N 170 
HIS HD1    H N N 171 
HIS HD2    H N N 172 
HIS HE1    H N N 173 
HIS HE2    H N N 174 
HIS HXT    H N N 175 
HOH O      O N N 176 
HOH H1     H N N 177 
HOH H2     H N N 178 
ILE N      N N N 179 
ILE CA     C N S 180 
ILE C      C N N 181 
ILE O      O N N 182 
ILE CB     C N S 183 
ILE CG1    C N N 184 
ILE CG2    C N N 185 
ILE CD1    C N N 186 
ILE OXT    O N N 187 
ILE H      H N N 188 
ILE H2     H N N 189 
ILE HA     H N N 190 
ILE HB     H N N 191 
ILE HG12   H N N 192 
ILE HG13   H N N 193 
ILE HG21   H N N 194 
ILE HG22   H N N 195 
ILE HG23   H N N 196 
ILE HD11   H N N 197 
ILE HD12   H N N 198 
ILE HD13   H N N 199 
ILE HXT    H N N 200 
LEU N      N N N 201 
LEU CA     C N S 202 
LEU C      C N N 203 
LEU O      O N N 204 
LEU CB     C N N 205 
LEU CG     C N N 206 
LEU CD1    C N N 207 
LEU CD2    C N N 208 
LEU OXT    O N N 209 
LEU H      H N N 210 
LEU H2     H N N 211 
LEU HA     H N N 212 
LEU HB2    H N N 213 
LEU HB3    H N N 214 
LEU HG     H N N 215 
LEU HD11   H N N 216 
LEU HD12   H N N 217 
LEU HD13   H N N 218 
LEU HD21   H N N 219 
LEU HD22   H N N 220 
LEU HD23   H N N 221 
LEU HXT    H N N 222 
LYS N      N N N 223 
LYS CA     C N S 224 
LYS C      C N N 225 
LYS O      O N N 226 
LYS CB     C N N 227 
LYS CG     C N N 228 
LYS CD     C N N 229 
LYS CE     C N N 230 
LYS NZ     N N N 231 
LYS OXT    O N N 232 
LYS H      H N N 233 
LYS H2     H N N 234 
LYS HA     H N N 235 
LYS HB2    H N N 236 
LYS HB3    H N N 237 
LYS HG2    H N N 238 
LYS HG3    H N N 239 
LYS HD2    H N N 240 
LYS HD3    H N N 241 
LYS HE2    H N N 242 
LYS HE3    H N N 243 
LYS HZ1    H N N 244 
LYS HZ2    H N N 245 
LYS HZ3    H N N 246 
LYS HXT    H N N 247 
MET N      N N N 248 
MET CA     C N S 249 
MET C      C N N 250 
MET O      O N N 251 
MET CB     C N N 252 
MET CG     C N N 253 
MET SD     S N N 254 
MET CE     C N N 255 
MET OXT    O N N 256 
MET H      H N N 257 
MET H2     H N N 258 
MET HA     H N N 259 
MET HB2    H N N 260 
MET HB3    H N N 261 
MET HG2    H N N 262 
MET HG3    H N N 263 
MET HE1    H N N 264 
MET HE2    H N N 265 
MET HE3    H N N 266 
MET HXT    H N N 267 
PHE N      N N N 268 
PHE CA     C N S 269 
PHE C      C N N 270 
PHE O      O N N 271 
PHE CB     C N N 272 
PHE CG     C Y N 273 
PHE CD1    C Y N 274 
PHE CD2    C Y N 275 
PHE CE1    C Y N 276 
PHE CE2    C Y N 277 
PHE CZ     C Y N 278 
PHE OXT    O N N 279 
PHE H      H N N 280 
PHE H2     H N N 281 
PHE HA     H N N 282 
PHE HB2    H N N 283 
PHE HB3    H N N 284 
PHE HD1    H N N 285 
PHE HD2    H N N 286 
PHE HE1    H N N 287 
PHE HE2    H N N 288 
PHE HZ     H N N 289 
PHE HXT    H N N 290 
PRO N      N N N 291 
PRO CA     C N S 292 
PRO C      C N N 293 
PRO O      O N N 294 
PRO CB     C N N 295 
PRO CG     C N N 296 
PRO CD     C N N 297 
PRO OXT    O N N 298 
PRO H      H N N 299 
PRO HA     H N N 300 
PRO HB2    H N N 301 
PRO HB3    H N N 302 
PRO HG2    H N N 303 
PRO HG3    H N N 304 
PRO HD2    H N N 305 
PRO HD3    H N N 306 
PRO HXT    H N N 307 
SER N      N N N 308 
SER CA     C N S 309 
SER C      C N N 310 
SER O      O N N 311 
SER CB     C N N 312 
SER OG     O N N 313 
SER OXT    O N N 314 
SER H      H N N 315 
SER H2     H N N 316 
SER HA     H N N 317 
SER HB2    H N N 318 
SER HB3    H N N 319 
SER HG     H N N 320 
SER HXT    H N N 321 
SO4 S      S N N 322 
SO4 O1     O N N 323 
SO4 O2     O N N 324 
SO4 O3     O N N 325 
SO4 O4     O N N 326 
THR N      N N N 327 
THR CA     C N S 328 
THR C      C N N 329 
THR O      O N N 330 
THR CB     C N R 331 
THR OG1    O N N 332 
THR CG2    C N N 333 
THR OXT    O N N 334 
THR H      H N N 335 
THR H2     H N N 336 
THR HA     H N N 337 
THR HB     H N N 338 
THR HG1    H N N 339 
THR HG21   H N N 340 
THR HG22   H N N 341 
THR HG23   H N N 342 
THR HXT    H N N 343 
TRP N      N N N 344 
TRP CA     C N S 345 
TRP C      C N N 346 
TRP O      O N N 347 
TRP CB     C N N 348 
TRP CG     C Y N 349 
TRP CD1    C Y N 350 
TRP CD2    C Y N 351 
TRP NE1    N Y N 352 
TRP CE2    C Y N 353 
TRP CE3    C Y N 354 
TRP CZ2    C Y N 355 
TRP CZ3    C Y N 356 
TRP CH2    C Y N 357 
TRP OXT    O N N 358 
TRP H      H N N 359 
TRP H2     H N N 360 
TRP HA     H N N 361 
TRP HB2    H N N 362 
TRP HB3    H N N 363 
TRP HD1    H N N 364 
TRP HE1    H N N 365 
TRP HE3    H N N 366 
TRP HZ2    H N N 367 
TRP HZ3    H N N 368 
TRP HH2    H N N 369 
TRP HXT    H N N 370 
TYR N      N N N 371 
TYR CA     C N S 372 
TYR C      C N N 373 
TYR O      O N N 374 
TYR CB     C N N 375 
TYR CG     C Y N 376 
TYR CD1    C Y N 377 
TYR CD2    C Y N 378 
TYR CE1    C Y N 379 
TYR CE2    C Y N 380 
TYR CZ     C Y N 381 
TYR OH     O N N 382 
TYR OXT    O N N 383 
TYR H      H N N 384 
TYR H2     H N N 385 
TYR HA     H N N 386 
TYR HB2    H N N 387 
TYR HB3    H N N 388 
TYR HD1    H N N 389 
TYR HD2    H N N 390 
TYR HE1    H N N 391 
TYR HE2    H N N 392 
TYR HH     H N N 393 
TYR HXT    H N N 394 
VAL N      N N N 395 
VAL CA     C N S 396 
VAL C      C N N 397 
VAL O      O N N 398 
VAL CB     C N N 399 
VAL CG1    C N N 400 
VAL CG2    C N N 401 
VAL OXT    O N N 402 
VAL H      H N N 403 
VAL H2     H N N 404 
VAL HA     H N N 405 
VAL HB     H N N 406 
VAL HG11   H N N 407 
VAL HG12   H N N 408 
VAL HG13   H N N 409 
VAL HG21   H N N 410 
VAL HG22   H N N 411 
VAL HG23   H N N 412 
VAL HXT    H N N 413 
# 
loop_
_chem_comp_bond.comp_id 
_chem_comp_bond.atom_id_1 
_chem_comp_bond.atom_id_2 
_chem_comp_bond.value_order 
_chem_comp_bond.pdbx_aromatic_flag 
_chem_comp_bond.pdbx_stereo_config 
_chem_comp_bond.pdbx_ordinal 
ALA N     CA     sing N N 1   
ALA N     H      sing N N 2   
ALA N     H2     sing N N 3   
ALA CA    C      sing N N 4   
ALA CA    CB     sing N N 5   
ALA CA    HA     sing N N 6   
ALA C     O      doub N N 7   
ALA C     OXT    sing N N 8   
ALA CB    HB1    sing N N 9   
ALA CB    HB2    sing N N 10  
ALA CB    HB3    sing N N 11  
ALA OXT   HXT    sing N N 12  
ARG N     CA     sing N N 13  
ARG N     H      sing N N 14  
ARG N     H2     sing N N 15  
ARG CA    C      sing N N 16  
ARG CA    CB     sing N N 17  
ARG CA    HA     sing N N 18  
ARG C     O      doub N N 19  
ARG C     OXT    sing N N 20  
ARG CB    CG     sing N N 21  
ARG CB    HB2    sing N N 22  
ARG CB    HB3    sing N N 23  
ARG CG    CD     sing N N 24  
ARG CG    HG2    sing N N 25  
ARG CG    HG3    sing N N 26  
ARG CD    NE     sing N N 27  
ARG CD    HD2    sing N N 28  
ARG CD    HD3    sing N N 29  
ARG NE    CZ     sing N N 30  
ARG NE    HE     sing N N 31  
ARG CZ    NH1    sing N N 32  
ARG CZ    NH2    doub N N 33  
ARG NH1   HH11   sing N N 34  
ARG NH1   HH12   sing N N 35  
ARG NH2   HH21   sing N N 36  
ARG NH2   HH22   sing N N 37  
ARG OXT   HXT    sing N N 38  
ASN N     CA     sing N N 39  
ASN N     H      sing N N 40  
ASN N     H2     sing N N 41  
ASN CA    C      sing N N 42  
ASN CA    CB     sing N N 43  
ASN CA    HA     sing N N 44  
ASN C     O      doub N N 45  
ASN C     OXT    sing N N 46  
ASN CB    CG     sing N N 47  
ASN CB    HB2    sing N N 48  
ASN CB    HB3    sing N N 49  
ASN CG    OD1    doub N N 50  
ASN CG    ND2    sing N N 51  
ASN ND2   HD21   sing N N 52  
ASN ND2   HD22   sing N N 53  
ASN OXT   HXT    sing N N 54  
ASP N     CA     sing N N 55  
ASP N     H      sing N N 56  
ASP N     H2     sing N N 57  
ASP CA    C      sing N N 58  
ASP CA    CB     sing N N 59  
ASP CA    HA     sing N N 60  
ASP C     O      doub N N 61  
ASP C     OXT    sing N N 62  
ASP CB    CG     sing N N 63  
ASP CB    HB2    sing N N 64  
ASP CB    HB3    sing N N 65  
ASP CG    OD1    doub N N 66  
ASP CG    OD2    sing N N 67  
ASP OD2   HD2    sing N N 68  
ASP OXT   HXT    sing N N 69  
BHA "C1'" "O1'"  doub N N 70  
BHA "C1'" "O2'"  sing N N 71  
BHA "C1'" C1     sing N N 72  
BHA "O2'" "HO2'" sing N N 73  
BHA C1    C2     sing Y N 74  
BHA C1    C6     doub Y N 75  
BHA C2    C3     doub Y N 76  
BHA C2    O2     sing N N 77  
BHA C3    C4     sing Y N 78  
BHA C3    H3     sing N N 79  
BHA C4    C5     doub Y N 80  
BHA C4    N4     sing N N 81  
BHA C5    C6     sing Y N 82  
BHA C5    H5     sing N N 83  
BHA C6    H6     sing N N 84  
BHA O2    HO2    sing N N 85  
BHA N4    HN41   sing N N 86  
BHA N4    HN42   sing N N 87  
CYS N     CA     sing N N 88  
CYS N     H      sing N N 89  
CYS N     H2     sing N N 90  
CYS CA    C      sing N N 91  
CYS CA    CB     sing N N 92  
CYS CA    HA     sing N N 93  
CYS C     O      doub N N 94  
CYS C     OXT    sing N N 95  
CYS CB    SG     sing N N 96  
CYS CB    HB2    sing N N 97  
CYS CB    HB3    sing N N 98  
CYS SG    HG     sing N N 99  
CYS OXT   HXT    sing N N 100 
GLN N     CA     sing N N 101 
GLN N     H      sing N N 102 
GLN N     H2     sing N N 103 
GLN CA    C      sing N N 104 
GLN CA    CB     sing N N 105 
GLN CA    HA     sing N N 106 
GLN C     O      doub N N 107 
GLN C     OXT    sing N N 108 
GLN CB    CG     sing N N 109 
GLN CB    HB2    sing N N 110 
GLN CB    HB3    sing N N 111 
GLN CG    CD     sing N N 112 
GLN CG    HG2    sing N N 113 
GLN CG    HG3    sing N N 114 
GLN CD    OE1    doub N N 115 
GLN CD    NE2    sing N N 116 
GLN NE2   HE21   sing N N 117 
GLN NE2   HE22   sing N N 118 
GLN OXT   HXT    sing N N 119 
GLU N     CA     sing N N 120 
GLU N     H      sing N N 121 
GLU N     H2     sing N N 122 
GLU CA    C      sing N N 123 
GLU CA    CB     sing N N 124 
GLU CA    HA     sing N N 125 
GLU C     O      doub N N 126 
GLU C     OXT    sing N N 127 
GLU CB    CG     sing N N 128 
GLU CB    HB2    sing N N 129 
GLU CB    HB3    sing N N 130 
GLU CG    CD     sing N N 131 
GLU CG    HG2    sing N N 132 
GLU CG    HG3    sing N N 133 
GLU CD    OE1    doub N N 134 
GLU CD    OE2    sing N N 135 
GLU OE2   HE2    sing N N 136 
GLU OXT   HXT    sing N N 137 
GLY N     CA     sing N N 138 
GLY N     H      sing N N 139 
GLY N     H2     sing N N 140 
GLY CA    C      sing N N 141 
GLY CA    HA2    sing N N 142 
GLY CA    HA3    sing N N 143 
GLY C     O      doub N N 144 
GLY C     OXT    sing N N 145 
GLY OXT   HXT    sing N N 146 
HIS N     CA     sing N N 147 
HIS N     H      sing N N 148 
HIS N     H2     sing N N 149 
HIS CA    C      sing N N 150 
HIS CA    CB     sing N N 151 
HIS CA    HA     sing N N 152 
HIS C     O      doub N N 153 
HIS C     OXT    sing N N 154 
HIS CB    CG     sing N N 155 
HIS CB    HB2    sing N N 156 
HIS CB    HB3    sing N N 157 
HIS CG    ND1    sing Y N 158 
HIS CG    CD2    doub Y N 159 
HIS ND1   CE1    doub Y N 160 
HIS ND1   HD1    sing N N 161 
HIS CD2   NE2    sing Y N 162 
HIS CD2   HD2    sing N N 163 
HIS CE1   NE2    sing Y N 164 
HIS CE1   HE1    sing N N 165 
HIS NE2   HE2    sing N N 166 
HIS OXT   HXT    sing N N 167 
HOH O     H1     sing N N 168 
HOH O     H2     sing N N 169 
ILE N     CA     sing N N 170 
ILE N     H      sing N N 171 
ILE N     H2     sing N N 172 
ILE CA    C      sing N N 173 
ILE CA    CB     sing N N 174 
ILE CA    HA     sing N N 175 
ILE C     O      doub N N 176 
ILE C     OXT    sing N N 177 
ILE CB    CG1    sing N N 178 
ILE CB    CG2    sing N N 179 
ILE CB    HB     sing N N 180 
ILE CG1   CD1    sing N N 181 
ILE CG1   HG12   sing N N 182 
ILE CG1   HG13   sing N N 183 
ILE CG2   HG21   sing N N 184 
ILE CG2   HG22   sing N N 185 
ILE CG2   HG23   sing N N 186 
ILE CD1   HD11   sing N N 187 
ILE CD1   HD12   sing N N 188 
ILE CD1   HD13   sing N N 189 
ILE OXT   HXT    sing N N 190 
LEU N     CA     sing N N 191 
LEU N     H      sing N N 192 
LEU N     H2     sing N N 193 
LEU CA    C      sing N N 194 
LEU CA    CB     sing N N 195 
LEU CA    HA     sing N N 196 
LEU C     O      doub N N 197 
LEU C     OXT    sing N N 198 
LEU CB    CG     sing N N 199 
LEU CB    HB2    sing N N 200 
LEU CB    HB3    sing N N 201 
LEU CG    CD1    sing N N 202 
LEU CG    CD2    sing N N 203 
LEU CG    HG     sing N N 204 
LEU CD1   HD11   sing N N 205 
LEU CD1   HD12   sing N N 206 
LEU CD1   HD13   sing N N 207 
LEU CD2   HD21   sing N N 208 
LEU CD2   HD22   sing N N 209 
LEU CD2   HD23   sing N N 210 
LEU OXT   HXT    sing N N 211 
LYS N     CA     sing N N 212 
LYS N     H      sing N N 213 
LYS N     H2     sing N N 214 
LYS CA    C      sing N N 215 
LYS CA    CB     sing N N 216 
LYS CA    HA     sing N N 217 
LYS C     O      doub N N 218 
LYS C     OXT    sing N N 219 
LYS CB    CG     sing N N 220 
LYS CB    HB2    sing N N 221 
LYS CB    HB3    sing N N 222 
LYS CG    CD     sing N N 223 
LYS CG    HG2    sing N N 224 
LYS CG    HG3    sing N N 225 
LYS CD    CE     sing N N 226 
LYS CD    HD2    sing N N 227 
LYS CD    HD3    sing N N 228 
LYS CE    NZ     sing N N 229 
LYS CE    HE2    sing N N 230 
LYS CE    HE3    sing N N 231 
LYS NZ    HZ1    sing N N 232 
LYS NZ    HZ2    sing N N 233 
LYS NZ    HZ3    sing N N 234 
LYS OXT   HXT    sing N N 235 
MET N     CA     sing N N 236 
MET N     H      sing N N 237 
MET N     H2     sing N N 238 
MET CA    C      sing N N 239 
MET CA    CB     sing N N 240 
MET CA    HA     sing N N 241 
MET C     O      doub N N 242 
MET C     OXT    sing N N 243 
MET CB    CG     sing N N 244 
MET CB    HB2    sing N N 245 
MET CB    HB3    sing N N 246 
MET CG    SD     sing N N 247 
MET CG    HG2    sing N N 248 
MET CG    HG3    sing N N 249 
MET SD    CE     sing N N 250 
MET CE    HE1    sing N N 251 
MET CE    HE2    sing N N 252 
MET CE    HE3    sing N N 253 
MET OXT   HXT    sing N N 254 
PHE N     CA     sing N N 255 
PHE N     H      sing N N 256 
PHE N     H2     sing N N 257 
PHE CA    C      sing N N 258 
PHE CA    CB     sing N N 259 
PHE CA    HA     sing N N 260 
PHE C     O      doub N N 261 
PHE C     OXT    sing N N 262 
PHE CB    CG     sing N N 263 
PHE CB    HB2    sing N N 264 
PHE CB    HB3    sing N N 265 
PHE CG    CD1    doub Y N 266 
PHE CG    CD2    sing Y N 267 
PHE CD1   CE1    sing Y N 268 
PHE CD1   HD1    sing N N 269 
PHE CD2   CE2    doub Y N 270 
PHE CD2   HD2    sing N N 271 
PHE CE1   CZ     doub Y N 272 
PHE CE1   HE1    sing N N 273 
PHE CE2   CZ     sing Y N 274 
PHE CE2   HE2    sing N N 275 
PHE CZ    HZ     sing N N 276 
PHE OXT   HXT    sing N N 277 
PRO N     CA     sing N N 278 
PRO N     CD     sing N N 279 
PRO N     H      sing N N 280 
PRO CA    C      sing N N 281 
PRO CA    CB     sing N N 282 
PRO CA    HA     sing N N 283 
PRO C     O      doub N N 284 
PRO C     OXT    sing N N 285 
PRO CB    CG     sing N N 286 
PRO CB    HB2    sing N N 287 
PRO CB    HB3    sing N N 288 
PRO CG    CD     sing N N 289 
PRO CG    HG2    sing N N 290 
PRO CG    HG3    sing N N 291 
PRO CD    HD2    sing N N 292 
PRO CD    HD3    sing N N 293 
PRO OXT   HXT    sing N N 294 
SER N     CA     sing N N 295 
SER N     H      sing N N 296 
SER N     H2     sing N N 297 
SER CA    C      sing N N 298 
SER CA    CB     sing N N 299 
SER CA    HA     sing N N 300 
SER C     O      doub N N 301 
SER C     OXT    sing N N 302 
SER CB    OG     sing N N 303 
SER CB    HB2    sing N N 304 
SER CB    HB3    sing N N 305 
SER OG    HG     sing N N 306 
SER OXT   HXT    sing N N 307 
SO4 S     O1     doub N N 308 
SO4 S     O2     doub N N 309 
SO4 S     O3     sing N N 310 
SO4 S     O4     sing N N 311 
THR N     CA     sing N N 312 
THR N     H      sing N N 313 
THR N     H2     sing N N 314 
THR CA    C      sing N N 315 
THR CA    CB     sing N N 316 
THR CA    HA     sing N N 317 
THR C     O      doub N N 318 
THR C     OXT    sing N N 319 
THR CB    OG1    sing N N 320 
THR CB    CG2    sing N N 321 
THR CB    HB     sing N N 322 
THR OG1   HG1    sing N N 323 
THR CG2   HG21   sing N N 324 
THR CG2   HG22   sing N N 325 
THR CG2   HG23   sing N N 326 
THR OXT   HXT    sing N N 327 
TRP N     CA     sing N N 328 
TRP N     H      sing N N 329 
TRP N     H2     sing N N 330 
TRP CA    C      sing N N 331 
TRP CA    CB     sing N N 332 
TRP CA    HA     sing N N 333 
TRP C     O      doub N N 334 
TRP C     OXT    sing N N 335 
TRP CB    CG     sing N N 336 
TRP CB    HB2    sing N N 337 
TRP CB    HB3    sing N N 338 
TRP CG    CD1    doub Y N 339 
TRP CG    CD2    sing Y N 340 
TRP CD1   NE1    sing Y N 341 
TRP CD1   HD1    sing N N 342 
TRP CD2   CE2    doub Y N 343 
TRP CD2   CE3    sing Y N 344 
TRP NE1   CE2    sing Y N 345 
TRP NE1   HE1    sing N N 346 
TRP CE2   CZ2    sing Y N 347 
TRP CE3   CZ3    doub Y N 348 
TRP CE3   HE3    sing N N 349 
TRP CZ2   CH2    doub Y N 350 
TRP CZ2   HZ2    sing N N 351 
TRP CZ3   CH2    sing Y N 352 
TRP CZ3   HZ3    sing N N 353 
TRP CH2   HH2    sing N N 354 
TRP OXT   HXT    sing N N 355 
TYR N     CA     sing N N 356 
TYR N     H      sing N N 357 
TYR N     H2     sing N N 358 
TYR CA    C      sing N N 359 
TYR CA    CB     sing N N 360 
TYR CA    HA     sing N N 361 
TYR C     O      doub N N 362 
TYR C     OXT    sing N N 363 
TYR CB    CG     sing N N 364 
TYR CB    HB2    sing N N 365 
TYR CB    HB3    sing N N 366 
TYR CG    CD1    doub Y N 367 
TYR CG    CD2    sing Y N 368 
TYR CD1   CE1    sing Y N 369 
TYR CD1   HD1    sing N N 370 
TYR CD2   CE2    doub Y N 371 
TYR CD2   HD2    sing N N 372 
TYR CE1   CZ     doub Y N 373 
TYR CE1   HE1    sing N N 374 
TYR CE2   CZ     sing Y N 375 
TYR CE2   HE2    sing N N 376 
TYR CZ    OH     sing N N 377 
TYR OH    HH     sing N N 378 
TYR OXT   HXT    sing N N 379 
VAL N     CA     sing N N 380 
VAL N     H      sing N N 381 
VAL N     H2     sing N N 382 
VAL CA    C      sing N N 383 
VAL CA    CB     sing N N 384 
VAL CA    HA     sing N N 385 
VAL C     O      doub N N 386 
VAL C     OXT    sing N N 387 
VAL CB    CG1    sing N N 388 
VAL CB    CG2    sing N N 389 
VAL CB    HB     sing N N 390 
VAL CG1   HG11   sing N N 391 
VAL CG1   HG12   sing N N 392 
VAL CG1   HG13   sing N N 393 
VAL CG2   HG21   sing N N 394 
VAL CG2   HG22   sing N N 395 
VAL CG2   HG23   sing N N 396 
VAL OXT   HXT    sing N N 397 
# 
_pdbx_initial_refinement_model.id               1 
_pdbx_initial_refinement_model.entity_id_list   ? 
_pdbx_initial_refinement_model.type             'experimental model' 
_pdbx_initial_refinement_model.source_name      PDB 
_pdbx_initial_refinement_model.accession_code   1FB2 
_pdbx_initial_refinement_model.details          ? 
# 
_atom_sites.entry_id                    1SXK 
_atom_sites.fract_transf_matrix[1][1]   -0.01276954 
_atom_sites.fract_transf_matrix[1][2]   0.00709352 
_atom_sites.fract_transf_matrix[1][3]   -0.01236307 
_atom_sites.fract_transf_matrix[2][1]   -0.01294845 
_atom_sites.fract_transf_matrix[2][2]   -0.01271178 
_atom_sites.fract_transf_matrix[2][3]   0.00608056 
_atom_sites.fract_transf_matrix[3][1]   -0.00652122 
_atom_sites.fract_transf_matrix[3][2]   0.01359609 
_atom_sites.fract_transf_matrix[3][3]   0.01453661 
_atom_sites.fract_transf_vector[1]      0.160903 
_atom_sites.fract_transf_vector[2]      0.473864 
_atom_sites.fract_transf_vector[3]      -0.004566 
# 
loop_
_atom_type.symbol 
C 
N 
O 
S 
# 
loop_
_atom_site.group_PDB 
_atom_site.id 
_atom_site.type_symbol 
_atom_site.label_atom_id 
_atom_site.label_alt_id 
_atom_site.label_comp_id 
_atom_site.label_asym_id 
_atom_site.label_entity_id 
_atom_site.label_seq_id 
_atom_site.pdbx_PDB_ins_code 
_atom_site.Cartn_x 
_atom_site.Cartn_y 
_atom_site.Cartn_z 
_atom_site.occupancy 
_atom_site.B_iso_or_equiv 
_atom_site.pdbx_formal_charge 
_atom_site.auth_seq_id 
_atom_site.auth_comp_id 
_atom_site.auth_asym_id 
_atom_site.auth_atom_id 
_atom_site.pdbx_PDB_model_num 
ATOM   1    N N     . SER A 1 1   ? 4.219   5.965   -8.575  1.00 11.66 ? 1   SER A N     1 
ATOM   2    C CA    . SER A 1 1   ? 5.088   4.798   -8.886  1.00 11.74 ? 1   SER A CA    1 
ATOM   3    C C     . SER A 1 1   ? 5.421   4.043   -7.613  1.00 11.95 ? 1   SER A C     1 
ATOM   4    O O     . SER A 1 1   ? 5.316   4.585   -6.513  1.00 11.79 ? 1   SER A O     1 
ATOM   5    C CB    . SER A 1 1   ? 6.390   5.262   -9.528  1.00 11.68 ? 1   SER A CB    1 
ATOM   6    O OG    . SER A 1 1   ? 7.187   5.940   -8.573  1.00 11.62 ? 1   SER A OG    1 
ATOM   7    N N     . LEU A 1 2   ? 5.724   2.762   -7.758  1.00 12.31 ? 2   LEU A N     1 
ATOM   8    C CA    . LEU A 1 2   ? 6.182   1.940   -6.653  1.00 12.73 ? 2   LEU A CA    1 
ATOM   9    C C     . LEU A 1 2   ? 7.294   2.576   -5.814  1.00 12.86 ? 2   LEU A C     1 
ATOM   10   O O     . LEU A 1 2   ? 7.247   2.521   -4.585  1.00 12.81 ? 2   LEU A O     1 
ATOM   11   C CB    . LEU A 1 2   ? 6.617   0.575   -7.183  1.00 12.89 ? 2   LEU A CB    1 
ATOM   12   C CG    . LEU A 1 2   ? 7.028   -0.433  -6.112  1.00 13.64 ? 2   LEU A CG    1 
ATOM   13   C CD1   . LEU A 1 2   ? 5.885   -0.696  -5.142  1.00 14.15 ? 2   LEU A CD1   1 
ATOM   14   C CD2   . LEU A 1 2   ? 7.486   -1.727  -6.756  1.00 14.26 ? 2   LEU A CD2   1 
ATOM   15   N N     . LEU A 1 3   ? 8.293   3.170   -6.459  1.00 13.08 ? 3   LEU A N     1 
ATOM   16   C CA    . LEU A 1 3   ? 9.375   3.817   -5.716  1.00 13.32 ? 3   LEU A CA    1 
ATOM   17   C C     . LEU A 1 3   ? 8.857   4.999   -4.889  1.00 12.90 ? 3   LEU A C     1 
ATOM   18   O O     . LEU A 1 3   ? 9.274   5.182   -3.745  1.00 12.89 ? 3   LEU A O     1 
ATOM   19   C CB    . LEU A 1 3   ? 10.492  4.270   -6.650  1.00 13.69 ? 3   LEU A CB    1 
ATOM   20   C CG    . LEU A 1 3   ? 11.435  3.190   -7.174  1.00 15.38 ? 3   LEU A CG    1 
ATOM   21   C CD1   . LEU A 1 3   ? 12.420  3.890   -8.085  1.00 16.44 ? 3   LEU A CD1   1 
ATOM   22   C CD2   . LEU A 1 3   ? 12.153  2.442   -6.054  1.00 16.42 ? 3   LEU A CD2   1 
ATOM   23   N N     . GLU A 1 4   ? 7.952   5.793   -5.459  1.00 12.46 ? 4   GLU A N     1 
ATOM   24   C CA    . GLU A 1 4   ? 7.358   6.912   -4.723  1.00 12.11 ? 4   GLU A CA    1 
ATOM   25   C C     . GLU A 1 4   ? 6.531   6.407   -3.551  1.00 11.75 ? 4   GLU A C     1 
ATOM   26   O O     . GLU A 1 4   ? 6.572   6.978   -2.464  1.00 11.70 ? 4   GLU A O     1 
ATOM   27   C CB    . GLU A 1 4   ? 6.486   7.771   -5.632  1.00 12.14 ? 4   GLU A CB    1 
ATOM   28   C CG    . GLU A 1 4   ? 7.297   8.560   -6.639  1.00 12.22 ? 4   GLU A CG    1 
ATOM   29   C CD    . GLU A 1 4   ? 6.474   9.069   -7.804  1.00 12.15 ? 4   GLU A CD    1 
ATOM   30   O OE1   . GLU A 1 4   ? 5.293   8.680   -7.930  1.00 12.06 ? 4   GLU A OE1   1 
ATOM   31   O OE2   . GLU A 1 4   ? 7.016   9.861   -8.600  1.00 12.74 ? 4   GLU A OE2   1 
ATOM   32   N N     . PHE A 1 5   ? 5.761   5.354   -3.781  1.00 11.29 ? 5   PHE A N     1 
ATOM   33   C CA    . PHE A 1 5   ? 4.982   4.746   -2.713  1.00 11.07 ? 5   PHE A CA    1 
ATOM   34   C C     . PHE A 1 5   ? 5.922   4.337   -1.582  1.00 11.06 ? 5   PHE A C     1 
ATOM   35   O O     . PHE A 1 5   ? 5.633   4.580   -0.414  1.00 10.92 ? 5   PHE A O     1 
ATOM   36   C CB    . PHE A 1 5   ? 4.224   3.537   -3.261  1.00 10.95 ? 5   PHE A CB    1 
ATOM   37   C CG    . PHE A 1 5   ? 3.314   2.852   -2.271  1.00 10.74 ? 5   PHE A CG    1 
ATOM   38   C CD1   . PHE A 1 5   ? 2.580   3.557   -1.324  1.00 10.57 ? 5   PHE A CD1   1 
ATOM   39   C CD2   . PHE A 1 5   ? 3.161   1.480   -2.337  1.00 10.90 ? 5   PHE A CD2   1 
ATOM   40   C CE1   . PHE A 1 5   ? 1.734   2.885   -0.450  1.00 10.66 ? 5   PHE A CE1   1 
ATOM   41   C CE2   . PHE A 1 5   ? 2.324   0.812   -1.474  1.00 10.88 ? 5   PHE A CE2   1 
ATOM   42   C CZ    . PHE A 1 5   ? 1.608   1.513   -0.530  1.00 10.73 ? 5   PHE A CZ    1 
ATOM   43   N N     . GLY A 1 6   ? 7.058   3.739   -1.928  1.00 11.15 ? 6   GLY A N     1 
ATOM   44   C CA    . GLY A 1 6   ? 8.003   3.292   -0.921  1.00 11.35 ? 6   GLY A CA    1 
ATOM   45   C C     . GLY A 1 6   ? 8.584   4.448   -0.123  1.00 11.59 ? 6   GLY A C     1 
ATOM   46   O O     . GLY A 1 6   ? 8.799   4.328   1.083   1.00 11.48 ? 6   GLY A O     1 
ATOM   47   N N     . LYS A 1 7   ? 8.848   5.566   -0.791  1.00 11.88 ? 7   LYS A N     1 
ATOM   48   C CA    . LYS A 1 7   ? 9.364   6.752   -0.113  1.00 12.25 ? 7   LYS A CA    1 
ATOM   49   C C     . LYS A 1 7   ? 8.295   7.293   0.840   1.00 11.97 ? 7   LYS A C     1 
ATOM   50   O O     . LYS A 1 7   ? 8.588   7.669   1.974   1.00 11.95 ? 7   LYS A O     1 
ATOM   51   C CB    . LYS A 1 7   ? 9.796   7.807   -1.134  1.00 12.58 ? 7   LYS A CB    1 
ATOM   52   C CG    . LYS A 1 7   ? 9.974   9.205   -0.558  1.00 14.17 ? 7   LYS A CG    1 
ATOM   53   C CD    . LYS A 1 7   ? 10.472  10.189  -1.609  1.00 16.31 ? 7   LYS A CD    1 
ATOM   54   C CE    . LYS A 1 7   ? 10.731  11.571  -1.016  1.00 17.50 ? 7   LYS A CE    1 
ATOM   55   N NZ    . LYS A 1 7   ? 9.513   12.427  -0.949  1.00 18.42 ? 7   LYS A NZ    1 
ATOM   56   N N     . MET A 1 8   ? 7.052   7.314   0.370   1.00 11.71 ? 8   MET A N     1 
ATOM   57   C CA    . MET A 1 8   ? 5.918   7.732   1.182   1.00 11.50 ? 8   MET A CA    1 
ATOM   58   C C     . MET A 1 8   ? 5.750   6.841   2.423   1.00 11.28 ? 8   MET A C     1 
ATOM   59   O O     . MET A 1 8   ? 5.488   7.333   3.520   1.00 11.22 ? 8   MET A O     1 
ATOM   60   C CB    . MET A 1 8   ? 4.661   7.683   0.324   1.00 11.52 ? 8   MET A CB    1 
ATOM   61   C CG    . MET A 1 8   ? 3.475   8.374   0.934   1.00 11.72 ? 8   MET A CG    1 
ATOM   62   S SD    . MET A 1 8   ? 1.990   8.201   -0.084  1.00 11.81 ? 8   MET A SD    1 
ATOM   63   C CE    . MET A 1 8   ? 2.264   9.406   -1.378  1.00 12.13 ? 8   MET A CE    1 
ATOM   64   N N     . ILE A 1 9   ? 5.891   5.532   2.238   1.00 11.07 ? 9   ILE A N     1 
ATOM   65   C CA    . ILE A 1 9   ? 5.811   4.583   3.346   1.00 10.99 ? 9   ILE A CA    1 
ATOM   66   C C     . ILE A 1 9   ? 6.891   4.867   4.388   1.00 11.17 ? 9   ILE A C     1 
ATOM   67   O O     . ILE A 1 9   ? 6.614   4.907   5.587   1.00 11.08 ? 9   ILE A O     1 
ATOM   68   C CB    . ILE A 1 9   ? 5.935   3.142   2.820   1.00 10.87 ? 9   ILE A CB    1 
ATOM   69   C CG1   . ILE A 1 9   ? 4.672   2.753   2.051   1.00 10.52 ? 9   ILE A CG1   1 
ATOM   70   C CG2   . ILE A 1 9   ? 6.180   2.167   3.973   1.00 10.85 ? 9   ILE A CG2   1 
ATOM   71   C CD1   . ILE A 1 9   ? 4.847   1.515   1.198   1.00 10.25 ? 9   ILE A CD1   1 
ATOM   72   N N     . LEU A 1 10  ? 8.124   5.063   3.932   1.00 11.48 ? 10  LEU A N     1 
ATOM   73   C CA    . LEU A 1 10  ? 9.222   5.347   4.844   1.00 11.87 ? 10  LEU A CA    1 
ATOM   74   C C     . LEU A 1 10  ? 8.965   6.658   5.591   1.00 12.04 ? 10  LEU A C     1 
ATOM   75   O O     . LEU A 1 10  ? 9.148   6.730   6.807   1.00 11.96 ? 10  LEU A O     1 
ATOM   76   C CB    . LEU A 1 10  ? 10.550  5.394   4.091   1.00 12.01 ? 10  LEU A CB    1 
ATOM   77   C CG    . LEU A 1 10  ? 11.763  5.799   4.935   1.00 12.64 ? 10  LEU A CG    1 
ATOM   78   C CD1   . LEU A 1 10  ? 12.042  4.797   6.052   1.00 13.13 ? 10  LEU A CD1   1 
ATOM   79   C CD2   . LEU A 1 10  ? 12.975  5.957   4.039   1.00 13.19 ? 10  LEU A CD2   1 
ATOM   80   N N     . GLU A 1 11  ? 8.530   7.688   4.868   1.00 12.33 ? 11  GLU A N     1 
ATOM   81   C CA    . GLU A 1 11  ? 8.232   8.979   5.486   1.00 12.65 ? 11  GLU A CA    1 
ATOM   82   C C     . GLU A 1 11  ? 7.210   8.848   6.594   1.00 12.65 ? 11  GLU A C     1 
ATOM   83   O O     . GLU A 1 11  ? 7.336   9.450   7.654   1.00 12.63 ? 11  GLU A O     1 
ATOM   84   C CB    . GLU A 1 11  ? 7.642   9.957   4.469   1.00 12.80 ? 11  GLU A CB    1 
ATOM   85   C CG    . GLU A 1 11  ? 8.646   10.612  3.549   1.00 13.55 ? 11  GLU A CG    1 
ATOM   86   C CD    . GLU A 1 11  ? 7.991   11.372  2.413   1.00 14.50 ? 11  GLU A CD    1 
ATOM   87   O OE1   . GLU A 1 11  ? 6.758   11.258  2.229   1.00 15.09 ? 11  GLU A OE1   1 
ATOM   88   O OE2   . GLU A 1 11  ? 8.721   12.087  1.699   1.00 15.62 ? 11  GLU A OE2   1 
ATOM   89   N N     . GLU A 1 12  ? 6.180   8.069   6.322   1.00 12.76 ? 12  GLU A N     1 
ATOM   90   C CA    . GLU A 1 12  ? 5.064   7.942   7.230   1.00 12.92 ? 12  GLU A CA    1 
ATOM   91   C C     . GLU A 1 12  ? 5.432   7.094   8.448   1.00 12.71 ? 12  GLU A C     1 
ATOM   92   O O     . GLU A 1 12  ? 5.150   7.475   9.583   1.00 12.68 ? 12  GLU A O     1 
ATOM   93   C CB    . GLU A 1 12  ? 3.934   7.251   6.457   1.00 13.11 ? 12  GLU A CB    1 
ATOM   94   C CG    . GLU A 1 12  ? 2.497   7.771   6.478   1.00 14.14 ? 12  GLU A CG    1 
ATOM   95   C CD    . GLU A 1 12  ? 2.246   9.256   6.642   1.00 14.83 ? 12  GLU A CD    1 
ATOM   96   O OE1   . GLU A 1 12  ? 1.274   9.549   7.369   1.00 16.23 ? 12  GLU A OE1   1 
ATOM   97   O OE2   . GLU A 1 12  ? 2.909   10.113  6.018   1.00 15.48 ? 12  GLU A OE2   1 
ATOM   98   N N     . THR A 1 13  ? 6.085   5.956   8.209   1.00 12.59 ? 13  THR A N     1 
ATOM   99   C CA    . THR A 1 13  ? 6.269   4.949   9.260   1.00 12.55 ? 13  THR A CA    1 
ATOM   100  C C     . THR A 1 13  ? 7.660   4.802   9.848   1.00 12.64 ? 13  THR A C     1 
ATOM   101  O O     . THR A 1 13  ? 7.804   4.232   10.927  1.00 12.79 ? 13  THR A O     1 
ATOM   102  C CB    . THR A 1 13  ? 5.886   3.544   8.737   1.00 12.50 ? 13  THR A CB    1 
ATOM   103  O OG1   . THR A 1 13  ? 6.815   3.129   7.723   1.00 12.20 ? 13  THR A OG1   1 
ATOM   104  C CG2   . THR A 1 13  ? 4.514   3.525   8.064   1.00 12.52 ? 13  THR A CG2   1 
ATOM   105  N N     . GLY A 1 14  ? 8.681   5.276   9.144   1.00 12.68 ? 14  GLY A N     1 
ATOM   106  C CA    . GLY A 1 14  ? 10.051  5.067   9.579   1.00 12.77 ? 14  GLY A CA    1 
ATOM   107  C C     . GLY A 1 14  ? 10.542  3.670   9.266   1.00 12.88 ? 14  GLY A C     1 
ATOM   108  O O     . GLY A 1 14  ? 11.698  3.323   9.511   1.00 13.08 ? 14  GLY A O     1 
ATOM   109  N N     . LYS A 1 15  ? 9.655   2.769   8.580   1.00 13.49 ? 16  LYS A N     1 
ATOM   110  C CA    . LYS A 1 15  ? 10.094  1.485   8.072   1.00 13.55 ? 16  LYS A CA    1 
ATOM   111  C C     . LYS A 1 15  ? 10.349  1.568   6.581   1.00 13.57 ? 16  LYS A C     1 
ATOM   112  O O     . LYS A 1 15  ? 9.632   2.255   5.855   1.00 13.52 ? 16  LYS A O     1 
ATOM   113  C CB    . LYS A 1 15  ? 9.021   0.432   8.327   1.00 13.54 ? 16  LYS A CB    1 
ATOM   114  C CG    . LYS A 1 15  ? 8.754   0.137   9.790   1.00 13.85 ? 16  LYS A CG    1 
ATOM   115  C CD    . LYS A 1 15  ? 7.681   -0.929  9.925   1.00 14.37 ? 16  LYS A CD    1 
ATOM   116  C CE    . LYS A 1 15  ? 7.517   -1.401  11.353  1.00 14.87 ? 16  LYS A CE    1 
ATOM   117  N NZ    . LYS A 1 15  ? 8.587   -2.364  11.736  1.00 15.34 ? 16  LYS A NZ    1 
ATOM   118  N N     . LEU A 1 16  ? 11.374  0.857   6.131   1.00 13.68 ? 17  LEU A N     1 
ATOM   119  C CA    . LEU A 1 16  ? 11.667  0.751   4.713   1.00 13.84 ? 17  LEU A CA    1 
ATOM   120  C C     . LEU A 1 16  ? 10.613  -0.122  4.054   1.00 13.72 ? 17  LEU A C     1 
ATOM   121  O O     . LEU A 1 16  ? 10.296  -1.203  4.547   1.00 13.63 ? 17  LEU A O     1 
ATOM   122  C CB    . LEU A 1 16  ? 13.038  0.121   4.508   1.00 13.98 ? 17  LEU A CB    1 
ATOM   123  C CG    . LEU A 1 16  ? 14.210  0.973   4.983   1.00 14.79 ? 17  LEU A CG    1 
ATOM   124  C CD1   . LEU A 1 16  ? 15.452  0.116   5.119   1.00 15.41 ? 17  LEU A CD1   1 
ATOM   125  C CD2   . LEU A 1 16  ? 14.441  2.131   4.023   1.00 15.32 ? 17  LEU A CD2   1 
ATOM   126  N N     . ALA A 1 17  ? 10.085  0.341   2.927   1.00 13.69 ? 18  ALA A N     1 
ATOM   127  C CA    . ALA A 1 17  ? 9.044   -0.390  2.219   1.00 13.71 ? 18  ALA A CA    1 
ATOM   128  C C     . ALA A 1 17  ? 9.530   -1.809  1.901   1.00 13.81 ? 18  ALA A C     1 
ATOM   129  O O     . ALA A 1 17  ? 8.796   -2.778  2.085   1.00 13.77 ? 18  ALA A O     1 
ATOM   130  C CB    . ALA A 1 17  ? 8.641   0.358   0.971   1.00 13.69 ? 18  ALA A CB    1 
ATOM   131  N N     . ILE A 1 18  ? 10.759  -1.911  1.400   1.00 13.96 ? 19  ILE A N     1 
ATOM   132  C CA    . ILE A 1 18  ? 11.454  -3.189  1.269   1.00 14.19 ? 19  ILE A CA    1 
ATOM   133  C C     . ILE A 1 18  ? 12.460  -3.143  2.425   1.00 14.14 ? 19  ILE A C     1 
ATOM   134  O O     . ILE A 1 18  ? 13.344  -2.288  2.403   1.00 14.20 ? 19  ILE A O     1 
ATOM   135  C CB    . ILE A 1 18  ? 12.223  -3.284  -0.073  1.00 14.31 ? 19  ILE A CB    1 
ATOM   136  C CG1   . ILE A 1 18  ? 11.301  -3.067  -1.276  1.00 14.84 ? 19  ILE A CG1   1 
ATOM   137  C CG2   . ILE A 1 18  ? 12.922  -4.631  -0.195  1.00 14.47 ? 19  ILE A CG2   1 
ATOM   138  C CD1   . ILE A 1 18  ? 12.063  -2.863  -2.583  1.00 15.39 ? 19  ILE A CD1   1 
ATOM   139  N N     . PRO A 1 19  ? 12.420  -4.050  3.402   1.00 14.07 ? 20  PRO A N     1 
ATOM   140  C CA    . PRO A 1 19  ? 11.570  -5.242  3.465   1.00 13.94 ? 20  PRO A CA    1 
ATOM   141  C C     . PRO A 1 19  ? 10.318  -5.225  4.332   1.00 13.76 ? 20  PRO A C     1 
ATOM   142  O O     . PRO A 1 19  ? 9.666   -6.267  4.415   1.00 13.80 ? 20  PRO A O     1 
ATOM   143  C CB    . PRO A 1 19  ? 12.518  -6.218  4.148   1.00 14.00 ? 20  PRO A CB    1 
ATOM   144  C CG    . PRO A 1 19  ? 13.162  -5.355  5.215   1.00 14.11 ? 20  PRO A CG    1 
ATOM   145  C CD    . PRO A 1 19  ? 13.321  -3.991  4.566   1.00 14.10 ? 20  PRO A CD    1 
ATOM   146  N N     . SER A 1 20  ? 9.964   -4.115  4.957   1.00 13.51 ? 21  SER A N     1 
ATOM   147  C CA    . SER A 1 20  ? 8.868   -4.160  5.921   1.00 13.37 ? 21  SER A CA    1 
ATOM   148  C C     . SER A 1 20  ? 7.473   -4.376  5.335   1.00 13.30 ? 21  SER A C     1 
ATOM   149  O O     . SER A 1 20  ? 6.613   -4.946  6.004   1.00 13.25 ? 21  SER A O     1 
ATOM   150  C CB    . SER A 1 20  ? 8.863   -2.907  6.793   1.00 13.32 ? 21  SER A CB    1 
ATOM   151  O OG    . SER A 1 20  ? 10.046  -2.838  7.569   1.00 13.36 ? 21  SER A OG    1 
ATOM   152  N N     . TYR A 1 21  ? 7.242   -3.931  4.103   1.00 13.27 ? 22  TYR A N     1 
ATOM   153  C CA    . TYR A 1 21  ? 5.902   -3.999  3.516   1.00 13.29 ? 22  TYR A CA    1 
ATOM   154  C C     . TYR A 1 21  ? 5.866   -4.625  2.122   1.00 13.55 ? 22  TYR A C     1 
ATOM   155  O O     . TYR A 1 21  ? 4.838   -4.591  1.447   1.00 13.65 ? 22  TYR A O     1 
ATOM   156  C CB    . TYR A 1 21  ? 5.300   -2.591  3.442   1.00 13.18 ? 22  TYR A CB    1 
ATOM   157  C CG    . TYR A 1 21  ? 5.034   -1.954  4.789   1.00 12.58 ? 22  TYR A CG    1 
ATOM   158  C CD1   . TYR A 1 21  ? 3.896   -2.273  5.513   1.00 12.05 ? 22  TYR A CD1   1 
ATOM   159  C CD2   . TYR A 1 21  ? 5.915   -1.027  5.332   1.00 12.19 ? 22  TYR A CD2   1 
ATOM   160  C CE1   . TYR A 1 21  ? 3.644   -1.694  6.739   1.00 11.90 ? 22  TYR A CE1   1 
ATOM   161  C CE2   . TYR A 1 21  ? 5.670   -0.443  6.556   1.00 11.87 ? 22  TYR A CE2   1 
ATOM   162  C CZ    . TYR A 1 21  ? 4.533   -0.780  7.257   1.00 11.71 ? 22  TYR A CZ    1 
ATOM   163  O OH    . TYR A 1 21  ? 4.285   -0.200  8.479   1.00 11.70 ? 22  TYR A OH    1 
ATOM   164  N N     . SER A 1 22  ? 6.984   -5.199  1.693   1.00 13.79 ? 23  SER A N     1 
ATOM   165  C CA    . SER A 1 22  ? 7.086   -5.772  0.358   1.00 14.00 ? 23  SER A CA    1 
ATOM   166  C C     . SER A 1 22  ? 6.688   -7.247  0.289   1.00 14.03 ? 23  SER A C     1 
ATOM   167  O O     . SER A 1 22  ? 6.485   -7.782  -0.801  1.00 14.10 ? 23  SER A O     1 
ATOM   168  C CB    . SER A 1 22  ? 8.522   -5.625  -0.137  1.00 14.08 ? 23  SER A CB    1 
ATOM   169  O OG    . SER A 1 22  ? 9.427   -6.151  0.817   1.00 14.51 ? 23  SER A OG    1 
ATOM   170  N N     . SER A 1 23  ? 6.597   -7.905  1.441   1.00 14.02 ? 24  SER A N     1 
ATOM   171  C CA    . SER A 1 23  ? 6.264   -9.329  1.487   1.00 14.07 ? 24  SER A CA    1 
ATOM   172  C C     . SER A 1 23  ? 5.464   -9.688  2.734   1.00 13.85 ? 24  SER A C     1 
ATOM   173  O O     . SER A 1 23  ? 5.545   -10.810 3.235   1.00 14.13 ? 24  SER A O     1 
ATOM   174  C CB    . SER A 1 23  ? 7.549   -10.151 1.489   1.00 14.12 ? 24  SER A CB    1 
ATOM   175  O OG    . SER A 1 23  ? 8.262   -9.948  2.697   1.00 14.76 ? 24  SER A OG    1 
ATOM   176  N N     . TYR A 1 24  ? 4.654   -8.750  3.198   1.00 13.49 ? 25  TYR A N     1 
ATOM   177  C CA    . TYR A 1 24  ? 3.969   -8.889  4.471   1.00 13.11 ? 25  TYR A CA    1 
ATOM   178  C C     . TYR A 1 24  ? 2.582   -9.479  4.301   1.00 13.06 ? 25  TYR A C     1 
ATOM   179  O O     . TYR A 1 24  ? 1.785   -9.001  3.496   1.00 12.97 ? 25  TYR A O     1 
ATOM   180  C CB    . TYR A 1 24  ? 3.891   -7.510  5.123   1.00 12.99 ? 25  TYR A CB    1 
ATOM   181  C CG    . TYR A 1 24  ? 3.343   -7.441  6.527   1.00 12.40 ? 25  TYR A CG    1 
ATOM   182  C CD1   . TYR A 1 24  ? 1.976   -7.477  6.768   1.00 11.82 ? 25  TYR A CD1   1 
ATOM   183  C CD2   . TYR A 1 24  ? 4.192   -7.266  7.609   1.00 11.94 ? 25  TYR A CD2   1 
ATOM   184  C CE1   . TYR A 1 24  ? 1.478   -7.378  8.051   1.00 11.57 ? 25  TYR A CE1   1 
ATOM   185  C CE2   . TYR A 1 24  ? 3.704   -7.166  8.891   1.00 11.68 ? 25  TYR A CE2   1 
ATOM   186  C CZ    . TYR A 1 24  ? 2.349   -7.221  9.109   1.00 11.46 ? 25  TYR A CZ    1 
ATOM   187  O OH    . TYR A 1 24  ? 1.872   -7.118  10.393  1.00 11.52 ? 25  TYR A OH    1 
ATOM   188  N N     . GLY A 1 25  ? 2.305   -10.534 5.056   1.00 12.98 ? 26  GLY A N     1 
ATOM   189  C CA    . GLY A 1 25  ? 0.993   -11.142 5.043   1.00 13.05 ? 26  GLY A CA    1 
ATOM   190  C C     . GLY A 1 25  ? 0.594   -11.654 3.680   1.00 13.15 ? 26  GLY A C     1 
ATOM   191  O O     . GLY A 1 25  ? 1.431   -12.089 2.887   1.00 13.05 ? 26  GLY A O     1 
ATOM   192  N N     . CYS A 1 26  ? -0.700  -11.583 3.406   1.00 13.42 ? 27  CYS A N     1 
ATOM   193  C CA    . CYS A 1 26  ? -1.249  -12.119 2.175   1.00 13.79 ? 27  CYS A CA    1 
ATOM   194  C C     . CYS A 1 26  ? -1.364  -11.105 1.046   1.00 14.02 ? 27  CYS A C     1 
ATOM   195  O O     . CYS A 1 26  ? -1.459  -11.493 -0.117  1.00 13.97 ? 27  CYS A O     1 
ATOM   196  C CB    . CYS A 1 26  ? -2.627  -12.718 2.455   1.00 13.86 ? 27  CYS A CB    1 
ATOM   197  S SG    . CYS A 1 26  ? -2.531  -14.184 3.497   1.00 14.74 ? 27  CYS A SG    1 
ATOM   198  N N     . TYR A 1 27  ? -1.345  -9.817  1.373   1.00 14.45 ? 28  TYR A N     1 
ATOM   199  C CA    . TYR A 1 27  ? -1.600  -8.796  0.359   1.00 14.90 ? 28  TYR A CA    1 
ATOM   200  C C     . TYR A 1 27  ? -0.525  -7.744  0.142   1.00 15.74 ? 28  TYR A C     1 
ATOM   201  O O     . TYR A 1 27  ? -0.574  -7.021  -0.853  1.00 15.73 ? 28  TYR A O     1 
ATOM   202  C CB    . TYR A 1 27  ? -2.938  -8.121  0.657   1.00 14.72 ? 28  TYR A CB    1 
ATOM   203  C CG    . TYR A 1 27  ? -4.067  -9.087  0.429   1.00 14.13 ? 28  TYR A CG    1 
ATOM   204  C CD1   . TYR A 1 27  ? -4.556  -9.870  1.463   1.00 13.60 ? 28  TYR A CD1   1 
ATOM   205  C CD2   . TYR A 1 27  ? -4.593  -9.273  -0.840  1.00 13.80 ? 28  TYR A CD2   1 
ATOM   206  C CE1   . TYR A 1 27  ? -5.567  -10.782 1.248   1.00 13.57 ? 28  TYR A CE1   1 
ATOM   207  C CE2   . TYR A 1 27  ? -5.600  -10.182 -1.066  1.00 13.69 ? 28  TYR A CE2   1 
ATOM   208  C CZ    . TYR A 1 27  ? -6.085  -10.934 -0.023  1.00 13.61 ? 28  TYR A CZ    1 
ATOM   209  O OH    . TYR A 1 27  ? -7.094  -11.836 -0.264  1.00 13.80 ? 28  TYR A OH    1 
ATOM   210  N N     . CYS A 1 28  ? 0.449   -7.651  1.038   1.00 16.86 ? 29  CYS A N     1 
ATOM   211  C CA    . CYS A 1 28  ? 1.455   -6.608  0.896   1.00 17.75 ? 29  CYS A CA    1 
ATOM   212  C C     . CYS A 1 28  ? 2.585   -7.007  -0.003  1.00 19.61 ? 29  CYS A C     1 
ATOM   213  O O     . CYS A 1 28  ? 3.321   -7.951  0.281   1.00 19.73 ? 29  CYS A O     1 
ATOM   214  C CB    . CYS A 1 28  ? 2.082   -6.225  2.229   1.00 17.41 ? 29  CYS A CB    1 
ATOM   215  S SG    . CYS A 1 28  ? 0.929   -5.554  3.421   1.00 14.79 ? 29  CYS A SG    1 
ATOM   216  N N     . GLY A 1 29  ? 2.736   -6.257  -1.081  1.00 21.77 ? 30  GLY A N     1 
ATOM   217  C CA    . GLY A 1 29  ? 3.878   -6.433  -1.941  1.00 23.51 ? 30  GLY A CA    1 
ATOM   218  C C     . GLY A 1 29  ? 3.584   -7.346  -3.103  1.00 25.17 ? 30  GLY A C     1 
ATOM   219  O O     . GLY A 1 29  ? 4.096   -7.123  -4.197  1.00 25.37 ? 30  GLY A O     1 
ATOM   220  N N     . TRP A 1 30  ? 2.751   -8.361  -2.887  1.00 27.08 ? 31  TRP A N     1 
ATOM   221  C CA    . TRP A 1 30  ? 2.492   -9.329  -3.945  1.00 28.69 ? 31  TRP A CA    1 
ATOM   222  C C     . TRP A 1 30  ? 1.075   -9.944  -3.958  1.00 28.42 ? 31  TRP A C     1 
ATOM   223  O O     . TRP A 1 30  ? 0.870   -11.009 -4.539  1.00 28.62 ? 31  TRP A O     1 
ATOM   224  C CB    . TRP A 1 30  ? 3.555   -10.425 -3.857  1.00 29.50 ? 31  TRP A CB    1 
ATOM   225  C CG    . TRP A 1 30  ? 4.281   -10.635 -5.139  1.00 33.58 ? 31  TRP A CG    1 
ATOM   226  C CD1   . TRP A 1 30  ? 5.194   -9.795  -5.711  1.00 36.81 ? 31  TRP A CD1   1 
ATOM   227  C CD2   . TRP A 1 30  ? 4.159   -11.751 -6.020  1.00 38.01 ? 31  TRP A CD2   1 
ATOM   228  N NE1   . TRP A 1 30  ? 5.648   -10.325 -6.895  1.00 38.40 ? 31  TRP A NE1   1 
ATOM   229  C CE2   . TRP A 1 30  ? 5.027   -11.527 -7.107  1.00 39.21 ? 31  TRP A CE2   1 
ATOM   230  C CE3   . TRP A 1 30  ? 3.402   -12.926 -6.002  1.00 39.93 ? 31  TRP A CE3   1 
ATOM   231  C CZ2   . TRP A 1 30  ? 5.157   -12.428 -8.157  1.00 40.76 ? 31  TRP A CZ2   1 
ATOM   232  C CZ3   . TRP A 1 30  ? 3.534   -13.817 -7.047  1.00 41.15 ? 31  TRP A CZ3   1 
ATOM   233  C CH2   . TRP A 1 30  ? 4.403   -13.563 -8.109  1.00 41.41 ? 31  TRP A CH2   1 
ATOM   234  N N     . GLY A 1 31  ? 0.124   -9.250  -3.324  1.00 28.16 ? 32  GLY A N     1 
ATOM   235  C CA    . GLY A 1 31  ? -1.298  -9.600  -3.234  1.00 27.75 ? 32  GLY A CA    1 
ATOM   236  C C     . GLY A 1 31  ? -1.892  -10.899 -3.758  1.00 27.18 ? 32  GLY A C     1 
ATOM   237  O O     . GLY A 1 31  ? -1.176  -11.826 -4.136  1.00 27.28 ? 32  GLY A O     1 
ATOM   238  N N     . GLY A 1 32  ? -3.228  -10.977 -3.704  1.00 26.30 ? 33  GLY A N     1 
ATOM   239  C CA    . GLY A 1 32  ? -3.979  -12.046 -4.349  1.00 25.46 ? 33  GLY A CA    1 
ATOM   240  C C     . GLY A 1 32  ? -5.131  -12.765 -3.666  1.00 24.52 ? 33  GLY A C     1 
ATOM   241  O O     . GLY A 1 32  ? -6.276  -12.665 -4.110  1.00 24.53 ? 33  GLY A O     1 
ATOM   242  N N     . LYS A 1 33  ? -4.836  -13.521 -2.615  1.00 23.24 ? 34  LYS A N     1 
ATOM   243  C CA    . LYS A 1 33  ? -5.836  -14.402 -2.025  1.00 22.17 ? 34  LYS A CA    1 
ATOM   244  C C     . LYS A 1 33  ? -5.668  -14.481 -0.521  1.00 21.18 ? 34  LYS A C     1 
ATOM   245  O O     . LYS A 1 33  ? -4.661  -14.032 0.022   1.00 21.07 ? 34  LYS A O     1 
ATOM   246  C CB    . LYS A 1 33  ? -5.761  -15.803 -2.682  1.00 22.11 ? 34  LYS A CB    1 
ATOM   247  C CG    . LYS A 1 33  ? -4.709  -16.783 -2.183  1.00 21.86 ? 34  LYS A CG    1 
ATOM   248  C CD    . LYS A 1 33  ? -4.536  -18.023 -3.127  1.00 21.44 ? 34  LYS A CD    1 
ATOM   249  C CE    . LYS A 1 33  ? -3.968  -17.929 -4.565  1.00 21.33 ? 34  LYS A CE    1 
ATOM   250  N NZ    . LYS A 1 33  ? -3.164  -16.785 -5.067  1.00 21.37 ? 34  LYS A NZ    1 
ATOM   251  N N     . GLY A 1 34  ? -6.675  -15.027 0.149   1.00 19.95 ? 35  GLY A N     1 
ATOM   252  C CA    . GLY A 1 34  ? -6.608  -15.228 1.579   1.00 19.01 ? 35  GLY A CA    1 
ATOM   253  C C     . GLY A 1 34  ? -7.286  -14.149 2.386   1.00 18.08 ? 35  GLY A C     1 
ATOM   254  O O     . GLY A 1 34  ? -7.630  -13.079 1.885   1.00 17.92 ? 35  GLY A O     1 
ATOM   255  N N     . THR A 1 35  ? -7.497  -14.459 3.655   1.00 17.01 ? 36  THR A N     1 
ATOM   256  C CA    . THR A 1 35  ? -7.986  -13.487 4.605   1.00 16.22 ? 36  THR A CA    1 
ATOM   257  C C     . THR A 1 35  ? -6.769  -12.694 5.083   1.00 15.41 ? 36  THR A C     1 
ATOM   258  O O     . THR A 1 35  ? -5.809  -13.291 5.570   1.00 15.29 ? 36  THR A O     1 
ATOM   259  C CB    . THR A 1 35  ? -8.624  -14.209 5.788   1.00 16.21 ? 36  THR A CB    1 
ATOM   260  O OG1   . THR A 1 35  ? -9.812  -14.889 5.361   1.00 16.49 ? 36  THR A OG1   1 
ATOM   261  C CG2   . THR A 1 35  ? -9.103  -13.225 6.842   1.00 16.24 ? 36  THR A CG2   1 
ATOM   262  N N     . PRO A 1 36  ? -6.783  -11.370 4.949   1.00 14.47 ? 37  PRO A N     1 
ATOM   263  C CA    . PRO A 1 36  ? -5.653  -10.566 5.425   1.00 13.98 ? 37  PRO A CA    1 
ATOM   264  C C     . PRO A 1 36  ? -5.334  -10.913 6.873   1.00 13.58 ? 37  PRO A C     1 
ATOM   265  O O     . PRO A 1 36  ? -6.243  -11.147 7.668   1.00 13.53 ? 37  PRO A O     1 
ATOM   266  C CB    . PRO A 1 36  ? -6.157  -9.133  5.278   1.00 13.93 ? 37  PRO A CB    1 
ATOM   267  C CG    . PRO A 1 36  ? -7.139  -9.209  4.175   1.00 14.05 ? 37  PRO A CG    1 
ATOM   268  C CD    . PRO A 1 36  ? -7.832  -10.530 4.350   1.00 14.35 ? 37  PRO A CD    1 
ATOM   269  N N     . LYS A 1 37  ? -4.051  -10.939 7.208   1.00 13.13 ? 38  LYS A N     1 
ATOM   270  C CA    . LYS A 1 37  ? -3.616  -11.438 8.506   1.00 12.89 ? 38  LYS A CA    1 
ATOM   271  C C     . LYS A 1 37  ? -3.878  -10.502 9.672   1.00 12.40 ? 38  LYS A C     1 
ATOM   272  O O     . LYS A 1 37  ? -4.036  -10.953 10.804  1.00 12.48 ? 38  LYS A O     1 
ATOM   273  C CB    . LYS A 1 37  ? -2.117  -11.747 8.475   1.00 13.01 ? 38  LYS A CB    1 
ATOM   274  C CG    . LYS A 1 37  ? -1.688  -12.773 7.437   1.00 13.65 ? 38  LYS A CG    1 
ATOM   275  C CD    . LYS A 1 37  ? -2.575  -14.008 7.434   1.00 14.53 ? 38  LYS A CD    1 
ATOM   276  C CE    . LYS A 1 37  ? -2.537  -14.744 8.762   1.00 15.05 ? 38  LYS A CE    1 
ATOM   277  N NZ    . LYS A 1 37  ? -3.354  -15.988 8.735   1.00 15.68 ? 38  LYS A NZ    1 
ATOM   278  N N     . ASP A 1 38  ? -3.896  -9.204  9.404   1.00 11.82 ? 39  ASP A N     1 
ATOM   279  C CA    . ASP A 1 38  ? -4.047  -8.212  10.453  1.00 11.39 ? 39  ASP A CA    1 
ATOM   280  C C     . ASP A 1 38  ? -4.382  -6.881  9.793   1.00 11.04 ? 39  ASP A C     1 
ATOM   281  O O     . ASP A 1 38  ? -4.596  -6.825  8.583   1.00 10.86 ? 39  ASP A O     1 
ATOM   282  C CB    . ASP A 1 38  ? -2.783  -8.135  11.322  1.00 11.37 ? 39  ASP A CB    1 
ATOM   283  C CG    . ASP A 1 38  ? -1.580  -7.591  10.585  1.00 11.21 ? 39  ASP A CG    1 
ATOM   284  O OD1   . ASP A 1 38  ? -1.670  -7.309  9.371   1.00 11.16 ? 39  ASP A OD1   1 
ATOM   285  O OD2   . ASP A 1 38  ? -0.488  -7.410  11.165  1.00 11.27 ? 39  ASP A OD2   1 
ATOM   286  N N     . ALA A 1 39  ? -4.432  -5.813  10.576  1.00 10.66 ? 40  ALA A N     1 
ATOM   287  C CA    . ALA A 1 39  ? -4.832  -4.519  10.036  1.00 10.43 ? 40  ALA A CA    1 
ATOM   288  C C     . ALA A 1 39  ? -3.862  -3.995  8.978   1.00 10.20 ? 40  ALA A C     1 
ATOM   289  O O     . ALA A 1 39  ? -4.289  -3.427  7.975   1.00 10.12 ? 40  ALA A O     1 
ATOM   290  C CB    . ALA A 1 39  ? -5.018  -3.516  11.148  1.00 10.46 ? 40  ALA A CB    1 
ATOM   291  N N     . THR A 1 40  ? -2.564  -4.171  9.199   1.00 9.94  ? 41  THR A N     1 
ATOM   292  C CA    . THR A 1 40  ? -1.573  -3.762  8.212   1.00 9.83  ? 41  THR A CA    1 
ATOM   293  C C     . THR A 1 40  ? -1.822  -4.475  6.884   1.00 9.72  ? 41  THR A C     1 
ATOM   294  O O     . THR A 1 40  ? -1.804  -3.854  5.825   1.00 9.70  ? 41  THR A O     1 
ATOM   295  C CB    . THR A 1 40  ? -0.163  -4.064  8.726   1.00 9.76  ? 41  THR A CB    1 
ATOM   296  O OG1   . THR A 1 40  ? 0.181   -3.132  9.760   1.00 10.03 ? 41  THR A OG1   1 
ATOM   297  C CG2   . THR A 1 40  ? 0.885   -3.835  7.641   1.00 9.79  ? 41  THR A CG2   1 
ATOM   298  N N     . ASP A 1 41  ? -2.050  -5.781  6.943   1.00 9.67  ? 42  ASP A N     1 
ATOM   299  C CA    . ASP A 1 41  ? -2.328  -6.557  5.741   1.00 9.71  ? 42  ASP A CA    1 
ATOM   300  C C     . ASP A 1 41  ? -3.620  -6.062  5.079   1.00 9.71  ? 42  ASP A C     1 
ATOM   301  O O     . ASP A 1 41  ? -3.717  -6.022  3.854   1.00 9.72  ? 42  ASP A O     1 
ATOM   302  C CB    . ASP A 1 41  ? -2.418  -8.038  6.106   1.00 9.75  ? 42  ASP A CB    1 
ATOM   303  C CG    . ASP A 1 41  ? -2.172  -8.957  4.934   1.00 9.97  ? 42  ASP A CG    1 
ATOM   304  O OD1   . ASP A 1 41  ? -1.716  -8.502  3.862   1.00 10.75 ? 42  ASP A OD1   1 
ATOM   305  O OD2   . ASP A 1 41  ? -2.406  -10.180 5.018   1.00 10.49 ? 42  ASP A OD2   1 
ATOM   306  N N     . ARG A 1 42  ? -4.606  -5.665  5.882   1.00 9.72  ? 43  ARG A N     1 
ATOM   307  C CA    . ARG A 1 42  ? -5.837  -5.106  5.325   1.00 9.81  ? 43  ARG A CA    1 
ATOM   308  C C     . ARG A 1 42  ? -5.553  -3.784  4.604   1.00 9.77  ? 43  ARG A C     1 
ATOM   309  O O     . ARG A 1 42  ? -6.211  -3.468  3.616   1.00 9.76  ? 43  ARG A O     1 
ATOM   310  C CB    . ARG A 1 42  ? -6.917  -4.936  6.391   1.00 9.86  ? 43  ARG A CB    1 
ATOM   311  C CG    . ARG A 1 42  ? -7.502  -6.257  6.855   1.00 10.12 ? 43  ARG A CG    1 
ATOM   312  C CD    . ARG A 1 42  ? -8.765  -6.113  7.674   1.00 10.65 ? 43  ARG A CD    1 
ATOM   313  N NE    . ARG A 1 42  ? -8.521  -5.542  8.996   1.00 11.12 ? 43  ARG A NE    1 
ATOM   314  C CZ    . ARG A 1 42  ? -8.131  -6.237  10.059  1.00 11.72 ? 43  ARG A CZ    1 
ATOM   315  N NH1   . ARG A 1 42  ? -7.917  -7.545  9.978   1.00 12.00 ? 43  ARG A NH1   1 
ATOM   316  N NH2   . ARG A 1 42  ? -7.947  -5.620  11.215  1.00 11.82 ? 43  ARG A NH2   1 
ATOM   317  N N     . CYS A 1 43  ? -4.583  -3.008  5.085   1.00 9.84  ? 44  CYS A N     1 
ATOM   318  C CA    . CYS A 1 43  ? -4.174  -1.810  4.352   1.00 9.92  ? 44  CYS A CA    1 
ATOM   319  C C     . CYS A 1 43  ? -3.777  -2.196  2.933   1.00 9.94  ? 44  CYS A C     1 
ATOM   320  O O     . CYS A 1 43  ? -4.146  -1.529  1.967   1.00 9.85  ? 44  CYS A O     1 
ATOM   321  C CB    . CYS A 1 43  ? -2.965  -1.134  5.000   1.00 9.95  ? 44  CYS A CB    1 
ATOM   322  S SG    . CYS A 1 43  ? -3.221  -0.515  6.668   1.00 10.44 ? 44  CYS A SG    1 
ATOM   323  N N     . CYS A 1 44  ? -3.003  -3.270  2.816   1.00 10.10 ? 45  CYS A N     1 
ATOM   324  C CA    . CYS A 1 44  ? -2.544  -3.740  1.517   1.00 10.34 ? 45  CYS A CA    1 
ATOM   325  C C     . CYS A 1 44  ? -3.677  -4.312  0.687   1.00 10.15 ? 45  CYS A C     1 
ATOM   326  O O     . CYS A 1 44  ? -3.705  -4.131  -0.528  1.00 10.08 ? 45  CYS A O     1 
ATOM   327  C CB    . CYS A 1 44  ? -1.444  -4.770  1.691   1.00 10.52 ? 45  CYS A CB    1 
ATOM   328  S SG    . CYS A 1 44  ? 0.030   -4.047  2.419   1.00 12.09 ? 45  CYS A SG    1 
ATOM   329  N N     . PHE A 1 45  ? -4.599  -5.014  1.337   1.00 10.03 ? 46  PHE A N     1 
ATOM   330  C CA    . PHE A 1 45  ? -5.765  -5.534  0.641   1.00 10.03 ? 46  PHE A CA    1 
ATOM   331  C C     . PHE A 1 45  ? -6.522  -4.388  -0.027  1.00 9.79  ? 46  PHE A C     1 
ATOM   332  O O     . PHE A 1 45  ? -6.833  -4.437  -1.217  1.00 9.76  ? 46  PHE A O     1 
ATOM   333  C CB    . PHE A 1 45  ? -6.700  -6.278  1.597   1.00 10.17 ? 46  PHE A CB    1 
ATOM   334  C CG    . PHE A 1 45  ? -7.933  -6.789  0.921   1.00 10.94 ? 46  PHE A CG    1 
ATOM   335  C CD1   . PHE A 1 45  ? -7.912  -8.002  0.261   1.00 11.88 ? 46  PHE A CD1   1 
ATOM   336  C CD2   . PHE A 1 45  ? -9.095  -6.038  0.894   1.00 11.75 ? 46  PHE A CD2   1 
ATOM   337  C CE1   . PHE A 1 45  ? -9.031  -8.472  -0.390  1.00 12.36 ? 46  PHE A CE1   1 
ATOM   338  C CE2   . PHE A 1 45  ? -10.220 -6.507  0.243   1.00 12.01 ? 46  PHE A CE2   1 
ATOM   339  C CZ    . PHE A 1 45  ? -10.186 -7.724  -0.400  1.00 12.36 ? 46  PHE A CZ    1 
ATOM   340  N N     . VAL A 1 46  ? -6.819  -3.354  0.752   1.00 9.58  ? 47  VAL A N     1 
ATOM   341  C CA    . VAL A 1 46  ? -7.555  -2.202  0.245   1.00 9.50  ? 47  VAL A CA    1 
ATOM   342  C C     . VAL A 1 46  ? -6.751  -1.468  -0.830  1.00 9.43  ? 47  VAL A C     1 
ATOM   343  O O     . VAL A 1 46  ? -7.307  -1.022  -1.831  1.00 9.47  ? 47  VAL A O     1 
ATOM   344  C CB    . VAL A 1 46  ? -7.954  -1.255  1.392   1.00 9.50  ? 47  VAL A CB    1 
ATOM   345  C CG1   . VAL A 1 46  ? -8.532  0.042   0.846   1.00 9.44  ? 47  VAL A CG1   1 
ATOM   346  C CG2   . VAL A 1 46  ? -8.963  -1.954  2.316   1.00 9.46  ? 47  VAL A CG2   1 
ATOM   347  N N     . HIS A 1 47  ? -5.443  -1.362  -0.632  1.00 9.41  ? 48  HIS A N     1 
ATOM   348  C CA    . HIS A 1 47  ? -4.576  -0.716  -1.605  1.00 9.44  ? 48  HIS A CA    1 
ATOM   349  C C     . HIS A 1 47  ? -4.618  -1.477  -2.928  1.00 9.65  ? 48  HIS A C     1 
ATOM   350  O O     . HIS A 1 47  ? -4.681  -0.870  -3.997  1.00 9.56  ? 48  HIS A O     1 
ATOM   351  C CB    . HIS A 1 47  ? -3.157  -0.650  -1.052  1.00 9.36  ? 48  HIS A CB    1 
ATOM   352  C CG    . HIS A 1 47  ? -2.192  0.096   -1.917  1.00 9.27  ? 48  HIS A CG    1 
ATOM   353  N ND1   . HIS A 1 47  ? -1.122  -0.517  -2.529  1.00 9.57  ? 48  HIS A ND1   1 
ATOM   354  C CD2   . HIS A 1 47  ? -2.113  1.408   -2.245  1.00 9.19  ? 48  HIS A CD2   1 
ATOM   355  C CE1   . HIS A 1 47  ? -0.434  0.381   -3.211  1.00 9.51  ? 48  HIS A CE1   1 
ATOM   356  N NE2   . HIS A 1 47  ? -1.014  1.557   -3.053  1.00 9.31  ? 48  HIS A NE2   1 
ATOM   357  N N     . ASP A 1 48  ? -4.596  -2.804  -2.852  1.00 9.94  ? 49  ASP A N     1 
ATOM   358  C CA    . ASP A 1 48  ? -4.697  -3.634  -4.048  1.00 10.35 ? 49  ASP A CA    1 
ATOM   359  C C     . ASP A 1 48  ? -6.038  -3.387  -4.742  1.00 10.42 ? 49  ASP A C     1 
ATOM   360  O O     . ASP A 1 48  ? -6.094  -3.247  -5.963  1.00 10.43 ? 49  ASP A O     1 
ATOM   361  C CB    . ASP A 1 48  ? -4.571  -5.115  -3.698  1.00 10.54 ? 49  ASP A CB    1 
ATOM   362  C CG    . ASP A 1 48  ? -3.187  -5.494  -3.212  1.00 11.27 ? 49  ASP A CG    1 
ATOM   363  O OD1   . ASP A 1 48  ? -2.233  -4.704  -3.383  1.00 12.45 ? 49  ASP A OD1   1 
ATOM   364  O OD2   . ASP A 1 48  ? -2.967  -6.582  -2.641  1.00 13.03 ? 49  ASP A OD2   1 
ATOM   365  N N     . CYS A 1 49  ? -7.117  -3.339  -3.966  1.00 10.57 ? 50  CYS A N     1 
ATOM   366  C CA    . CYS A 1 49  ? -8.435  -3.032  -4.511  1.00 10.83 ? 50  CYS A CA    1 
ATOM   367  C C     . CYS A 1 49  ? -8.442  -1.654  -5.158  1.00 10.72 ? 50  CYS A C     1 
ATOM   368  O O     . CYS A 1 49  ? -9.052  -1.449  -6.209  1.00 10.75 ? 50  CYS A O     1 
ATOM   369  C CB    . CYS A 1 49  ? -9.484  -3.049  -3.402  1.00 11.02 ? 50  CYS A CB    1 
ATOM   370  S SG    . CYS A 1 49  ? -9.773  -4.680  -2.707  1.00 12.11 ? 50  CYS A SG    1 
ATOM   371  N N     . CYS A 1 50  ? -7.773  -0.710  -4.505  1.00 10.66 ? 51  CYS A N     1 
ATOM   372  C CA    . CYS A 1 50  ? -7.721  0.667   -4.969  1.00 10.66 ? 51  CYS A CA    1 
ATOM   373  C C     . CYS A 1 50  ? -7.061  0.714   -6.348  1.00 10.84 ? 51  CYS A C     1 
ATOM   374  O O     . CYS A 1 50  ? -7.582  1.335   -7.274  1.00 10.87 ? 51  CYS A O     1 
ATOM   375  C CB    . CYS A 1 50  ? -6.993  1.531   -3.941  1.00 10.56 ? 51  CYS A CB    1 
ATOM   376  S SG    . CYS A 1 50  ? -7.278  3.300   -4.144  1.00 10.25 ? 51  CYS A SG    1 
ATOM   377  N N     . TYR A 1 51  ? -5.932  0.030   -6.493  1.00 11.09 ? 52  TYR A N     1 
ATOM   378  C CA    . TYR A 1 51  ? -5.279  -0.076  -7.792  1.00 11.33 ? 52  TYR A CA    1 
ATOM   379  C C     . TYR A 1 51  ? -6.187  -0.815  -8.779  1.00 11.77 ? 52  TYR A C     1 
ATOM   380  O O     . TYR A 1 51  ? -6.204  -0.503  -9.969  1.00 11.85 ? 52  TYR A O     1 
ATOM   381  C CB    . TYR A 1 51  ? -3.962  -0.832  -7.670  1.00 11.22 ? 52  TYR A CB    1 
ATOM   382  C CG    . TYR A 1 51  ? -2.770  -0.033  -7.194  1.00 10.90 ? 52  TYR A CG    1 
ATOM   383  C CD1   . TYR A 1 51  ? -2.871  1.301   -6.800  1.00 10.47 ? 52  TYR A CD1   1 
ATOM   384  C CD2   . TYR A 1 51  ? -1.528  -0.634  -7.141  1.00 10.79 ? 52  TYR A CD2   1 
ATOM   385  C CE1   . TYR A 1 51  ? -1.749  1.998   -6.369  1.00 10.45 ? 52  TYR A CE1   1 
ATOM   386  C CE2   . TYR A 1 51  ? -0.419  0.044   -6.717  1.00 10.61 ? 52  TYR A CE2   1 
ATOM   387  C CZ    . TYR A 1 51  ? -0.526  1.357   -6.332  1.00 10.44 ? 52  TYR A CZ    1 
ATOM   388  O OH    . TYR A 1 51  ? 0.603   2.020   -5.911  1.00 10.49 ? 52  TYR A OH    1 
ATOM   389  N N     . GLY A 1 52  ? -6.939  -1.794  -8.279  1.00 12.27 ? 53  GLY A N     1 
ATOM   390  C CA    . GLY A 1 52  ? -7.846  -2.570  -9.108  1.00 12.68 ? 53  GLY A CA    1 
ATOM   391  C C     . GLY A 1 52  ? -8.978  -1.722  -9.666  1.00 13.04 ? 53  GLY A C     1 
ATOM   392  O O     . GLY A 1 52  ? -9.575  -2.071  -10.687 1.00 13.32 ? 53  GLY A O     1 
ATOM   393  N N     . ASN A 1 53  ? -9.284  -0.611  -8.993  1.00 13.41 ? 54  ASN A N     1 
ATOM   394  C CA    . ASN A 1 53  ? -10.286 0.330   -9.486  1.00 13.68 ? 54  ASN A CA    1 
ATOM   395  C C     . ASN A 1 53  ? -9.766  1.049   -10.750 1.00 13.76 ? 54  ASN A C     1 
ATOM   396  O O     . ASN A 1 53  ? -10.534 1.724   -11.431 1.00 13.83 ? 54  ASN A O     1 
ATOM   397  C CB    . ASN A 1 53  ? -10.622 1.426   -8.445  1.00 13.80 ? 54  ASN A CB    1 
ATOM   398  C CG    . ASN A 1 53  ? -11.243 0.893   -7.151  1.00 14.12 ? 54  ASN A CG    1 
ATOM   399  O OD1   . ASN A 1 53  ? -12.016 -0.062  -7.155  1.00 14.99 ? 54  ASN A OD1   1 
ATOM   400  N ND2   . ASN A 1 53  ? -10.930 1.557   -6.035  1.00 14.40 ? 54  ASN A ND2   1 
ATOM   401  N N     . LEU A 1 54  ? -8.474  0.895   -11.063 1.00 13.84 ? 55  LEU A N     1 
ATOM   402  C CA    . LEU A 1 54  ? -7.811  1.675   -12.122 1.00 13.92 ? 55  LEU A CA    1 
ATOM   403  C C     . LEU A 1 54  ? -7.169  0.787   -13.183 1.00 14.00 ? 55  LEU A C     1 
ATOM   404  O O     . LEU A 1 54  ? -5.959  0.855   -13.397 1.00 13.85 ? 55  LEU A O     1 
ATOM   405  C CB    . LEU A 1 54  ? -6.706  2.537   -11.498 1.00 13.94 ? 55  LEU A CB    1 
ATOM   406  C CG    . LEU A 1 54  ? -7.076  3.326   -10.240 1.00 14.11 ? 55  LEU A CG    1 
ATOM   407  C CD1   . LEU A 1 54  ? -5.836  3.966   -9.633  1.00 14.04 ? 55  LEU A CD1   1 
ATOM   408  C CD2   . LEU A 1 54  ? -8.126  4.377   -10.545 1.00 14.48 ? 55  LEU A CD2   1 
ATOM   409  N N     . PRO A 1 55  ? -7.969  -0.018  -13.876 1.00 14.18 ? 56  PRO A N     1 
ATOM   410  C CA    . PRO A 1 55  ? -7.424  -1.022  -14.796 1.00 14.26 ? 56  PRO A CA    1 
ATOM   411  C C     . PRO A 1 55  ? -6.626  -0.434  -15.945 1.00 14.25 ? 56  PRO A C     1 
ATOM   412  O O     . PRO A 1 55  ? -5.823  -1.147  -16.543 1.00 14.35 ? 56  PRO A O     1 
ATOM   413  C CB    . PRO A 1 55  ? -8.680  -1.715  -15.329 1.00 14.30 ? 56  PRO A CB    1 
ATOM   414  C CG    . PRO A 1 55  ? -9.751  -0.718  -15.161 1.00 14.35 ? 56  PRO A CG    1 
ATOM   415  C CD    . PRO A 1 55  ? -9.441  -0.028  -13.871 1.00 14.22 ? 56  PRO A CD    1 
ATOM   416  N N     . ASP A 1 56  ? -6.905  0.935   -16.281 1.00 13.16 ? 59  ASP A N     1 
ATOM   417  C CA    . ASP A 1 56  ? -6.231  1.523   -17.425 1.00 13.23 ? 59  ASP A CA    1 
ATOM   418  C C     . ASP A 1 56  ? -5.196  2.537   -16.976 1.00 13.13 ? 59  ASP A C     1 
ATOM   419  O O     . ASP A 1 56  ? -4.632  3.277   -17.779 1.00 12.99 ? 59  ASP A O     1 
ATOM   420  C CB    . ASP A 1 56  ? -7.263  2.170   -18.323 1.00 13.34 ? 59  ASP A CB    1 
ATOM   421  C CG    . ASP A 1 56  ? -8.130  1.146   -19.011 1.00 13.75 ? 59  ASP A CG    1 
ATOM   422  O OD1   . ASP A 1 56  ? -9.237  1.496   -19.463 1.00 14.63 ? 59  ASP A OD1   1 
ATOM   423  O OD2   . ASP A 1 56  ? -7.778  -0.045  -19.138 1.00 14.62 ? 59  ASP A OD2   1 
ATOM   424  N N     . CYS A 1 57  ? -4.777  2.369   -15.600 1.00 10.64 ? 61  CYS A N     1 
ATOM   425  C CA    . CYS A 1 57  ? -3.638  3.114   -15.105 1.00 10.66 ? 61  CYS A CA    1 
ATOM   426  C C     . CYS A 1 57  ? -2.518  2.138   -14.819 1.00 10.67 ? 61  CYS A C     1 
ATOM   427  O O     . CYS A 1 57  ? -2.721  0.924   -14.833 1.00 10.83 ? 61  CYS A O     1 
ATOM   428  C CB    . CYS A 1 57  ? -4.024  3.875   -13.846 1.00 10.67 ? 61  CYS A CB    1 
ATOM   429  S SG    . CYS A 1 57  ? -5.388  5.020   -14.137 1.00 10.71 ? 61  CYS A SG    1 
ATOM   430  N N     . ASN A 1 58  ? -1.284  2.653   -14.566 1.00 11.93 ? 67  ASN A N     1 
ATOM   431  C CA    . ASN A 1 58  ? -0.089  1.847   -14.399 1.00 12.06 ? 67  ASN A CA    1 
ATOM   432  C C     . ASN A 1 58  ? 0.634   2.322   -13.152 1.00 12.27 ? 67  ASN A C     1 
ATOM   433  O O     . ASN A 1 58  ? 1.640   3.019   -13.233 1.00 12.15 ? 67  ASN A O     1 
ATOM   434  C CB    . ASN A 1 58  ? 0.769   1.962   -15.649 1.00 12.06 ? 67  ASN A CB    1 
ATOM   435  C CG    . ASN A 1 58  ? 0.074   1.381   -16.860 1.00 12.20 ? 67  ASN A CG    1 
ATOM   436  O OD1   . ASN A 1 58  ? 0.083   0.169   -17.065 1.00 12.91 ? 67  ASN A OD1   1 
ATOM   437  N ND2   . ASN A 1 58  ? -0.573  2.236   -17.643 1.00 12.31 ? 67  ASN A ND2   1 
ATOM   438  N N     . PRO A 1 59  ? 0.104   1.943   -11.990 1.00 12.65 ? 68  PRO A N     1 
ATOM   439  C CA    . PRO A 1 59  ? 0.619   2.447   -10.714 1.00 12.97 ? 68  PRO A CA    1 
ATOM   440  C C     . PRO A 1 59  ? 2.039   2.044   -10.363 1.00 13.28 ? 68  PRO A C     1 
ATOM   441  O O     . PRO A 1 59  ? 2.648   2.716   -9.534  1.00 13.32 ? 68  PRO A O     1 
ATOM   442  C CB    . PRO A 1 59  ? -0.348  1.877   -9.670  1.00 13.03 ? 68  PRO A CB    1 
ATOM   443  C CG    . PRO A 1 59  ? -1.290  1.004   -10.363 1.00 12.99 ? 68  PRO A CG    1 
ATOM   444  C CD    . PRO A 1 59  ? -1.024  1.016   -11.815 1.00 12.67 ? 68  PRO A CD    1 
ATOM   445  N N     . LYS A 1 60  ? 2.561   0.977   -10.948 1.00 13.62 ? 69  LYS A N     1 
ATOM   446  C CA    . LYS A 1 60  ? 3.935   0.603   -10.658 1.00 14.02 ? 69  LYS A CA    1 
ATOM   447  C C     . LYS A 1 60  ? 4.916   1.646   -11.165 1.00 13.49 ? 69  LYS A C     1 
ATOM   448  O O     . LYS A 1 60  ? 5.907   1.950   -10.504 1.00 13.51 ? 69  LYS A O     1 
ATOM   449  C CB    . LYS A 1 60  ? 4.273   -0.743  -11.287 1.00 14.51 ? 69  LYS A CB    1 
ATOM   450  C CG    . LYS A 1 60  ? 3.649   -1.898  -10.553 1.00 16.65 ? 69  LYS A CG    1 
ATOM   451  C CD    . LYS A 1 60  ? 4.031   -3.217  -11.175 1.00 19.47 ? 69  LYS A CD    1 
ATOM   452  C CE    . LYS A 1 60  ? 3.153   -4.343  -10.671 1.00 20.97 ? 69  LYS A CE    1 
ATOM   453  N NZ    . LYS A 1 60  ? 2.992   -5.395  -11.710 1.00 21.97 ? 69  LYS A NZ    1 
ATOM   454  N N     . SER A 1 61  ? 4.620   2.216   -12.328 1.00 12.96 ? 70  SER A N     1 
ATOM   455  C CA    . SER A 1 61  ? 5.574   3.085   -12.999 1.00 12.55 ? 70  SER A CA    1 
ATOM   456  C C     . SER A 1 61  ? 5.185   4.552   -13.123 1.00 11.95 ? 70  SER A C     1 
ATOM   457  O O     . SER A 1 61  ? 6.060   5.412   -13.187 1.00 11.99 ? 70  SER A O     1 
ATOM   458  C CB    . SER A 1 61  ? 5.843   2.529   -14.398 1.00 12.62 ? 70  SER A CB    1 
ATOM   459  O OG    . SER A 1 61  ? 4.651   2.482   -15.163 1.00 13.17 ? 70  SER A OG    1 
ATOM   460  N N     . ASP A 1 62  ? 3.892   4.847   -13.160 1.00 11.27 ? 71  ASP A N     1 
ATOM   461  C CA    . ASP A 1 62  ? 3.446   6.213   -13.387 1.00 10.79 ? 71  ASP A CA    1 
ATOM   462  C C     . ASP A 1 62  ? 3.742   7.049   -12.146 1.00 10.65 ? 71  ASP A C     1 
ATOM   463  O O     . ASP A 1 62  ? 3.377   6.675   -11.032 1.00 10.69 ? 71  ASP A O     1 
ATOM   464  C CB    . ASP A 1 62  ? 1.961   6.204   -13.744 1.00 10.62 ? 71  ASP A CB    1 
ATOM   465  C CG    . ASP A 1 62  ? 1.482   7.506   -14.338 1.00 10.18 ? 71  ASP A CG    1 
ATOM   466  O OD1   . ASP A 1 62  ? 2.280   8.459   -14.471 1.00 9.95  ? 71  ASP A OD1   1 
ATOM   467  O OD2   . ASP A 1 62  ? 0.296   7.647   -14.705 1.00 9.83  ? 71  ASP A OD2   1 
ATOM   468  N N     . ARG A 1 63  ? 4.427   8.171   -12.349 1.00 10.59 ? 72  ARG A N     1 
ATOM   469  C CA    . ARG A 1 63  ? 4.833   9.040   -11.255 1.00 10.67 ? 72  ARG A CA    1 
ATOM   470  C C     . ARG A 1 63  ? 3.831   10.149  -11.003 1.00 10.70 ? 72  ARG A C     1 
ATOM   471  O O     . ARG A 1 63  ? 3.278   10.728  -11.936 1.00 10.66 ? 72  ARG A O     1 
ATOM   472  C CB    . ARG A 1 63  ? 6.187   9.670   -11.567 1.00 10.69 ? 72  ARG A CB    1 
ATOM   473  C CG    . ARG A 1 63  ? 7.296   8.663   -11.734 1.00 11.14 ? 72  ARG A CG    1 
ATOM   474  C CD    . ARG A 1 63  ? 8.672   9.282   -11.685 1.00 11.74 ? 72  ARG A CD    1 
ATOM   475  N NE    . ARG A 1 63  ? 9.702   8.356   -12.140 1.00 12.49 ? 72  ARG A NE    1 
ATOM   476  C CZ    . ARG A 1 63  ? 11.001  8.609   -12.099 1.00 13.32 ? 72  ARG A CZ    1 
ATOM   477  N NH1   . ARG A 1 63  ? 11.863  7.705   -12.542 1.00 13.73 ? 72  ARG A NH1   1 
ATOM   478  N NH2   . ARG A 1 63  ? 11.442  9.762   -11.614 1.00 13.45 ? 72  ARG A NH2   1 
ATOM   479  N N     . TYR A 1 64  ? 3.606   10.440  -9.729  1.00 10.87 ? 73  TYR A N     1 
ATOM   480  C CA    . TYR A 1 64  ? 2.753   11.546  -9.332  1.00 11.06 ? 73  TYR A CA    1 
ATOM   481  C C     . TYR A 1 64  ? 3.568   12.464  -8.432  1.00 11.41 ? 73  TYR A C     1 
ATOM   482  O O     . TYR A 1 64  ? 4.647   12.095  -7.964  1.00 11.55 ? 73  TYR A O     1 
ATOM   483  C CB    . TYR A 1 64  ? 1.512   11.047  -8.583  1.00 10.98 ? 73  TYR A CB    1 
ATOM   484  C CG    . TYR A 1 64  ? 1.834   10.097  -7.452  1.00 10.72 ? 73  TYR A CG    1 
ATOM   485  C CD1   . TYR A 1 64  ? 2.302   10.569  -6.233  1.00 10.66 ? 73  TYR A CD1   1 
ATOM   486  C CD2   . TYR A 1 64  ? 1.686   8.727   -7.610  1.00 10.27 ? 73  TYR A CD2   1 
ATOM   487  C CE1   . TYR A 1 64  ? 2.608   9.703   -5.203  1.00 10.65 ? 73  TYR A CE1   1 
ATOM   488  C CE2   . TYR A 1 64  ? 1.988   7.855   -6.585  1.00 10.28 ? 73  TYR A CE2   1 
ATOM   489  C CZ    . TYR A 1 64  ? 2.451   8.349   -5.384  1.00 10.40 ? 73  TYR A CZ    1 
ATOM   490  O OH    . TYR A 1 64  ? 2.756   7.492   -4.353  1.00 10.76 ? 73  TYR A OH    1 
ATOM   491  N N     . LYS A 1 65  ? 3.042   13.656  -8.184  1.00 11.85 ? 74  LYS A N     1 
ATOM   492  C CA    . LYS A 1 65  ? 3.670   14.590  -7.265  1.00 12.26 ? 74  LYS A CA    1 
ATOM   493  C C     . LYS A 1 65  ? 2.767   14.808  -6.061  1.00 12.41 ? 74  LYS A C     1 
ATOM   494  O O     . LYS A 1 65  ? 1.543   14.821  -6.184  1.00 12.31 ? 74  LYS A O     1 
ATOM   495  C CB    . LYS A 1 65  ? 3.907   15.941  -7.936  1.00 12.42 ? 74  LYS A CB    1 
ATOM   496  C CG    . LYS A 1 65  ? 4.869   15.919  -9.107  1.00 13.17 ? 74  LYS A CG    1 
ATOM   497  C CD    . LYS A 1 65  ? 6.282   15.584  -8.694  1.00 14.27 ? 74  LYS A CD    1 
ATOM   498  C CE    . LYS A 1 65  ? 7.248   15.857  -9.835  1.00 14.85 ? 74  LYS A CE    1 
ATOM   499  N NZ    . LYS A 1 65  ? 8.642   15.474  -9.492  1.00 15.40 ? 74  LYS A NZ    1 
ATOM   500  N N     . TYR A 1 66  ? 3.376   14.989  -4.898  1.00 12.75 ? 75  TYR A N     1 
ATOM   501  C CA    . TYR A 1 66  ? 2.620   15.318  -3.703  1.00 13.07 ? 75  TYR A CA    1 
ATOM   502  C C     . TYR A 1 66  ? 3.478   16.203  -2.824  1.00 13.64 ? 75  TYR A C     1 
ATOM   503  O O     . TYR A 1 66  ? 4.699   16.256  -2.975  1.00 13.68 ? 75  TYR A O     1 
ATOM   504  C CB    . TYR A 1 66  ? 2.165   14.070  -2.939  1.00 12.97 ? 75  TYR A CB    1 
ATOM   505  C CG    . TYR A 1 66  ? 3.269   13.284  -2.270  1.00 12.68 ? 75  TYR A CG    1 
ATOM   506  C CD1   . TYR A 1 66  ? 3.556   13.453  -0.920  1.00 12.54 ? 75  TYR A CD1   1 
ATOM   507  C CD2   . TYR A 1 66  ? 4.004   12.353  -2.981  1.00 12.50 ? 75  TYR A CD2   1 
ATOM   508  C CE1   . TYR A 1 66  ? 4.558   12.724  -0.307  1.00 12.59 ? 75  TYR A CE1   1 
ATOM   509  C CE2   . TYR A 1 66  ? 5.004   11.623  -2.382  1.00 12.54 ? 75  TYR A CE2   1 
ATOM   510  C CZ    . TYR A 1 66  ? 5.278   11.809  -1.045  1.00 12.58 ? 75  TYR A CZ    1 
ATOM   511  O OH    . TYR A 1 66  ? 6.277   11.077  -0.447  1.00 12.90 ? 75  TYR A OH    1 
ATOM   512  N N     . LYS A 1 67  ? 2.826   16.910  -1.917  1.00 14.36 ? 76  LYS A N     1 
ATOM   513  C CA    . LYS A 1 67  ? 3.528   17.752  -0.972  1.00 15.01 ? 76  LYS A CA    1 
ATOM   514  C C     . LYS A 1 67  ? 2.959   17.476  0.411   1.00 15.62 ? 76  LYS A C     1 
ATOM   515  O O     . LYS A 1 67  ? 2.025   16.685  0.565   1.00 15.51 ? 76  LYS A O     1 
ATOM   516  C CB    . LYS A 1 67  ? 3.359   19.223  -1.331  1.00 15.06 ? 76  LYS A CB    1 
ATOM   517  C CG    . LYS A 1 67  ? 1.927   19.679  -1.273  1.00 15.44 ? 76  LYS A CG    1 
ATOM   518  C CD    . LYS A 1 67  ? 1.783   21.113  -1.700  1.00 16.24 ? 76  LYS A CD    1 
ATOM   519  C CE    . LYS A 1 67  ? 0.323   21.500  -1.721  1.00 16.77 ? 76  LYS A CE    1 
ATOM   520  N NZ    . LYS A 1 67  ? 0.112   22.861  -2.275  1.00 17.31 ? 76  LYS A NZ    1 
ATOM   521  N N     . ARG A 1 68  ? 3.546   18.119  1.411   1.00 16.52 ? 77  ARG A N     1 
ATOM   522  C CA    . ARG A 1 68  ? 3.089   18.019  2.784   1.00 17.28 ? 77  ARG A CA    1 
ATOM   523  C C     . ARG A 1 68  ? 2.544   19.383  3.205   1.00 18.05 ? 77  ARG A C     1 
ATOM   524  O O     . ARG A 1 68  ? 3.166   20.409  2.933   1.00 18.10 ? 77  ARG A O     1 
ATOM   525  C CB    . ARG A 1 68  ? 4.257   17.666  3.713   1.00 17.28 ? 77  ARG A CB    1 
ATOM   526  C CG    . ARG A 1 68  ? 4.917   16.317  3.473   1.00 17.23 ? 77  ARG A CG    1 
ATOM   527  C CD    . ARG A 1 68  ? 4.171   15.183  4.154   1.00 17.04 ? 77  ARG A CD    1 
ATOM   528  N NE    . ARG A 1 68  ? 4.635   13.838  3.829   1.00 16.53 ? 77  ARG A NE    1 
ATOM   529  C CZ    . ARG A 1 68  ? 4.179   12.746  4.436   1.00 15.96 ? 77  ARG A CZ    1 
ATOM   530  N NH1   . ARG A 1 68  ? 4.620   11.540  4.104   1.00 15.71 ? 77  ARG A NH1   1 
ATOM   531  N NH2   . ARG A 1 68  ? 3.268   12.859  5.392   1.00 15.83 ? 77  ARG A NH2   1 
ATOM   532  N N     . VAL A 1 69  ? 1.379   19.390  3.845   1.00 18.98 ? 78  VAL A N     1 
ATOM   533  C CA    . VAL A 1 69  ? 0.811   20.598  4.443   1.00 19.74 ? 78  VAL A CA    1 
ATOM   534  C C     . VAL A 1 69  ? 0.607   20.175  5.906   1.00 20.21 ? 78  VAL A C     1 
ATOM   535  O O     . VAL A 1 69  ? -0.256  19.355  6.202   1.00 20.32 ? 78  VAL A O     1 
ATOM   536  C CB    . VAL A 1 69  ? -0.484  21.017  3.744   1.00 19.88 ? 78  VAL A CB    1 
ATOM   537  C CG1   . VAL A 1 69  ? -1.067  22.265  4.395   1.00 20.16 ? 78  VAL A CG1   1 
ATOM   538  C CG2   . VAL A 1 69  ? -0.205  21.258  2.259   1.00 20.07 ? 78  VAL A CG2   1 
ATOM   539  N N     . ASN A 1 70  ? 1.393   20.753  6.812   1.00 20.71 ? 79  ASN A N     1 
ATOM   540  C CA    . ASN A 1 70  ? 1.586   20.203  8.163   1.00 21.07 ? 79  ASN A CA    1 
ATOM   541  C C     . ASN A 1 70  ? 2.336   18.884  7.956   1.00 20.70 ? 79  ASN A C     1 
ATOM   542  O O     . ASN A 1 70  ? 3.395   18.832  7.329   1.00 20.87 ? 79  ASN A O     1 
ATOM   543  C CB    . ASN A 1 70  ? 0.317   19.825  8.963   1.00 21.39 ? 79  ASN A CB    1 
ATOM   544  C CG    . ASN A 1 70  ? -0.853  20.779  8.827   1.00 22.34 ? 79  ASN A CG    1 
ATOM   545  O OD1   . ASN A 1 70  ? -1.203  21.471  9.785   1.00 23.77 ? 79  ASN A OD1   1 
ATOM   546  N ND2   . ASN A 1 70  ? -1.558  20.704  7.706   1.00 23.68 ? 79  ASN A ND2   1 
ATOM   547  N N     . GLY A 1 71  ? 1.764   17.807  8.486   1.00 20.15 ? 80  GLY A N     1 
ATOM   548  C CA    . GLY A 1 71  ? 2.278   16.480  8.227   1.00 19.57 ? 80  GLY A CA    1 
ATOM   549  C C     . GLY A 1 71  ? 1.432   15.806  7.155   1.00 18.91 ? 80  GLY A C     1 
ATOM   550  O O     . GLY A 1 71  ? 1.720   14.684  6.744   1.00 18.96 ? 80  GLY A O     1 
ATOM   551  N N     . ALA A 1 72  ? 0.413   16.509  6.664   1.00 17.96 ? 81  ALA A N     1 
ATOM   552  C CA    . ALA A 1 72  ? -0.583  15.888  5.791   1.00 17.20 ? 81  ALA A CA    1 
ATOM   553  C C     . ALA A 1 72  ? -0.145  15.794  4.336   1.00 16.41 ? 81  ALA A C     1 
ATOM   554  O O     . ALA A 1 72  ? 0.389   16.746  3.774   1.00 16.37 ? 81  ALA A O     1 
ATOM   555  C CB    . ALA A 1 72  ? -1.908  16.631  5.890   1.00 17.22 ? 81  ALA A CB    1 
ATOM   556  N N     . ILE A 1 73  ? -0.383  14.635  3.732   1.00 15.46 ? 82  ILE A N     1 
ATOM   557  C CA    . ILE A 1 73  ? -0.072  14.430  2.328   1.00 14.70 ? 82  ILE A CA    1 
ATOM   558  C C     . ILE A 1 73  ? -1.139  15.092  1.471   1.00 14.35 ? 82  ILE A C     1 
ATOM   559  O O     . ILE A 1 73  ? -2.335  14.902  1.697   1.00 14.26 ? 82  ILE A O     1 
ATOM   560  C CB    . ILE A 1 73  ? -0.022  12.926  2.019   1.00 14.50 ? 82  ILE A CB    1 
ATOM   561  C CG1   . ILE A 1 73  ? 1.128   12.274  2.785   1.00 14.30 ? 82  ILE A CG1   1 
ATOM   562  C CG2   . ILE A 1 73  ? 0.113   12.687  0.516   1.00 14.10 ? 82  ILE A CG2   1 
ATOM   563  C CD1   . ILE A 1 73  ? 1.044   10.766  2.825   1.00 14.10 ? 82  ILE A CD1   1 
ATOM   564  N N     . VAL A 1 74  ? -0.701  15.886  0.501   1.00 13.96 ? 83  VAL A N     1 
ATOM   565  C CA    . VAL A 1 74  ? -1.610  16.512  -0.446  1.00 13.76 ? 83  VAL A CA    1 
ATOM   566  C C     . VAL A 1 74  ? -1.151  16.136  -1.847  1.00 13.55 ? 83  VAL A C     1 
ATOM   567  O O     . VAL A 1 74  ? -0.071  16.534  -2.285  1.00 13.42 ? 83  VAL A O     1 
ATOM   568  C CB    . VAL A 1 74  ? -1.648  18.041  -0.307  1.00 13.77 ? 83  VAL A CB    1 
ATOM   569  C CG1   . VAL A 1 74  ? -2.566  18.633  -1.363  1.00 13.80 ? 83  VAL A CG1   1 
ATOM   570  C CG2   . VAL A 1 74  ? -2.112  18.440  1.092   1.00 13.88 ? 83  VAL A CG2   1 
ATOM   571  N N     . CYS A 1 75  ? -1.964  15.345  -2.537  1.00 13.40 ? 84  CYS A N     1 
ATOM   572  C CA    . CYS A 1 75  ? -1.654  14.937  -3.896  1.00 13.36 ? 84  CYS A CA    1 
ATOM   573  C C     . CYS A 1 75  ? -1.828  16.142  -4.812  1.00 13.68 ? 84  CYS A C     1 
ATOM   574  O O     . CYS A 1 75  ? -2.858  16.813  -4.769  1.00 13.91 ? 84  CYS A O     1 
ATOM   575  C CB    . CYS A 1 75  ? -2.580  13.800  -4.326  1.00 13.21 ? 84  CYS A CB    1 
ATOM   576  S SG    . CYS A 1 75  ? -2.257  12.246  -3.465  1.00 12.36 ? 84  CYS A SG    1 
ATOM   577  N N     . GLU A 1 76  ? -0.813  16.425  -5.622  1.00 13.98 ? 85  GLU A N     1 
ATOM   578  C CA    . GLU A 1 76  ? -0.852  17.550  -6.551  1.00 14.31 ? 85  GLU A CA    1 
ATOM   579  C C     . GLU A 1 76  ? -1.437  17.072  -7.878  1.00 14.64 ? 85  GLU A C     1 
ATOM   580  O O     . GLU A 1 76  ? -1.382  15.881  -8.184  1.00 14.80 ? 85  GLU A O     1 
ATOM   581  C CB    . GLU A 1 76  ? 0.545   18.148  -6.691  1.00 14.32 ? 85  GLU A CB    1 
ATOM   582  C CG    . GLU A 1 76  ? 0.935   18.877  -5.410  1.00 14.57 ? 85  GLU A CG    1 
ATOM   583  C CD    . GLU A 1 76  ? 2.395   19.267  -5.324  1.00 14.92 ? 85  GLU A CD    1 
ATOM   584  O OE1   . GLU A 1 76  ? 3.247   18.362  -5.217  1.00 15.39 ? 85  GLU A OE1   1 
ATOM   585  O OE2   . GLU A 1 76  ? 2.685   20.482  -5.329  1.00 15.51 ? 85  GLU A OE2   1 
ATOM   586  N N     . LYS A 1 77  ? -2.002  17.987  -8.659  1.00 15.01 ? 86  LYS A N     1 
ATOM   587  C CA    . LYS A 1 77  ? -2.720  17.605  -9.870  1.00 15.44 ? 86  LYS A CA    1 
ATOM   588  C C     . LYS A 1 77  ? -1.756  17.197  -10.970 1.00 15.31 ? 86  LYS A C     1 
ATOM   589  O O     . LYS A 1 77  ? -0.824  17.925  -11.307 1.00 15.27 ? 86  LYS A O     1 
ATOM   590  C CB    . LYS A 1 77  ? -3.615  18.745  -10.355 1.00 15.72 ? 86  LYS A CB    1 
ATOM   591  C CG    . LYS A 1 77  ? -4.580  18.372  -11.476 1.00 17.30 ? 86  LYS A CG    1 
ATOM   592  C CD    . LYS A 1 77  ? -5.692  19.407  -11.567 1.00 19.54 ? 86  LYS A CD    1 
ATOM   593  C CE    . LYS A 1 77  ? -6.249  19.545  -12.969 1.00 20.81 ? 86  LYS A CE    1 
ATOM   594  N NZ    . LYS A 1 77  ? -7.252  18.492  -13.274 1.00 21.68 ? 86  LYS A NZ    1 
ATOM   595  N N     . GLY A 1 78  ? -1.915  15.931  -11.482 1.00 10.91 ? 88  GLY A N     1 
ATOM   596  C CA    . GLY A 1 78  ? -1.268  15.415  -12.667 1.00 10.78 ? 88  GLY A CA    1 
ATOM   597  C C     . GLY A 1 78  ? -2.346  14.937  -13.609 1.00 10.68 ? 88  GLY A C     1 
ATOM   598  O O     . GLY A 1 78  ? -3.404  15.557  -13.720 1.00 10.90 ? 88  GLY A O     1 
ATOM   599  N N     . THR A 1 79  ? -2.082  13.834  -14.297 1.00 10.49 ? 89  THR A N     1 
ATOM   600  C CA    . THR A 1 79  ? -3.103  13.222  -15.132 1.00 10.32 ? 89  THR A CA    1 
ATOM   601  C C     . THR A 1 79  ? -4.126  12.584  -14.202 1.00 10.36 ? 89  THR A C     1 
ATOM   602  O O     . THR A 1 79  ? -3.869  12.419  -13.008 1.00 10.29 ? 89  THR A O     1 
ATOM   603  C CB    . THR A 1 79  ? -2.513  12.135  -16.027 1.00 10.28 ? 89  THR A CB    1 
ATOM   604  O OG1   . THR A 1 79  ? -1.973  11.082  -15.215 1.00 10.13 ? 89  THR A OG1   1 
ATOM   605  C CG2   . THR A 1 79  ? -1.342  12.653  -16.853 1.00 10.21 ? 89  THR A CG2   1 
ATOM   606  N N     . SER A 1 80  ? -5.279  12.200  -14.740 1.00 10.37 ? 90  SER A N     1 
ATOM   607  C CA    . SER A 1 80  ? -6.295  11.568  -13.906 1.00 10.48 ? 90  SER A CA    1 
ATOM   608  C C     . SER A 1 80  ? -5.750  10.292  -13.263 1.00 10.21 ? 90  SER A C     1 
ATOM   609  O O     . SER A 1 80  ? -5.989  10.045  -12.083 1.00 10.23 ? 90  SER A O     1 
ATOM   610  C CB    . SER A 1 80  ? -7.582  11.285  -14.684 1.00 10.59 ? 90  SER A CB    1 
ATOM   611  O OG    . SER A 1 80  ? -7.368  10.384  -15.752 1.00 11.93 ? 90  SER A OG    1 
ATOM   612  N N     . CYS A 1 81  ? -5.019  9.483   -14.024 1.00 9.94  ? 91  CYS A N     1 
ATOM   613  C CA    . CYS A 1 81  ? -4.433  8.272   -13.457 1.00 9.90  ? 91  CYS A CA    1 
ATOM   614  C C     . CYS A 1 81  ? -3.504  8.606   -12.298 1.00 9.67  ? 91  CYS A C     1 
ATOM   615  O O     . CYS A 1 81  ? -3.552  7.967   -11.250 1.00 9.63  ? 91  CYS A O     1 
ATOM   616  C CB    . CYS A 1 81  ? -3.658  7.480   -14.511 1.00 9.91  ? 91  CYS A CB    1 
ATOM   617  S SG    . CYS A 1 81  ? -4.695  6.374   -15.482 1.00 10.65 ? 91  CYS A SG    1 
ATOM   618  N N     . GLU A 1 82  ? -2.650  9.602   -12.493 1.00 9.51  ? 92  GLU A N     1 
ATOM   619  C CA    . GLU A 1 82  ? -1.692  9.984   -11.466 1.00 9.47  ? 92  GLU A CA    1 
ATOM   620  C C     . GLU A 1 82  ? -2.398  10.430  -10.191 1.00 9.56  ? 92  GLU A C     1 
ATOM   621  O O     . GLU A 1 82  ? -1.999  10.056  -9.087  1.00 9.56  ? 92  GLU A O     1 
ATOM   622  C CB    . GLU A 1 82  ? -0.757  11.064  -12.006 1.00 9.39  ? 92  GLU A CB    1 
ATOM   623  C CG    . GLU A 1 82  ? 0.263   10.458  -12.961 1.00 9.39  ? 92  GLU A CG    1 
ATOM   624  C CD    . GLU A 1 82  ? 0.912   11.434  -13.921 1.00 9.46  ? 92  GLU A CD    1 
ATOM   625  O OE1   . GLU A 1 82  ? 0.622   12.645  -13.866 1.00 9.42  ? 92  GLU A OE1   1 
ATOM   626  O OE2   . GLU A 1 82  ? 1.725   10.968  -14.748 1.00 9.54  ? 92  GLU A OE2   1 
ATOM   627  N N     . ASN A 1 83  ? -3.458  11.213  -10.346 1.00 9.71  ? 93  ASN A N     1 
ATOM   628  C CA    . ASN A 1 83  ? -4.216  11.682  -9.194  1.00 9.89  ? 93  ASN A CA    1 
ATOM   629  C C     . ASN A 1 83  ? -4.802  10.516  -8.414  1.00 9.82  ? 93  ASN A C     1 
ATOM   630  O O     . ASN A 1 83  ? -4.720  10.467  -7.188  1.00 9.80  ? 93  ASN A O     1 
ATOM   631  C CB    . ASN A 1 83  ? -5.358  12.596  -9.634  1.00 10.08 ? 93  ASN A CB    1 
ATOM   632  C CG    . ASN A 1 83  ? -4.873  13.835  -10.351 1.00 10.65 ? 93  ASN A CG    1 
ATOM   633  O OD1   . ASN A 1 83  ? -3.728  14.254  -10.190 1.00 11.80 ? 93  ASN A OD1   1 
ATOM   634  N ND2   . ASN A 1 83  ? -5.748  14.432  -11.152 1.00 11.80 ? 93  ASN A ND2   1 
ATOM   635  N N     . ARG A 1 84  ? -5.393  9.575   -9.139  1.00 9.79  ? 94  ARG A N     1 
ATOM   636  C CA    . ARG A 1 84  ? -6.058  8.438   -8.518  1.00 9.84  ? 94  ARG A CA    1 
ATOM   637  C C     . ARG A 1 84  ? -5.052  7.488   -7.878  1.00 9.53  ? 94  ARG A C     1 
ATOM   638  O O     . ARG A 1 84  ? -5.290  6.967   -6.790  1.00 9.38  ? 94  ARG A O     1 
ATOM   639  C CB    . ARG A 1 84  ? -6.918  7.721   -9.549  1.00 10.06 ? 94  ARG A CB    1 
ATOM   640  C CG    . ARG A 1 84  ? -8.005  8.611   -10.129 1.00 11.30 ? 94  ARG A CG    1 
ATOM   641  C CD    . ARG A 1 84  ? -8.602  8.075   -11.408 1.00 13.03 ? 94  ARG A CD    1 
ATOM   642  N NE    . ARG A 1 84  ? -9.678  7.135   -11.126 1.00 14.50 ? 94  ARG A NE    1 
ATOM   643  C CZ    . ARG A 1 84  ? -10.245 6.350   -12.026 1.00 15.84 ? 94  ARG A CZ    1 
ATOM   644  N NH1   . ARG A 1 84  ? -9.836  6.374   -13.291 1.00 16.42 ? 94  ARG A NH1   1 
ATOM   645  N NH2   . ARG A 1 84  ? -11.222 5.534   -11.653 1.00 16.47 ? 94  ARG A NH2   1 
ATOM   646  N N     . ILE A 1 85  ? -3.925  7.269   -8.547  1.00 9.28  ? 95  ILE A N     1 
ATOM   647  C CA    . ILE A 1 85  ? -2.868  6.443   -7.981  1.00 9.15  ? 95  ILE A CA    1 
ATOM   648  C C     . ILE A 1 85  ? -2.359  7.082   -6.690  1.00 9.07  ? 95  ILE A C     1 
ATOM   649  O O     . ILE A 1 85  ? -2.186  6.404   -5.677  1.00 8.91  ? 95  ILE A O     1 
ATOM   650  C CB    . ILE A 1 85  ? -1.710  6.281   -8.979  1.00 9.11  ? 95  ILE A CB    1 
ATOM   651  C CG1   . ILE A 1 85  ? -2.150  5.438   -10.179 1.00 9.26  ? 95  ILE A CG1   1 
ATOM   652  C CG2   . ILE A 1 85  ? -0.507  5.640   -8.294  1.00 9.16  ? 95  ILE A CG2   1 
ATOM   653  C CD1   . ILE A 1 85  ? -1.226  5.573   -11.372 1.00 9.41  ? 95  ILE A CD1   1 
ATOM   654  N N     . CYS A 1 86  ? -2.122  8.389   -6.725  1.00 9.11  ? 96  CYS A N     1 
ATOM   655  C CA    . CYS A 1 86  ? -1.623  9.089   -5.550  1.00 9.33  ? 96  CYS A CA    1 
ATOM   656  C C     . CYS A 1 86  ? -2.585  8.925   -4.372  1.00 9.34  ? 96  CYS A C     1 
ATOM   657  O O     . CYS A 1 86  ? -2.158  8.668   -3.248  1.00 9.31  ? 96  CYS A O     1 
ATOM   658  C CB    . CYS A 1 86  ? -1.379  10.565  -5.852  1.00 9.43  ? 96  CYS A CB    1 
ATOM   659  S SG    . CYS A 1 86  ? -0.670  11.450  -4.450  1.00 10.38 ? 96  CYS A SG    1 
ATOM   660  N N     . GLU A 1 87  ? -3.885  9.049   -4.626  1.00 9.42  ? 97  GLU A N     1 
ATOM   661  C CA    . GLU A 1 87  ? -4.863  8.906   -3.549  1.00 9.63  ? 97  GLU A CA    1 
ATOM   662  C C     . GLU A 1 87  ? -4.844  7.493   -2.964  1.00 9.38  ? 97  GLU A C     1 
ATOM   663  O O     . GLU A 1 87  ? -5.004  7.323   -1.757  1.00 9.41  ? 97  GLU A O     1 
ATOM   664  C CB    . GLU A 1 87  ? -6.265  9.291   -4.014  1.00 9.88  ? 97  GLU A CB    1 
ATOM   665  C CG    . GLU A 1 87  ? -6.421  10.778  -4.306  1.00 10.96 ? 97  GLU A CG    1 
ATOM   666  C CD    . GLU A 1 87  ? -6.237  11.665  -3.085  1.00 12.25 ? 97  GLU A CD    1 
ATOM   667  O OE1   . GLU A 1 87  ? -6.435  11.182  -1.949  1.00 13.56 ? 97  GLU A OE1   1 
ATOM   668  O OE2   . GLU A 1 87  ? -5.898  12.856  -3.261  1.00 13.47 ? 97  GLU A OE2   1 
ATOM   669  N N     . CYS A 1 88  ? -4.655  6.482   -3.808  1.00 9.11  ? 98  CYS A N     1 
ATOM   670  C CA    . CYS A 1 88  ? -4.526  5.113   -3.316  1.00 9.00  ? 98  CYS A CA    1 
ATOM   671  C C     . CYS A 1 88  ? -3.308  4.965   -2.409  1.00 8.75  ? 98  CYS A C     1 
ATOM   672  O O     . CYS A 1 88  ? -3.389  4.355   -1.343  1.00 8.60  ? 98  CYS A O     1 
ATOM   673  C CB    . CYS A 1 88  ? -4.385  4.123   -4.476  1.00 9.01  ? 98  CYS A CB    1 
ATOM   674  S SG    . CYS A 1 88  ? -5.872  3.916   -5.466  1.00 9.76  ? 98  CYS A SG    1 
ATOM   675  N N     . ASP A 1 89  ? -2.175  5.505   -2.850  1.00 8.53  ? 99  ASP A N     1 
ATOM   676  C CA    . ASP A 1 89  ? -0.921  5.379   -2.107  1.00 8.48  ? 99  ASP A CA    1 
ATOM   677  C C     . ASP A 1 89  ? -0.976  6.143   -0.792  1.00 8.52  ? 99  ASP A C     1 
ATOM   678  O O     . ASP A 1 89  ? -0.554  5.635   0.246   1.00 8.43  ? 99  ASP A O     1 
ATOM   679  C CB    . ASP A 1 89  ? 0.257   5.869   -2.949  1.00 8.48  ? 99  ASP A CB    1 
ATOM   680  C CG    . ASP A 1 89  ? 0.637   4.901   -4.046  1.00 8.41  ? 99  ASP A CG    1 
ATOM   681  O OD1   . ASP A 1 89  ? -0.044  3.864   -4.213  1.00 8.62  ? 99  ASP A OD1   1 
ATOM   682  O OD2   . ASP A 1 89  ? 1.616   5.107   -4.791  1.00 8.94  ? 99  ASP A OD2   1 
ATOM   683  N N     . LYS A 1 90  ? -1.493  7.366   -0.849  1.00 8.55  ? 100 LYS A N     1 
ATOM   684  C CA    . LYS A 1 90  ? -1.668  8.195   0.334   1.00 8.68  ? 100 LYS A CA    1 
ATOM   685  C C     . LYS A 1 90  ? -2.470  7.445   1.395   1.00 8.61  ? 100 LYS A C     1 
ATOM   686  O O     . LYS A 1 90  ? -2.084  7.394   2.564   1.00 8.69  ? 100 LYS A O     1 
ATOM   687  C CB    . LYS A 1 90  ? -2.389  9.484   -0.051  1.00 8.76  ? 100 LYS A CB    1 
ATOM   688  C CG    . LYS A 1 90  ? -2.861  10.304  1.127   1.00 9.28  ? 100 LYS A CG    1 
ATOM   689  C CD    . LYS A 1 90  ? -3.557  11.565  0.673   1.00 10.02 ? 100 LYS A CD    1 
ATOM   690  C CE    . LYS A 1 90  ? -4.182  12.286  1.846   1.00 10.68 ? 100 LYS A CE    1 
ATOM   691  N NZ    . LYS A 1 90  ? -4.913  13.513  1.430   1.00 11.47 ? 100 LYS A NZ    1 
ATOM   692  N N     . ALA A 1 91  ? -3.585  6.857   0.979   1.00 8.53  ? 101 ALA A N     1 
ATOM   693  C CA    . ALA A 1 91  ? -4.449  6.140   1.903   1.00 8.51  ? 101 ALA A CA    1 
ATOM   694  C C     . ALA A 1 91  ? -3.701  4.976   2.540   1.00 8.57  ? 101 ALA A C     1 
ATOM   695  O O     . ALA A 1 91  ? -3.781  4.772   3.749   1.00 8.51  ? 101 ALA A O     1 
ATOM   696  C CB    . ALA A 1 91  ? -5.689  5.650   1.186   1.00 8.50  ? 101 ALA A CB    1 
ATOM   697  N N     . ALA A 1 92  ? -2.967  4.218   1.733   1.00 8.67  ? 102 ALA A N     1 
ATOM   698  C CA    . ALA A 1 92  ? -2.236  3.071   2.254   1.00 8.86  ? 102 ALA A CA    1 
ATOM   699  C C     . ALA A 1 92  ? -1.146  3.496   3.237   1.00 9.08  ? 102 ALA A C     1 
ATOM   700  O O     . ALA A 1 92  ? -0.957  2.852   4.267   1.00 9.13  ? 102 ALA A O     1 
ATOM   701  C CB    . ALA A 1 92  ? -1.647  2.248   1.122   1.00 8.81  ? 102 ALA A CB    1 
ATOM   702  N N     . ALA A 1 93  ? -0.431  4.576   2.928   1.00 9.45  ? 103 ALA A N     1 
ATOM   703  C CA    . ALA A 1 93  ? 0.635   5.046   3.812   1.00 9.77  ? 103 ALA A CA    1 
ATOM   704  C C     . ALA A 1 93  ? 0.058   5.498   5.154   1.00 9.97  ? 103 ALA A C     1 
ATOM   705  O O     . ALA A 1 93  ? 0.613   5.190   6.210   1.00 10.03 ? 103 ALA A O     1 
ATOM   706  C CB    . ALA A 1 93  ? 1.433   6.159   3.156   1.00 9.89  ? 103 ALA A CB    1 
ATOM   707  N N     . ILE A 1 94  ? -1.049  6.233   5.108   1.00 10.16 ? 104 ILE A N     1 
ATOM   708  C CA    . ILE A 1 94  ? -1.761  6.637   6.317   1.00 10.42 ? 104 ILE A CA    1 
ATOM   709  C C     . ILE A 1 94  ? -2.239  5.409   7.086   1.00 10.24 ? 104 ILE A C     1 
ATOM   710  O O     . ILE A 1 94  ? -2.115  5.338   8.309   1.00 10.33 ? 104 ILE A O     1 
ATOM   711  C CB    . ILE A 1 94  ? -2.949  7.542   5.952   1.00 10.61 ? 104 ILE A CB    1 
ATOM   712  C CG1   . ILE A 1 94  ? -2.427  8.897   5.468   1.00 11.21 ? 104 ILE A CG1   1 
ATOM   713  C CG2   . ILE A 1 94  ? -3.882  7.710   7.148   1.00 11.08 ? 104 ILE A CG2   1 
ATOM   714  C CD1   . ILE A 1 94  ? -3.473  9.783   4.831   1.00 11.78 ? 104 ILE A CD1   1 
ATOM   715  N N     . CYS A 1 95  ? -2.782  4.442   6.359   1.00 10.04 ? 105 CYS A N     1 
ATOM   716  C CA    . CYS A 1 95  ? -3.264  3.215   6.965   1.00 9.98  ? 105 CYS A CA    1 
ATOM   717  C C     . CYS A 1 95  ? -2.122  2.474   7.672   1.00 9.88  ? 105 CYS A C     1 
ATOM   718  O O     . CYS A 1 95  ? -2.300  1.972   8.784   1.00 9.75  ? 105 CYS A O     1 
ATOM   719  C CB    . CYS A 1 95  ? -3.920  2.344   5.897   1.00 9.97  ? 105 CYS A CB    1 
ATOM   720  S SG    . CYS A 1 95  ? -4.704  0.858   6.534   1.00 10.33 ? 105 CYS A SG    1 
ATOM   721  N N     . PHE A 1 96  ? -0.953  2.412   7.040   1.00 9.94  ? 106 PHE A N     1 
ATOM   722  C CA    . PHE A 1 96  ? 0.190   1.748   7.661   1.00 10.06 ? 106 PHE A CA    1 
ATOM   723  C C     . PHE A 1 96  ? 0.550   2.469   8.959   1.00 10.26 ? 106 PHE A C     1 
ATOM   724  O O     . PHE A 1 96  ? 0.827   1.833   9.977   1.00 10.08 ? 106 PHE A O     1 
ATOM   725  C CB    . PHE A 1 96  ? 1.419   1.746   6.751   1.00 10.05 ? 106 PHE A CB    1 
ATOM   726  C CG    . PHE A 1 96  ? 1.327   0.826   5.558   1.00 10.17 ? 106 PHE A CG    1 
ATOM   727  C CD1   . PHE A 1 96  ? 0.595   -0.355  5.578   1.00 10.39 ? 106 PHE A CD1   1 
ATOM   728  C CD2   . PHE A 1 96  ? 2.030   1.148   4.414   1.00 10.57 ? 106 PHE A CD2   1 
ATOM   729  C CE1   . PHE A 1 96  ? 0.561   -1.175  4.455   1.00 10.61 ? 106 PHE A CE1   1 
ATOM   730  C CE2   . PHE A 1 96  ? 1.999   0.339   3.303   1.00 10.91 ? 106 PHE A CE2   1 
ATOM   731  C CZ    . PHE A 1 96  ? 1.267   -0.821  3.318   1.00 10.88 ? 106 PHE A CZ    1 
ATOM   732  N N     . ARG A 1 97  ? 0.555   3.797   8.914   1.00 10.62 ? 107 ARG A N     1 
ATOM   733  C CA    . ARG A 1 97  ? 0.858   4.602   10.093  1.00 11.08 ? 107 ARG A CA    1 
ATOM   734  C C     . ARG A 1 97  ? -0.148  4.342   11.212  1.00 11.21 ? 107 ARG A C     1 
ATOM   735  O O     . ARG A 1 97  ? 0.223   4.209   12.379  1.00 11.20 ? 107 ARG A O     1 
ATOM   736  C CB    . ARG A 1 97  ? 0.851   6.089   9.735   1.00 11.25 ? 107 ARG A CB    1 
ATOM   737  C CG    . ARG A 1 97  ? 1.123   7.006   10.915  1.00 12.24 ? 107 ARG A CG    1 
ATOM   738  C CD    . ARG A 1 97  ? 2.538   6.876   11.419  1.00 13.64 ? 107 ARG A CD    1 
ATOM   739  N NE    . ARG A 1 97  ? 2.832   7.589   12.657  1.00 15.15 ? 107 ARG A NE    1 
ATOM   740  C CZ    . ARG A 1 97  ? 2.600   7.092   13.865  1.00 16.66 ? 107 ARG A CZ    1 
ATOM   741  N NH1   . ARG A 1 97  ? 2.919   7.781   14.952  1.00 17.42 ? 107 ARG A NH1   1 
ATOM   742  N NH2   . ARG A 1 97  ? 2.035   5.900   13.990  1.00 17.18 ? 107 ARG A NH2   1 
ATOM   743  N N     . GLN A 1 98  ? -1.422  4.274   10.846  1.00 11.52 ? 108 GLN A N     1 
ATOM   744  C CA    . GLN A 1 98  ? -2.492  4.062   11.808  1.00 11.87 ? 108 GLN A CA    1 
ATOM   745  C C     . GLN A 1 98  ? -2.430  2.687   12.458  1.00 12.02 ? 108 GLN A C     1 
ATOM   746  O O     . GLN A 1 98  ? -2.985  2.486   13.537  1.00 12.21 ? 108 GLN A O     1 
ATOM   747  C CB    . GLN A 1 98  ? -3.834  4.227   11.100  1.00 11.99 ? 108 GLN A CB    1 
ATOM   748  C CG    . GLN A 1 98  ? -5.032  4.229   12.009  1.00 12.68 ? 108 GLN A CG    1 
ATOM   749  C CD    . GLN A 1 98  ? -6.125  5.127   11.474  1.00 13.70 ? 108 GLN A CD    1 
ATOM   750  O OE1   . GLN A 1 98  ? -6.519  6.093   12.127  1.00 15.01 ? 108 GLN A OE1   1 
ATOM   751  N NE2   . GLN A 1 98  ? -6.598  4.831   10.269  1.00 13.93 ? 108 GLN A NE2   1 
ATOM   752  N N     . ASN A 1 99  ? -1.746  1.747   11.816  1.00 12.23 ? 109 ASN A N     1 
ATOM   753  C CA    . ASN A 1 99  ? -1.717  0.375   12.305  1.00 12.44 ? 109 ASN A CA    1 
ATOM   754  C C     . ASN A 1 99  ? -0.334  -0.125  12.685  1.00 12.98 ? 109 ASN A C     1 
ATOM   755  O O     . ASN A 1 99  ? -0.128  -1.321  12.880  1.00 12.82 ? 109 ASN A O     1 
ATOM   756  C CB    . ASN A 1 99  ? -2.378  -0.531  11.281  1.00 12.29 ? 109 ASN A CB    1 
ATOM   757  C CG    . ASN A 1 99  ? -3.858  -0.265  11.186  1.00 11.92 ? 109 ASN A CG    1 
ATOM   758  O OD1   . ASN A 1 99  ? -4.600  -0.541  12.126  1.00 11.35 ? 109 ASN A OD1   1 
ATOM   759  N ND2   . ASN A 1 99  ? -4.289  0.329   10.081  1.00 11.48 ? 109 ASN A ND2   1 
ATOM   760  N N     . LEU A 1 100 ? 0.607   0.801   12.818  1.00 13.74 ? 110 LEU A N     1 
ATOM   761  C CA    . LEU A 1 100 ? 1.962   0.437   13.203  1.00 14.50 ? 110 LEU A CA    1 
ATOM   762  C C     . LEU A 1 100 ? 1.967   -0.277  14.540  1.00 14.89 ? 110 LEU A C     1 
ATOM   763  O O     . LEU A 1 100 ? 2.817   -1.132  14.797  1.00 15.08 ? 110 LEU A O     1 
ATOM   764  C CB    . LEU A 1 100 ? 2.843   1.674   13.336  1.00 14.71 ? 110 LEU A CB    1 
ATOM   765  C CG    . LEU A 1 100 ? 3.752   2.057   12.171  1.00 15.47 ? 110 LEU A CG    1 
ATOM   766  C CD1   . LEU A 1 100 ? 4.650   3.188   12.634  1.00 16.01 ? 110 LEU A CD1   1 
ATOM   767  C CD2   . LEU A 1 100 ? 4.597   0.897   11.659  1.00 15.75 ? 110 LEU A CD2   1 
ATOM   768  N N     . ASN A 1 101 ? 1.019   0.094   15.394  1.00 15.32 ? 111 ASN A N     1 
ATOM   769  C CA    . ASN A 1 101 ? 0.940   -0.451  16.740  1.00 15.67 ? 111 ASN A CA    1 
ATOM   770  C C     . ASN A 1 101 ? 0.702   -1.962  16.762  1.00 15.55 ? 111 ASN A C     1 
ATOM   771  O O     . ASN A 1 101 ? 1.003   -2.617  17.757  1.00 15.78 ? 111 ASN A O     1 
ATOM   772  C CB    . ASN A 1 101 ? -0.103  0.307   17.588  1.00 15.90 ? 111 ASN A CB    1 
ATOM   773  C CG    . ASN A 1 101 ? -1.530  0.209   17.043  1.00 16.57 ? 111 ASN A CG    1 
ATOM   774  O OD1   . ASN A 1 101 ? -2.490  0.479   17.767  1.00 17.93 ? 111 ASN A OD1   1 
ATOM   775  N ND2   . ASN A 1 101 ? -1.672  -0.149  15.771  1.00 17.52 ? 111 ASN A ND2   1 
ATOM   776  N N     . THR A 1 102 ? 0.164   -2.515  15.675  1.00 15.31 ? 112 THR A N     1 
ATOM   777  C CA    . THR A 1 102 ? -0.061  -3.963  15.610  1.00 15.09 ? 112 THR A CA    1 
ATOM   778  C C     . THR A 1 102 ? 0.761   -4.648  14.523  1.00 14.88 ? 112 THR A C     1 
ATOM   779  O O     . THR A 1 102 ? 0.590   -5.841  14.288  1.00 14.84 ? 112 THR A O     1 
ATOM   780  C CB    . THR A 1 102 ? -1.543  -4.325  15.410  1.00 15.07 ? 112 THR A CB    1 
ATOM   781  O OG1   . THR A 1 102 ? -2.053  -3.702  14.223  1.00 15.06 ? 112 THR A OG1   1 
ATOM   782  C CG2   . THR A 1 102 ? -2.407  -3.803  16.550  1.00 15.16 ? 112 THR A CG2   1 
ATOM   783  N N     . TYR A 1 103 ? 1.628   -3.903  13.846  1.00 14.68 ? 113 TYR A N     1 
ATOM   784  C CA    . TYR A 1 103 ? 2.525   -4.504  12.870  1.00 14.57 ? 113 TYR A CA    1 
ATOM   785  C C     . TYR A 1 103 ? 3.271   -5.656  13.550  1.00 14.87 ? 113 TYR A C     1 
ATOM   786  O O     . TYR A 1 103 ? 3.743   -5.505  14.677  1.00 14.79 ? 113 TYR A O     1 
ATOM   787  C CB    . TYR A 1 103 ? 3.527   -3.457  12.368  1.00 14.40 ? 113 TYR A CB    1 
ATOM   788  C CG    . TYR A 1 103 ? 4.505   -3.972  11.336  1.00 13.73 ? 113 TYR A CG    1 
ATOM   789  C CD1   . TYR A 1 103 ? 5.620   -4.712  11.712  1.00 13.28 ? 113 TYR A CD1   1 
ATOM   790  C CD2   . TYR A 1 103 ? 4.316   -3.713  9.987   1.00 13.20 ? 113 TYR A CD2   1 
ATOM   791  C CE1   . TYR A 1 103 ? 6.512   -5.183  10.775  1.00 13.11 ? 113 TYR A CE1   1 
ATOM   792  C CE2   . TYR A 1 103 ? 5.202   -4.180  9.041   1.00 12.95 ? 113 TYR A CE2   1 
ATOM   793  C CZ    . TYR A 1 103 ? 6.301   -4.917  9.440   1.00 12.96 ? 113 TYR A CZ    1 
ATOM   794  O OH    . TYR A 1 103 ? 7.193   -5.387  8.505   1.00 13.15 ? 113 TYR A OH    1 
ATOM   795  N N     . SER A 1 104 ? 3.372   -6.803  12.879  1.00 15.28 ? 114 SER A N     1 
ATOM   796  C CA    . SER A 1 104 ? 4.078   -7.955  13.440  1.00 15.77 ? 114 SER A CA    1 
ATOM   797  C C     . SER A 1 104 ? 5.089   -8.528  12.458  1.00 16.24 ? 114 SER A C     1 
ATOM   798  O O     . SER A 1 104 ? 4.730   -8.951  11.360  1.00 16.12 ? 114 SER A O     1 
ATOM   799  C CB    . SER A 1 104 ? 3.107   -9.061  13.834  1.00 15.76 ? 114 SER A CB    1 
ATOM   800  O OG    . SER A 1 104 ? 3.807   -10.117 14.467  1.00 16.30 ? 114 SER A OG    1 
ATOM   801  N N     . LYS A 1 105 ? 6.350   -8.559  12.872  1.00 16.92 ? 115 LYS A N     1 
ATOM   802  C CA    . LYS A 1 105 ? 7.421   -9.090  12.037  1.00 17.57 ? 115 LYS A CA    1 
ATOM   803  C C     . LYS A 1 105 ? 7.176   -10.551 11.605  1.00 17.53 ? 115 LYS A C     1 
ATOM   804  O O     . LYS A 1 105 ? 7.717   -10.983 10.589  1.00 17.56 ? 115 LYS A O     1 
ATOM   805  C CB    . LYS A 1 105 ? 8.774   -8.964  12.758  1.00 17.94 ? 115 LYS A CB    1 
ATOM   806  C CG    . LYS A 1 105 ? 9.365   -7.545  12.792  1.00 19.63 ? 115 LYS A CG    1 
ATOM   807  C CD    . LYS A 1 105 ? 10.680  -7.487  13.585  1.00 21.91 ? 115 LYS A CD    1 
ATOM   808  C CE    . LYS A 1 105 ? 11.778  -6.745  12.827  1.00 23.18 ? 115 LYS A CE    1 
ATOM   809  N NZ    . LYS A 1 105 ? 13.075  -6.685  13.562  1.00 24.01 ? 115 LYS A NZ    1 
ATOM   810  N N     . LYS A 1 106 ? 6.369   -11.307 12.357  1.00 17.56 ? 116 LYS A N     1 
ATOM   811  C CA    . LYS A 1 106 ? 6.082   -12.708 12.002  1.00 17.64 ? 116 LYS A CA    1 
ATOM   812  C C     . LYS A 1 106 ? 5.366   -12.831 10.652  1.00 17.13 ? 116 LYS A C     1 
ATOM   813  O O     . LYS A 1 106 ? 5.335   -13.912 10.065  1.00 17.14 ? 116 LYS A O     1 
ATOM   814  C CB    . LYS A 1 106 ? 5.253   -13.415 13.083  1.00 17.95 ? 116 LYS A CB    1 
ATOM   815  C CG    . LYS A 1 106 ? 3.798   -12.989 13.100  1.00 19.35 ? 116 LYS A CG    1 
ATOM   816  C CD    . LYS A 1 106 ? 3.042   -13.447 14.329  1.00 21.31 ? 116 LYS A CD    1 
ATOM   817  C CE    . LYS A 1 106 ? 1.886   -12.503 14.606  1.00 22.35 ? 116 LYS A CE    1 
ATOM   818  N NZ    . LYS A 1 106 ? 2.178   -11.582 15.740  1.00 23.06 ? 116 LYS A NZ    1 
ATOM   819  N N     . TYR A 1 107 ? 4.790   -11.734 10.163  1.00 16.61 ? 117 TYR A N     1 
ATOM   820  C CA    . TYR A 1 107 ? 4.109   -11.748 8.867   1.00 16.19 ? 117 TYR A CA    1 
ATOM   821  C C     . TYR A 1 107 ? 5.007   -11.361 7.687   1.00 15.99 ? 117 TYR A C     1 
ATOM   822  O O     . TYR A 1 107 ? 4.565   -11.401 6.541   1.00 15.84 ? 117 TYR A O     1 
ATOM   823  C CB    . TYR A 1 107 ? 2.858   -10.877 8.910   1.00 16.12 ? 117 TYR A CB    1 
ATOM   824  C CG    . TYR A 1 107 ? 1.807   -11.422 9.851   1.00 15.90 ? 117 TYR A CG    1 
ATOM   825  C CD1   . TYR A 1 107 ? 1.462   -12.772 9.842   1.00 15.86 ? 117 TYR A CD1   1 
ATOM   826  C CD2   . TYR A 1 107 ? 1.171   -10.594 10.759  1.00 15.79 ? 117 TYR A CD2   1 
ATOM   827  C CE1   . TYR A 1 107 ? 0.505   -13.271 10.708  1.00 16.08 ? 117 TYR A CE1   1 
ATOM   828  C CE2   . TYR A 1 107 ? 0.216   -11.082 11.625  1.00 16.00 ? 117 TYR A CE2   1 
ATOM   829  C CZ    . TYR A 1 107 ? -0.114  -12.419 11.598  1.00 16.13 ? 117 TYR A CZ    1 
ATOM   830  O OH    . TYR A 1 107 ? -1.068  -12.903 12.464  1.00 16.73 ? 117 TYR A OH    1 
ATOM   831  N N     . MET A 1 108 ? 6.255   -10.986 7.950   1.00 15.82 ? 118 MET A N     1 
ATOM   832  C CA    . MET A 1 108 ? 7.197   -10.739 6.859   1.00 15.78 ? 118 MET A CA    1 
ATOM   833  C C     . MET A 1 108 ? 7.529   -12.074 6.183   1.00 15.67 ? 118 MET A C     1 
ATOM   834  O O     . MET A 1 108 ? 7.698   -13.086 6.865   1.00 15.66 ? 118 MET A O     1 
ATOM   835  C CB    . MET A 1 108 ? 8.472   -10.084 7.379   1.00 15.82 ? 118 MET A CB    1 
ATOM   836  C CG    . MET A 1 108 ? 8.231   -8.679  7.907   1.00 16.13 ? 118 MET A CG    1 
ATOM   837  S SD    . MET A 1 108 ? 9.616   -7.941  8.784   1.00 17.19 ? 118 MET A SD    1 
ATOM   838  C CE    . MET A 1 108 ? 10.820  -7.810  7.487   1.00 17.34 ? 118 MET A CE    1 
ATOM   839  N N     . LEU A 1 109 ? 7.628   -12.067 4.854   1.00 15.62 ? 119 LEU A N     1 
ATOM   840  C CA    . LEU A 1 109 ? 7.904   -13.278 4.074   1.00 15.63 ? 119 LEU A CA    1 
ATOM   841  C C     . LEU A 1 109 ? 6.847   -14.347 4.329   1.00 15.51 ? 119 LEU A C     1 
ATOM   842  O O     . LEU A 1 109 ? 7.147   -15.539 4.327   1.00 15.59 ? 119 LEU A O     1 
ATOM   843  C CB    . LEU A 1 109 ? 9.299   -13.835 4.388   1.00 15.69 ? 119 LEU A CB    1 
ATOM   844  C CG    . LEU A 1 109 ? 10.444  -12.853 4.122   1.00 16.12 ? 119 LEU A CG    1 
ATOM   845  C CD1   . LEU A 1 109 ? 11.790  -13.449 4.506   1.00 16.45 ? 119 LEU A CD1   1 
ATOM   846  C CD2   . LEU A 1 109 ? 10.442  -12.407 2.660   1.00 16.48 ? 119 LEU A CD2   1 
ATOM   847  N N     . TYR A 1 110 ? 5.606   -13.920 4.530   1.00 15.36 ? 120 TYR A N     1 
ATOM   848  C CA    . TYR A 1 110 ? 4.543   -14.856 4.867   1.00 15.22 ? 120 TYR A CA    1 
ATOM   849  C C     . TYR A 1 110 ? 4.343   -15.795 3.679   1.00 14.95 ? 120 TYR A C     1 
ATOM   850  O O     . TYR A 1 110 ? 4.240   -15.338 2.542   1.00 14.83 ? 120 TYR A O     1 
ATOM   851  C CB    . TYR A 1 110 ? 3.263   -14.097 5.211   1.00 15.30 ? 120 TYR A CB    1 
ATOM   852  C CG    . TYR A 1 110 ? 2.229   -14.923 5.932   1.00 15.73 ? 120 TYR A CG    1 
ATOM   853  C CD1   . TYR A 1 110 ? 2.439   -15.371 7.232   1.00 16.23 ? 120 TYR A CD1   1 
ATOM   854  C CD2   . TYR A 1 110 ? 1.035   -15.247 5.313   1.00 16.10 ? 120 TYR A CD2   1 
ATOM   855  C CE1   . TYR A 1 110 ? 1.483   -16.124 7.886   1.00 16.41 ? 120 TYR A CE1   1 
ATOM   856  C CE2   . TYR A 1 110 ? 0.080   -15.992 5.954   1.00 16.34 ? 120 TYR A CE2   1 
ATOM   857  C CZ    . TYR A 1 110 ? 0.303   -16.431 7.239   1.00 16.52 ? 120 TYR A CZ    1 
ATOM   858  O OH    . TYR A 1 110 ? -0.664  -17.179 7.868   1.00 16.90 ? 120 TYR A OH    1 
ATOM   859  N N     . PRO A 1 111 ? 4.327   -17.104 3.919   1.00 14.66 ? 121 PRO A N     1 
ATOM   860  C CA    . PRO A 1 111 ? 4.204   -18.056 2.812   1.00 14.50 ? 121 PRO A CA    1 
ATOM   861  C C     . PRO A 1 111 ? 2.840   -18.075 2.150   1.00 14.33 ? 121 PRO A C     1 
ATOM   862  O O     . PRO A 1 111 ? 1.801   -18.049 2.813   1.00 14.27 ? 121 PRO A O     1 
ATOM   863  C CB    . PRO A 1 111 ? 4.504   -19.410 3.454   1.00 14.50 ? 121 PRO A CB    1 
ATOM   864  C CG    . PRO A 1 111 ? 4.388   -19.225 4.903   1.00 14.69 ? 121 PRO A CG    1 
ATOM   865  C CD    . PRO A 1 111 ? 4.459   -17.777 5.220   1.00 14.71 ? 121 PRO A CD    1 
ATOM   866  N N     . ASP A 1 112 ? 2.873   -18.154 0.826   1.00 14.19 ? 122 ASP A N     1 
ATOM   867  C CA    . ASP A 1 112 ? 1.682   -18.110 -0.004  1.00 14.20 ? 122 ASP A CA    1 
ATOM   868  C C     . ASP A 1 112 ? 0.622   -19.106 0.422   1.00 14.14 ? 122 ASP A C     1 
ATOM   869  O O     . ASP A 1 112 ? -0.573  -18.820 0.362   1.00 14.11 ? 122 ASP A O     1 
ATOM   870  C CB    . ASP A 1 112 ? 2.064   -18.363 -1.455  1.00 14.25 ? 122 ASP A CB    1 
ATOM   871  C CG    . ASP A 1 112 ? 0.874   -18.310 -2.377  1.00 14.57 ? 122 ASP A CG    1 
ATOM   872  O OD1   . ASP A 1 112 ? 0.304   -19.378 -2.676  1.00 15.00 ? 122 ASP A OD1   1 
ATOM   873  O OD2   . ASP A 1 112 ? 0.430   -17.238 -2.836  1.00 15.61 ? 122 ASP A OD2   1 
ATOM   874  N N     . PHE A 1 113 ? 1.069   -20.411 0.813   1.00 17.12 ? 124 PHE A N     1 
ATOM   875  C CA    . PHE A 1 113 ? 0.014   -21.409 0.902   1.00 17.29 ? 124 PHE A CA    1 
ATOM   876  C C     . PHE A 1 113 ? -0.906  -21.150 2.094   1.00 17.58 ? 124 PHE A C     1 
ATOM   877  O O     . PHE A 1 113 ? -1.970  -21.754 2.195   1.00 17.44 ? 124 PHE A O     1 
ATOM   878  C CB    . PHE A 1 113 ? 0.632   -22.802 0.980   1.00 17.23 ? 124 PHE A CB    1 
ATOM   879  C CG    . PHE A 1 113 ? 1.172   -23.158 2.334   1.00 17.36 ? 124 PHE A CG    1 
ATOM   880  C CD1   . PHE A 1 113 ? 2.295   -22.526 2.848   1.00 17.46 ? 124 PHE A CD1   1 
ATOM   881  C CD2   . PHE A 1 113 ? 0.560   -24.143 3.088   1.00 17.77 ? 124 PHE A CD2   1 
ATOM   882  C CE1   . PHE A 1 113 ? 2.788   -22.869 4.094   1.00 17.67 ? 124 PHE A CE1   1 
ATOM   883  C CE2   . PHE A 1 113 ? 1.047   -24.488 4.332   1.00 18.00 ? 124 PHE A CE2   1 
ATOM   884  C CZ    . PHE A 1 113 ? 2.162   -23.851 4.838   1.00 17.96 ? 124 PHE A CZ    1 
ATOM   885  N N     . LEU A 1 114 ? -0.505  -20.251 2.990   1.00 18.08 ? 125 LEU A N     1 
ATOM   886  C CA    . LEU A 1 114 ? -1.348  -19.897 4.128   1.00 18.60 ? 125 LEU A CA    1 
ATOM   887  C C     . LEU A 1 114 ? -2.363  -18.803 3.759   1.00 19.19 ? 125 LEU A C     1 
ATOM   888  O O     . LEU A 1 114 ? -3.124  -18.341 4.608   1.00 19.21 ? 125 LEU A O     1 
ATOM   889  C CB    . LEU A 1 114 ? -0.483  -19.465 5.314   1.00 18.58 ? 125 LEU A CB    1 
ATOM   890  C CG    . LEU A 1 114 ? 0.432   -20.570 5.862   1.00 18.76 ? 125 LEU A CG    1 
ATOM   891  C CD1   . LEU A 1 114 ? 1.287   -20.034 6.993   1.00 18.85 ? 125 LEU A CD1   1 
ATOM   892  C CD2   . LEU A 1 114 ? -0.358  -21.793 6.329   1.00 19.01 ? 125 LEU A CD2   1 
ATOM   893  N N     . CYS A 1 115 ? -2.385  -18.415 2.485   1.00 20.02 ? 126 CYS A N     1 
ATOM   894  C CA    . CYS A 1 115 ? -3.280  -17.370 1.996   1.00 20.67 ? 126 CYS A CA    1 
ATOM   895  C C     . CYS A 1 115 ? -4.248  -18.009 1.028   1.00 22.25 ? 126 CYS A C     1 
ATOM   896  O O     . CYS A 1 115 ? -3.926  -18.184 -0.145  1.00 22.31 ? 126 CYS A O     1 
ATOM   897  C CB    . CYS A 1 115 ? -2.478  -16.280 1.300   1.00 20.33 ? 126 CYS A CB    1 
ATOM   898  S SG    . CYS A 1 115 ? -1.360  -15.464 2.448   1.00 17.91 ? 126 CYS A SG    1 
ATOM   899  N N     . LYS A 1 116 ? -5.427  -18.375 1.517   1.00 24.09 ? 127 LYS A N     1 
ATOM   900  C CA    . LYS A 1 116 ? -6.367  -19.118 0.674   1.00 25.65 ? 127 LYS A CA    1 
ATOM   901  C C     . LYS A 1 116 ? -7.735  -18.422 0.659   1.00 26.42 ? 127 LYS A C     1 
ATOM   902  O O     . LYS A 1 116 ? -8.153  -17.786 1.632   1.00 26.55 ? 127 LYS A O     1 
ATOM   903  C CB    . LYS A 1 116 ? -6.460  -20.653 0.931   1.00 26.04 ? 127 LYS A CB    1 
ATOM   904  C CG    . LYS A 1 116 ? -5.460  -21.383 1.814   1.00 27.76 ? 127 LYS A CG    1 
ATOM   905  C CD    . LYS A 1 116 ? -6.170  -22.494 2.568   1.00 30.00 ? 127 LYS A CD    1 
ATOM   906  C CE    . LYS A 1 116 ? -5.643  -22.451 3.995   1.00 31.16 ? 127 LYS A CE    1 
ATOM   907  N NZ    . LYS A 1 116 ? -4.410  -23.205 4.360   1.00 31.87 ? 127 LYS A NZ    1 
ATOM   908  N N     . GLY A 1 117 ? -8.393  -18.493 -0.488  1.00 27.43 ? 128 GLY A N     1 
ATOM   909  C CA    . GLY A 1 117 ? -9.744  -17.993 -0.611  1.00 28.15 ? 128 GLY A CA    1 
ATOM   910  C C     . GLY A 1 117 ? -9.825  -16.613 -1.197  1.00 28.82 ? 128 GLY A C     1 
ATOM   911  O O     . GLY A 1 117 ? -8.927  -15.787 -1.027  1.00 28.91 ? 128 GLY A O     1 
ATOM   912  N N     . GLU A 1 118 ? -10.921 -16.359 -1.891  1.00 29.53 ? 129 GLU A N     1 
ATOM   913  C CA    . GLU A 1 118 ? -11.097 -15.073 -2.511  1.00 30.11 ? 129 GLU A CA    1 
ATOM   914  C C     . GLU A 1 118 ? -11.830 -14.164 -1.536  1.00 29.70 ? 129 GLU A C     1 
ATOM   915  O O     . GLU A 1 118 ? -12.714 -14.611 -0.807  1.00 29.76 ? 129 GLU A O     1 
ATOM   916  C CB    . GLU A 1 118 ? -11.852 -15.204 -3.831  1.00 30.59 ? 129 GLU A CB    1 
ATOM   917  C CG    . GLU A 1 118 ? -11.046 -14.647 -4.987  1.00 32.42 ? 129 GLU A CG    1 
ATOM   918  C CD    . GLU A 1 118 ? -10.363 -13.349 -4.602  1.00 34.50 ? 129 GLU A CD    1 
ATOM   919  O OE1   . GLU A 1 118 ? -10.906 -12.273 -4.917  1.00 35.79 ? 129 GLU A OE1   1 
ATOM   920  O OE2   . GLU A 1 118 ? -9.296  -13.406 -3.953  1.00 35.79 ? 129 GLU A OE2   1 
ATOM   921  N N     . LEU A 1 119 ? -11.419 -12.901 -1.488  1.00 29.22 ? 130 LEU A N     1 
ATOM   922  C CA    . LEU A 1 119 ? -12.100 -11.903 -0.677  1.00 28.84 ? 130 LEU A CA    1 
ATOM   923  C C     . LEU A 1 119 ? -12.424 -10.756 -1.617  1.00 28.06 ? 130 LEU A C     1 
ATOM   924  O O     . LEU A 1 119 ? -11.528 -10.148 -2.203  1.00 27.96 ? 130 LEU A O     1 
ATOM   925  C CB    . LEU A 1 119 ? -11.232 -11.439 0.489   1.00 29.05 ? 130 LEU A CB    1 
ATOM   926  C CG    . LEU A 1 119 ? -12.006 -10.925 1.705   1.00 30.06 ? 130 LEU A CG    1 
ATOM   927  C CD1   . LEU A 1 119 ? -11.251 -11.283 2.965   1.00 30.74 ? 130 LEU A CD1   1 
ATOM   928  C CD2   . LEU A 1 119 ? -12.249 -9.429  1.622   1.00 30.72 ? 130 LEU A CD2   1 
ATOM   929  N N     . LYS A 1 120 ? -13.712 -10.484 -1.781  1.00 27.18 ? 131 LYS A N     1 
ATOM   930  C CA    . LYS A 1 120 ? -14.157 -9.475  -2.725  1.00 26.52 ? 131 LYS A CA    1 
ATOM   931  C C     . LYS A 1 120 ? -13.870 -8.081  -2.196  1.00 26.39 ? 131 LYS A C     1 
ATOM   932  O O     . LYS A 1 120 ? -13.921 -7.829  -0.993  1.00 26.13 ? 131 LYS A O     1 
ATOM   933  C CB    . LYS A 1 120 ? -15.646 -9.645  -3.021  1.00 26.27 ? 131 LYS A CB    1 
ATOM   934  C CG    . LYS A 1 120 ? -15.949 -10.951 -3.755  1.00 25.55 ? 131 LYS A CG    1 
ATOM   935  C CD    . LYS A 1 120 ? -17.411 -11.098 -4.149  1.00 24.87 ? 131 LYS A CD    1 
ATOM   936  C CE    . LYS A 1 120 ? -17.694 -12.493 -4.698  1.00 24.65 ? 131 LYS A CE    1 
ATOM   937  N NZ    . LYS A 1 120 ? -19.119 -12.688 -5.095  1.00 24.53 ? 131 LYS A NZ    1 
ATOM   938  N N     . CYS A 1 121 ? -13.397 -7.142  -3.092  1.00 16.52 ? 133 CYS A N     1 
ATOM   939  C CA    . CYS A 1 121 ? -13.133 -5.748  -2.789  1.00 16.46 ? 133 CYS A CA    1 
ATOM   940  C C     . CYS A 1 121 ? -14.415 -5.001  -2.475  1.00 16.65 ? 133 CYS A C     1 
ATOM   941  O O     . CYS A 1 121 ? -14.407 -4.106  -1.628  1.00 16.82 ? 133 CYS A O     1 
ATOM   942  C CB    . CYS A 1 121 ? -12.450 -5.105  -3.984  1.00 16.30 ? 133 CYS A CB    1 
ATOM   943  S SG    . CYS A 1 121 ? -10.752 -5.661  -4.180  1.00 15.42 ? 133 CYS A SG    1 
ATOM   944  O OXT   . CYS A 1 121 ? -15.438 -5.303  -3.090  1.00 16.99 ? 133 CYS A OXT   1 
HETATM 945  S S     . SO4 B 2 .   ? 6.874   -7.936  16.562  1.00 45.80 ? 301 SO4 A S     1 
HETATM 946  O O1    . SO4 B 2 .   ? 8.011   -8.785  16.905  1.00 45.83 ? 301 SO4 A O1    1 
HETATM 947  O O2    . SO4 B 2 .   ? 7.153   -7.216  15.323  1.00 45.78 ? 301 SO4 A O2    1 
HETATM 948  O O3    . SO4 B 2 .   ? 5.698   -8.774  16.368  1.00 45.82 ? 301 SO4 A O3    1 
HETATM 949  O O4    . SO4 B 2 .   ? 6.629   -6.981  17.639  1.00 45.82 ? 301 SO4 A O4    1 
HETATM 950  S S     . SO4 C 2 .   ? -11.833 3.431   -15.160 1.00 59.42 ? 302 SO4 A S     1 
HETATM 951  O O1    . SO4 C 2 .   ? -11.808 3.180   -13.722 1.00 59.42 ? 302 SO4 A O1    1 
HETATM 952  O O2    . SO4 C 2 .   ? -11.154 2.342   -15.855 1.00 59.41 ? 302 SO4 A O2    1 
HETATM 953  O O3    . SO4 C 2 .   ? -13.217 3.516   -15.616 1.00 59.42 ? 302 SO4 A O3    1 
HETATM 954  O O4    . SO4 C 2 .   ? -11.151 4.691   -15.444 1.00 59.43 ? 302 SO4 A O4    1 
HETATM 955  S S     . SO4 D 2 .   ? -7.590  -8.655  13.415  1.00 35.14 ? 303 SO4 A S     1 
HETATM 956  O O1    . SO4 D 2 .   ? -6.796  -9.277  14.472  1.00 35.23 ? 303 SO4 A O1    1 
HETATM 957  O O2    . SO4 D 2 .   ? -7.436  -7.204  13.474  1.00 35.15 ? 303 SO4 A O2    1 
HETATM 958  O O3    . SO4 D 2 .   ? -8.996  -8.998  13.603  1.00 35.22 ? 303 SO4 A O3    1 
HETATM 959  O O4    . SO4 D 2 .   ? -7.136  -9.142  12.117  1.00 35.14 ? 303 SO4 A O4    1 
HETATM 960  S S     . SO4 E 2 .   ? 9.980   11.839  -8.583  1.00 16.29 ? 304 SO4 A S     1 
HETATM 961  O O1    . SO4 E 2 .   ? 9.501   10.516  -8.193  1.00 16.35 ? 304 SO4 A O1    1 
HETATM 962  O O2    . SO4 E 2 .   ? 10.438  11.807  -9.969  1.00 16.54 ? 304 SO4 A O2    1 
HETATM 963  O O3    . SO4 E 2 .   ? 8.894   12.808  -8.461  1.00 16.53 ? 304 SO4 A O3    1 
HETATM 964  O O4    . SO4 E 2 .   ? 11.086  12.217  -7.708  1.00 16.61 ? 304 SO4 A O4    1 
HETATM 965  C "C1'" . BHA F 3 .   ? -8.832  4.647   15.095  0.50 26.73 ? 251 BHA A "C1'" 1 
HETATM 966  O "O1'" . BHA F 3 .   ? -9.041  5.839   14.928  0.50 26.85 ? 251 BHA A "O1'" 1 
HETATM 967  O "O2'" . BHA F 3 .   ? -9.872  3.834   15.146  0.50 26.88 ? 251 BHA A "O2'" 1 
HETATM 968  C C1    . BHA F 3 .   ? -7.489  3.991   15.252  0.50 26.58 ? 251 BHA A C1    1 
HETATM 969  C C2    . BHA F 3 .   ? -6.168  4.678   15.240  0.50 26.53 ? 251 BHA A C2    1 
HETATM 970  C C3    . BHA F 3 .   ? -5.017  3.910   15.403  0.50 26.48 ? 251 BHA A C3    1 
HETATM 971  C C4    . BHA F 3 .   ? -5.114  2.532   15.572  0.50 26.43 ? 251 BHA A C4    1 
HETATM 972  C C5    . BHA F 3 .   ? -6.347  1.895   15.582  0.50 26.41 ? 251 BHA A C5    1 
HETATM 973  C C6    . BHA F 3 .   ? -7.518  2.617   15.427  0.50 26.45 ? 251 BHA A C6    1 
HETATM 974  O O2    . BHA F 3 .   ? -6.067  6.025   15.070  0.50 26.60 ? 251 BHA A O2    1 
HETATM 975  N N4    . BHA F 3 .   ? -4.000  1.781   15.730  0.50 26.47 ? 251 BHA A N4    1 
HETATM 976  O O     . HOH G 4 .   ? -1.126  5.367   -15.209 1.00 10.26 ? 305 HOH A O     1 
HETATM 977  O O     . HOH G 4 .   ? -0.740  9.122   -16.601 1.00 9.22  ? 306 HOH A O     1 
HETATM 978  O O     . HOH G 4 .   ? -6.020  5.424   -18.783 1.00 10.69 ? 307 HOH A O     1 
HETATM 979  O O     . HOH G 4 .   ? -1.142  -4.652  11.710  1.00 11.54 ? 308 HOH A O     1 
HETATM 980  O O     . HOH G 4 .   ? 5.664   9.086   -14.844 1.00 11.96 ? 309 HOH A O     1 
HETATM 981  O O     . HOH G 4 .   ? -4.881  1.201   1.883   1.00 9.89  ? 310 HOH A O     1 
HETATM 982  O O     . HOH G 4 .   ? 2.321   4.487   -7.335  1.00 10.05 ? 311 HOH A O     1 
HETATM 983  O O     . HOH G 4 .   ? -5.368  2.369   -0.565  1.00 9.41  ? 312 HOH A O     1 
HETATM 984  O O     . HOH G 4 .   ? -7.765  5.920   -1.400  1.00 10.75 ? 313 HOH A O     1 
HETATM 985  O O     . HOH G 4 .   ? -6.431  -1.580  7.741   1.00 11.07 ? 314 HOH A O     1 
HETATM 986  O O     . HOH G 4 .   ? -1.979  4.716   -17.893 1.00 11.01 ? 315 HOH A O     1 
HETATM 987  O O     . HOH G 4 .   ? 1.450   10.396  -17.874 1.00 11.33 ? 316 HOH A O     1 
HETATM 988  O O     . HOH G 4 .   ? -7.984  6.602   -6.143  1.00 11.62 ? 317 HOH A O     1 
HETATM 989  O O     . HOH G 4 .   ? -8.704  -2.775  8.608   1.00 11.98 ? 318 HOH A O     1 
HETATM 990  O O     . HOH G 4 .   ? -5.586  13.008  -17.496 1.00 12.07 ? 319 HOH A O     1 
HETATM 991  O O     . HOH G 4 .   ? -6.301  9.168   0.006   1.00 11.30 ? 320 HOH A O     1 
HETATM 992  O O     . HOH G 4 .   ? 4.169   13.232  -12.612 1.00 15.39 ? 321 HOH A O     1 
HETATM 993  O O     . HOH G 4 .   ? 1.853   -0.812  9.671   1.00 11.40 ? 322 HOH A O     1 
HETATM 994  O O     . HOH G 4 .   ? -8.333  3.034   -15.116 1.00 15.05 ? 323 HOH A O     1 
HETATM 995  O O     . HOH G 4 .   ? 7.021   6.809   -15.371 1.00 13.86 ? 324 HOH A O     1 
HETATM 996  O O     . HOH G 4 .   ? -5.285  9.525   -16.896 1.00 14.50 ? 325 HOH A O     1 
HETATM 997  O O     . HOH G 4 .   ? 1.943   14.363  -15.781 1.00 13.52 ? 326 HOH A O     1 
HETATM 998  O O     . HOH G 4 .   ? 12.266  -1.365  7.791   1.00 14.97 ? 327 HOH A O     1 
HETATM 999  O O     . HOH G 4 .   ? -3.811  -1.753  14.425  1.00 14.43 ? 328 HOH A O     1 
HETATM 1000 O O     . HOH G 4 .   ? -1.620  20.807  -8.356  1.00 17.39 ? 329 HOH A O     1 
HETATM 1001 O O     . HOH G 4 .   ? -6.972  0.775   9.067   1.00 12.41 ? 330 HOH A O     1 
HETATM 1002 O O     . HOH G 4 .   ? 1.091   -21.915 -2.312  1.00 17.46 ? 331 HOH A O     1 
HETATM 1003 O O     . HOH G 4 .   ? -4.438  -5.977  13.490  1.00 17.80 ? 332 HOH A O     1 
HETATM 1004 O O     . HOH G 4 .   ? 9.590   -4.507  9.660   1.00 17.15 ? 333 HOH A O     1 
HETATM 1005 O O     . HOH G 4 .   ? 12.156  0.491   0.365   1.00 14.64 ? 334 HOH A O     1 
HETATM 1006 O O     . HOH G 4 .   ? -8.485  -9.634  8.037   1.00 15.25 ? 335 HOH A O     1 
HETATM 1007 O O     . HOH G 4 .   ? 1.515   -0.704  -13.047 1.00 16.86 ? 336 HOH A O     1 
HETATM 1008 O O     . HOH G 4 .   ? -0.758  -3.047  -1.528  1.00 14.67 ? 337 HOH A O     1 
HETATM 1009 O O     . HOH G 4 .   ? -0.430  -8.315  13.776  1.00 16.76 ? 338 HOH A O     1 
HETATM 1010 O O     . HOH G 4 .   ? 0.028   20.205  -10.406 1.00 17.44 ? 339 HOH A O     1 
HETATM 1011 O O     . HOH G 4 .   ? -7.950  3.389   -0.349  1.00 9.67  ? 340 HOH A O     1 
HETATM 1012 O O     . HOH G 4 .   ? 11.145  2.773   1.672   1.00 14.86 ? 341 HOH A O     1 
HETATM 1013 O O     . HOH G 4 .   ? 7.369   -7.574  4.253   1.00 18.35 ? 342 HOH A O     1 
HETATM 1014 O O     . HOH G 4 .   ? 3.002   1.113   -7.021  1.00 16.72 ? 343 HOH A O     1 
HETATM 1015 O O     . HOH G 4 .   ? 6.326   14.610  -4.992  1.00 15.69 ? 344 HOH A O     1 
HETATM 1016 O O     . HOH G 4 .   ? 1.126   22.705  -4.931  1.00 15.79 ? 345 HOH A O     1 
HETATM 1017 O O     . HOH G 4 .   ? -7.874  5.565   -16.662 1.00 15.96 ? 346 HOH A O     1 
HETATM 1018 O O     . HOH G 4 .   ? -7.122  15.051  -16.474 1.00 18.29 ? 347 HOH A O     1 
HETATM 1019 O O     . HOH G 4 .   ? 8.792   2.546   -9.330  1.00 17.01 ? 348 HOH A O     1 
HETATM 1020 O O     . HOH G 4 .   ? 9.505   6.568   -9.504  1.00 17.73 ? 349 HOH A O     1 
HETATM 1021 O O     . HOH G 4 .   ? 1.043   14.602  -9.924  1.00 18.13 ? 350 HOH A O     1 
HETATM 1022 O O     . HOH G 4 .   ? 11.745  5.972   -14.919 1.00 20.31 ? 351 HOH A O     1 
HETATM 1023 O O     . HOH G 4 .   ? 9.099   5.603   -16.398 1.00 18.27 ? 352 HOH A O     1 
HETATM 1024 O O     . HOH G 4 .   ? -0.934  13.464  -7.211  1.00 18.35 ? 353 HOH A O     1 
HETATM 1025 O O     . HOH G 4 .   ? -2.002  12.760  5.081   1.00 18.64 ? 354 HOH A O     1 
HETATM 1026 O O     . HOH G 4 .   ? -8.940  3.873   -7.212  1.00 18.34 ? 355 HOH A O     1 
HETATM 1027 O O     . HOH G 4 .   ? 8.790   5.517   -12.646 1.00 17.74 ? 356 HOH A O     1 
HETATM 1028 O O     . HOH G 4 .   ? 4.124   10.381  -16.669 1.00 18.38 ? 357 HOH A O     1 
HETATM 1029 O O     . HOH G 4 .   ? -5.897  8.622   13.828  1.00 20.84 ? 358 HOH A O     1 
HETATM 1030 O O     . HOH G 4 .   ? -4.505  -4.550  -7.674  1.00 20.30 ? 359 HOH A O     1 
HETATM 1031 O O     . HOH G 4 .   ? -10.841 -3.356  -7.321  1.00 20.60 ? 360 HOH A O     1 
HETATM 1032 O O     . HOH G 4 .   ? 7.015   12.432  -6.452  1.00 15.37 ? 361 HOH A O     1 
HETATM 1033 O O     . HOH G 4 .   ? 1.915   -3.497  -1.315  1.00 18.31 ? 362 HOH A O     1 
HETATM 1034 O O     . HOH G 4 .   ? -9.802  4.223   -19.835 1.00 18.22 ? 363 HOH A O     1 
HETATM 1035 O O     . HOH G 4 .   ? 6.732   13.273  -12.664 1.00 18.26 ? 364 HOH A O     1 
HETATM 1036 O O     . HOH G 4 .   ? 7.102   0.613   -2.331  1.00 20.21 ? 365 HOH A O     1 
HETATM 1037 O O     . HOH G 4 .   ? 6.022   -15.161 7.791   1.00 19.27 ? 366 HOH A O     1 
HETATM 1038 O O     . HOH G 4 .   ? 11.472  0.963   -2.171  1.00 18.81 ? 367 HOH A O     1 
HETATM 1039 O O     . HOH G 4 .   ? 7.011   14.242  2.020   1.00 24.17 ? 368 HOH A O     1 
HETATM 1040 O O     . HOH G 4 .   ? -9.107  3.664   10.701  1.00 18.94 ? 369 HOH A O     1 
HETATM 1041 O O     . HOH G 4 .   ? 13.613  5.108   10.138  1.00 23.76 ? 370 HOH A O     1 
HETATM 1042 O O     . HOH G 4 .   ? 14.800  -0.247  0.564   1.00 28.03 ? 371 HOH A O     1 
HETATM 1043 O O     . HOH G 4 .   ? -7.401  -6.282  -5.737  1.00 23.43 ? 372 HOH A O     1 
HETATM 1044 O O     . HOH G 4 .   ? -7.440  -7.125  -3.081  1.00 17.88 ? 373 HOH A O     1 
HETATM 1045 O O     . HOH G 4 .   ? 11.969  -11.545 7.276   1.00 24.95 ? 374 HOH A O     1 
HETATM 1046 O O     . HOH G 4 .   ? -8.741  -11.753 -2.450  1.00 21.05 ? 375 HOH A O     1 
HETATM 1047 O O     . HOH G 4 .   ? 7.470   17.108  -5.341  1.00 20.06 ? 376 HOH A O     1 
HETATM 1048 O O     . HOH G 4 .   ? -2.134  -13.805 -1.347  1.00 23.78 ? 377 HOH A O     1 
HETATM 1049 O O     . HOH G 4 .   ? 10.865  8.234   -7.949  1.00 21.92 ? 378 HOH A O     1 
HETATM 1050 O O     . HOH G 4 .   ? -0.483  25.641  -3.184  1.00 22.37 ? 379 HOH A O     1 
HETATM 1051 O O     . HOH G 4 .   ? 11.042  3.615   -2.354  1.00 21.74 ? 380 HOH A O     1 
HETATM 1052 O O     . HOH G 4 .   ? 8.261   11.259  -4.281  1.00 18.60 ? 381 HOH A O     1 
HETATM 1053 O O     . HOH G 4 .   ? -3.095  -7.846  14.844  1.00 23.75 ? 382 HOH A O     1 
HETATM 1054 O O     . HOH G 4 .   ? -7.236  -0.315  12.588  1.00 19.89 ? 383 HOH A O     1 
HETATM 1055 O O     . HOH G 4 .   ? -9.402  -5.547  -7.665  1.00 23.28 ? 384 HOH A O     1 
HETATM 1056 O O     . HOH G 4 .   ? 3.405   -2.370  0.469   1.00 20.61 ? 385 HOH A O     1 
HETATM 1057 O O     . HOH G 4 .   ? 13.375  4.457   0.972   1.00 25.88 ? 386 HOH A O     1 
HETATM 1058 O O     . HOH G 4 .   ? -8.468  13.814  -12.074 1.00 33.12 ? 387 HOH A O     1 
HETATM 1059 O O     . HOH G 4 .   ? -9.779  -3.433  11.933  1.00 19.47 ? 388 HOH A O     1 
HETATM 1060 O O     . HOH G 4 .   ? 2.469   -10.687 0.693   1.00 22.00 ? 389 HOH A O     1 
HETATM 1061 O O     . HOH G 4 .   ? -1.063  13.350  -9.688  1.00 20.10 ? 390 HOH A O     1 
HETATM 1062 O O     . HOH G 4 .   ? 1.777   -1.619  -4.515  1.00 23.17 ? 391 HOH A O     1 
HETATM 1063 O O     . HOH G 4 .   ? 7.416   9.617   -2.326  1.00 21.32 ? 392 HOH A O     1 
HETATM 1064 O O     . HOH G 4 .   ? -4.537  -13.530 11.598  1.00 25.68 ? 393 HOH A O     1 
HETATM 1065 O O     . HOH G 4 .   ? 10.123  4.594   -10.702 1.00 22.50 ? 394 HOH A O     1 
HETATM 1066 O O     . HOH G 4 .   ? 5.713   19.130  -5.110  1.00 23.11 ? 395 HOH A O     1 
HETATM 1067 O O     . HOH G 4 .   ? 3.771   -2.596  -2.883  1.00 22.16 ? 396 HOH A O     1 
HETATM 1068 O O     . HOH G 4 .   ? -5.794  -3.988  14.787  1.00 27.73 ? 397 HOH A O     1 
HETATM 1069 O O     . HOH G 4 .   ? 13.045  -8.262  10.477  1.00 22.64 ? 398 HOH A O     1 
HETATM 1070 O O     . HOH G 4 .   ? -1.916  -15.951 12.561  1.00 35.82 ? 399 HOH A O     1 
HETATM 1071 O O     . HOH G 4 .   ? -7.698  2.280   12.599  1.00 25.29 ? 400 HOH A O     1 
HETATM 1072 O O     . HOH G 4 .   ? 2.050   -14.279 1.208   1.00 25.31 ? 401 HOH A O     1 
HETATM 1073 O O     . HOH G 4 .   ? 10.774  10.883  -5.115  1.00 20.23 ? 402 HOH A O     1 
HETATM 1074 O O     . HOH G 4 .   ? -4.319  14.949  -7.299  1.00 22.21 ? 403 HOH A O     1 
HETATM 1075 O O     . HOH G 4 .   ? 9.400   -0.475  -3.456  1.00 28.13 ? 404 HOH A O     1 
HETATM 1076 O O     . HOH G 4 .   ? 10.752  8.060   -5.270  1.00 24.88 ? 405 HOH A O     1 
HETATM 1077 O O     . HOH G 4 .   ? -1.128  22.340  -6.157  1.00 21.01 ? 406 HOH A O     1 
HETATM 1078 O O     . HOH G 4 .   ? 17.984  2.706   5.272   1.00 23.79 ? 407 HOH A O     1 
HETATM 1079 O O     . HOH G 4 .   ? 18.207  0.538   3.436   1.00 24.42 ? 408 HOH A O     1 
HETATM 1080 O O     . HOH G 4 .   ? 14.002  1.884   8.475   1.00 23.45 ? 409 HOH A O     1 
HETATM 1081 O O     . HOH G 4 .   ? -9.416  -9.276  -3.932  1.00 24.38 ? 410 HOH A O     1 
HETATM 1082 O O     . HOH G 4 .   ? -1.857  12.187  7.802   1.00 22.41 ? 411 HOH A O     1 
HETATM 1083 O O     . HOH G 4 .   ? 9.349   16.181  -12.185 1.00 28.74 ? 412 HOH A O     1 
HETATM 1084 O O     . HOH G 4 .   ? -10.464 5.497   -17.662 1.00 24.10 ? 413 HOH A O     1 
HETATM 1085 O O     . HOH G 4 .   ? 0.026   -18.015 10.146  1.00 29.42 ? 414 HOH A O     1 
HETATM 1086 O O     . HOH G 4 .   ? -5.955  -14.629 8.096   1.00 30.57 ? 415 HOH A O     1 
HETATM 1087 O O     . HOH G 4 .   ? -4.466  14.558  -1.405  1.00 15.76 ? 416 HOH A O     1 
HETATM 1088 O O     . HOH G 4 .   ? 16.022  3.349   7.302   1.00 26.56 ? 417 HOH A O     1 
HETATM 1089 O O     . HOH G 4 .   ? 12.313  1.414   11.571  1.00 28.21 ? 418 HOH A O     1 
HETATM 1090 O O     . HOH G 4 .   ? 13.049  7.200   -4.004  1.00 33.67 ? 419 HOH A O     1 
HETATM 1091 O O     . HOH G 4 .   ? -2.553  20.965  -4.372  1.00 33.50 ? 420 HOH A O     1 
HETATM 1092 O O     . HOH G 4 .   ? -12.279 -10.726 5.857   1.00 36.39 ? 421 HOH A O     1 
HETATM 1093 O O     . HOH G 4 .   ? -12.114 -13.449 5.088   1.00 29.57 ? 422 HOH A O     1 
HETATM 1094 O O     . HOH G 4 .   ? 12.113  -5.406  10.294  1.00 27.71 ? 423 HOH A O     1 
HETATM 1095 O O     . HOH G 4 .   ? -0.498  -17.827 -5.356  1.00 40.60 ? 424 HOH A O     1 
HETATM 1096 O O     . HOH G 4 .   ? 2.054   -16.309 12.338  1.00 39.03 ? 425 HOH A O     1 
HETATM 1097 O O     . HOH G 4 .   ? -7.932  7.818   -15.001 1.00 21.23 ? 426 HOH A O     1 
HETATM 1098 O O     . HOH G 4 .   ? 7.705   -17.162 8.379   1.00 28.16 ? 427 HOH A O     1 
HETATM 1099 O O     . HOH G 4 .   ? 10.323  -13.958 8.115   1.00 32.46 ? 428 HOH A O     1 
HETATM 1100 O O     . HOH G 4 .   ? -5.106  12.770  -5.837  1.00 37.46 ? 429 HOH A O     1 
HETATM 1101 O O     . HOH G 4 .   ? -14.730 4.961   -12.239 1.00 37.11 ? 430 HOH A O     1 
HETATM 1102 O O     . HOH G 4 .   ? -7.356  12.536  0.320   1.00 20.06 ? 431 HOH A O     1 
HETATM 1103 O O     . HOH G 4 .   ? -4.349  11.783  8.506   1.00 25.65 ? 432 HOH A O     1 
HETATM 1104 O O     . HOH G 4 .   ? -14.245 3.986   -18.092 1.00 47.10 ? 433 HOH A O     1 
HETATM 1105 O O     . HOH G 4 .   ? 7.295   -2.878  -0.394  1.00 30.87 ? 434 HOH A O     1 
HETATM 1106 O O     . HOH G 4 .   ? 10.232  -8.743  3.518   1.00 26.22 ? 435 HOH A O     1 
HETATM 1107 O O     . HOH G 4 .   ? -14.878 -8.288  1.425   1.00 31.33 ? 436 HOH A O     1 
HETATM 1108 O O     . HOH G 4 .   ? 5.464   -1.260  -1.264  1.00 23.35 ? 437 HOH A O     1 
HETATM 1109 O O     . HOH G 4 .   ? 10.600  -0.777  -5.834  1.00 24.48 ? 438 HOH A O     1 
HETATM 1110 O O     . HOH G 4 .   ? 10.256  -0.062  12.983  1.00 38.12 ? 439 HOH A O     1 
HETATM 1111 O O     . HOH G 4 .   ? 8.730   -16.253 10.628  1.00 32.92 ? 440 HOH A O     1 
HETATM 1112 O O     . HOH G 4 .   ? 9.361   2.898   12.526  1.00 34.41 ? 441 HOH A O     1 
HETATM 1113 O O     . HOH G 4 .   ? 11.906  -2.640  11.983  1.00 41.25 ? 442 HOH A O     1 
HETATM 1114 O O     . HOH G 4 .   ? 5.989   -10.777 15.261  1.00 26.24 ? 443 HOH A O     1 
HETATM 1115 O O     . HOH G 4 .   ? -15.965 -11.612 -0.088  1.00 29.66 ? 444 HOH A O     1 
HETATM 1116 O O     . HOH G 4 .   ? -3.124  -1.110  -16.652 1.00 41.37 ? 445 HOH A O     1 
HETATM 1117 O O     . HOH G 4 .   ? -5.593  15.888  5.390   1.00 30.41 ? 446 HOH A O     1 
HETATM 1118 O O     . HOH G 4 .   ? -10.189 -16.389 3.104   1.00 36.02 ? 447 HOH A O     1 
HETATM 1119 O O     . HOH G 4 .   ? -2.135  -3.643  -18.117 1.00 33.90 ? 448 HOH A O     1 
HETATM 1120 O O     . HOH G 4 .   ? 0.090   -10.338 15.092  1.00 37.66 ? 449 HOH A O     1 
HETATM 1121 O O     . HOH G 4 .   ? -4.345  16.167  2.887   1.00 30.58 ? 450 HOH A O     1 
HETATM 1122 O O     . HOH G 4 .   ? 4.009   -12.435 2.677   1.00 43.68 ? 451 HOH A O     1 
HETATM 1123 O O     . HOH G 4 .   ? 6.495   15.774  -0.440  1.00 32.09 ? 452 HOH A O     1 
HETATM 1124 O O     . HOH G 4 .   ? 17.415  3.224   9.279   1.00 34.03 ? 453 HOH A O     1 
HETATM 1125 O O     . HOH G 4 .   ? 10.062  0.229   -8.596  1.00 28.08 ? 454 HOH A O     1 
HETATM 1126 O O     . HOH G 4 .   ? -4.587  13.495  5.015   1.00 26.28 ? 455 HOH A O     1 
HETATM 1127 O O     . HOH G 4 .   ? 13.137  7.514   0.804   1.00 32.42 ? 456 HOH A O     1 
HETATM 1128 O O     . HOH G 4 .   ? 6.730   -10.180 -2.271  1.00 24.85 ? 457 HOH A O     1 
HETATM 1129 O O     . HOH G 4 .   ? 2.747   -1.493  -7.228  1.00 25.02 ? 458 HOH A O     1 
HETATM 1130 O O     . HOH G 4 .   ? 13.839  0.097   -3.330  1.00 33.74 ? 459 HOH A O     1 
HETATM 1131 O O     . HOH G 4 .   ? -0.218  3.242   15.099  1.00 23.26 ? 460 HOH A O     1 
HETATM 1132 O O     . HOH G 4 .   ? 6.057   19.505  1.083   1.00 25.24 ? 461 HOH A O     1 
HETATM 1133 O O     . HOH G 4 .   ? -2.105  0.873   20.104  1.00 39.22 ? 462 HOH A O     1 
HETATM 1134 O O     . HOH G 4 .   ? -2.896  -22.854 -1.942  1.00 34.52 ? 463 HOH A O     1 
HETATM 1135 O O     . HOH G 4 .   ? 0.982   -14.468 -1.175  1.00 41.15 ? 464 HOH A O     1 
HETATM 1136 O O     . HOH G 4 .   ? 7.892   -2.875  -2.724  1.00 38.44 ? 465 HOH A O     1 
HETATM 1137 O O     . HOH G 4 .   ? 15.690  3.971   11.322  1.00 31.50 ? 466 HOH A O     1 
HETATM 1138 O O     . HOH G 4 .   ? 0.316   -2.610  -15.271 1.00 52.32 ? 467 HOH A O     1 
HETATM 1139 O O     . HOH G 4 .   ? 15.242  3.061   -3.037  1.00 42.50 ? 468 HOH A O     1 
HETATM 1140 O O     . HOH G 4 .   ? -3.695  -18.108 7.075   1.00 33.72 ? 469 HOH A O     1 
HETATM 1141 O O     . HOH G 4 .   ? -4.715  -10.385 13.471  1.00 30.78 ? 470 HOH A O     1 
HETATM 1142 O O     . HOH G 4 .   ? 3.974   -16.383 10.794  1.00 33.69 ? 471 HOH A O     1 
HETATM 1143 O O     . HOH G 4 .   ? -4.953  -0.701  16.970  1.00 33.71 ? 472 HOH A O     1 
HETATM 1144 O O     . HOH G 4 .   ? 10.372  -3.665  -5.739  1.00 34.85 ? 473 HOH A O     1 
HETATM 1145 O O     . HOH G 4 .   ? 1.307   -2.200  -8.897  1.00 49.12 ? 474 HOH A O     1 
HETATM 1146 O O     . HOH G 4 .   ? -10.325 -10.973 9.794   1.00 35.19 ? 475 HOH A O     1 
HETATM 1147 O O     . HOH G 4 .   ? 15.453  1.362   10.725  1.00 36.81 ? 476 HOH A O     1 
HETATM 1148 O O     . HOH G 4 .   ? 4.097   -15.180 -1.734  1.00 39.36 ? 477 HOH A O     1 
HETATM 1149 O O     . HOH G 4 .   ? -2.404  -20.068 -2.388  1.00 33.80 ? 478 HOH A O     1 
HETATM 1150 O O     . HOH G 4 .   ? 13.194  -0.853  -5.781  1.00 33.10 ? 479 HOH A O     1 
HETATM 1151 O O     . HOH G 4 .   ? -9.755  -5.779  14.573  1.00 42.21 ? 480 HOH A O     1 
HETATM 1152 O O     . HOH G 4 .   ? 7.882   18.228  5.012   1.00 27.05 ? 481 HOH A O     1 
HETATM 1153 O O     . HOH G 4 .   ? 0.058   -2.537  20.332  1.00 29.45 ? 482 HOH A O     1 
HETATM 1154 O O     . HOH G 4 .   ? -6.027  15.581  -13.804 1.00 30.03 ? 483 HOH A O     1 
HETATM 1155 O O     . HOH G 4 .   ? -5.217  -8.523  -4.192  1.00 25.35 ? 484 HOH A O     1 
HETATM 1156 O O     . HOH G 4 .   ? 11.343  -10.249 9.888   1.00 28.04 ? 485 HOH A O     1 
HETATM 1157 O O     . HOH G 4 .   ? -10.785 -9.315  11.918  1.00 36.37 ? 486 HOH A O     1 
HETATM 1158 O O     . HOH G 4 .   ? 8.784   16.124  2.536   1.00 40.88 ? 487 HOH A O     1 
HETATM 1159 O O     . HOH G 4 .   ? -12.468 4.549   -20.901 1.00 30.03 ? 488 HOH A O     1 
HETATM 1160 O O     . HOH G 4 .   ? -14.818 -10.275 6.069   1.00 31.97 ? 489 HOH A O     1 
HETATM 1161 O O     . HOH G 4 .   ? 8.187   -3.832  13.974  1.00 37.45 ? 490 HOH A O     1 
HETATM 1162 O O     . HOH G 4 .   ? -4.208  -3.799  -10.436 1.00 34.45 ? 491 HOH A O     1 
HETATM 1163 O O     . HOH G 4 .   ? -0.262  -23.779 -2.872  1.00 39.71 ? 492 HOH A O     1 
HETATM 1164 O O     . HOH G 4 .   ? -14.325 7.205   -11.775 1.00 33.35 ? 493 HOH A O     1 
HETATM 1165 O O     . HOH G 4 .   ? 5.827   19.221  6.567   1.00 36.92 ? 494 HOH A O     1 
HETATM 1166 O O     . HOH G 4 .   ? -6.132  16.220  -1.149  1.00 46.87 ? 495 HOH A O     1 
HETATM 1167 O O     . HOH G 4 .   ? -9.049  -4.250  -11.990 1.00 28.04 ? 496 HOH A O     1 
HETATM 1168 O O     . HOH G 4 .   ? -5.281  -16.202 5.284   1.00 30.75 ? 497 HOH A O     1 
HETATM 1169 O O     . HOH G 4 .   ? 5.674   -4.412  -4.289  1.00 33.42 ? 498 HOH A O     1 
HETATM 1170 O O     . HOH G 4 .   ? -11.669 0.267   -18.045 1.00 37.87 ? 499 HOH A O     1 
HETATM 1171 O O     . HOH G 4 .   ? 11.048  14.494  -6.322  1.00 32.14 ? 500 HOH A O     1 
HETATM 1172 O O     . HOH G 4 .   ? 2.459   -0.360  21.259  1.00 42.01 ? 501 HOH A O     1 
HETATM 1173 O O     . HOH G 4 .   ? -4.970  -2.317  18.881  1.00 31.95 ? 502 HOH A O     1 
HETATM 1174 O O     . HOH G 4 .   ? -20.731 -11.297 -3.229  1.00 30.66 ? 503 HOH A O     1 
HETATM 1175 O O     . HOH G 4 .   ? 9.262   17.242  -7.764  1.00 44.42 ? 504 HOH A O     1 
HETATM 1176 O O     . HOH G 4 .   ? 3.492   -3.590  16.348  1.00 30.15 ? 505 HOH A O     1 
HETATM 1177 O O     . HOH G 4 .   ? 12.971  12.020  -3.496  1.00 35.97 ? 506 HOH A O     1 
HETATM 1178 O O     . HOH G 4 .   ? 15.827  4.219   1.299   1.00 37.22 ? 507 HOH A O     1 
HETATM 1179 O O     . HOH G 4 .   ? 0.783   -7.084  16.910  1.00 40.91 ? 508 HOH A O     1 
HETATM 1180 O O     . HOH G 4 .   ? -12.231 -2.350  -12.410 1.00 39.50 ? 509 HOH A O     1 
HETATM 1181 O O     . HOH G 4 .   ? -15.892 -12.499 3.349   1.00 41.85 ? 510 HOH A O     1 
HETATM 1182 O O     . HOH G 4 .   ? 17.470  4.545   3.184   1.00 43.24 ? 511 HOH A O     1 
HETATM 1183 O O     . HOH G 4 .   ? 15.973  6.135   6.219   1.00 44.73 ? 512 HOH A O     1 
HETATM 1184 O O     . HOH G 4 .   ? 15.487  8.176   3.463   1.00 39.70 ? 513 HOH A O     1 
HETATM 1185 O O     . HOH G 4 .   ? -6.938  -12.091 10.822  1.00 43.61 ? 514 HOH A O     1 
HETATM 1186 O O     . HOH G 4 .   ? 11.515  11.790  2.235   1.00 36.18 ? 515 HOH A O     1 
HETATM 1187 O O     . HOH G 4 .   ? -12.196 -12.232 8.464   1.00 36.24 ? 516 HOH A O     1 
HETATM 1188 O O     . HOH G 4 .   ? 0.217   12.331  6.451   1.00 35.69 ? 517 HOH A O     1 
HETATM 1189 O O     . HOH G 4 .   ? 6.236   19.897  8.882   1.00 41.24 ? 518 HOH A O     1 
HETATM 1190 O O     . HOH G 4 .   ? -5.474  17.017  -15.506 1.00 35.72 ? 519 HOH A O     1 
HETATM 1191 O O     . HOH G 4 .   ? -16.322 -10.554 2.154   1.00 43.06 ? 520 HOH A O     1 
HETATM 1192 O O     . HOH G 4 .   ? -14.430 -10.816 9.251   1.00 43.06 ? 521 HOH A O     1 
HETATM 1193 O O     . HOH G 4 .   ? 7.017   -2.781  15.633  1.00 59.57 ? 522 HOH A O     1 
HETATM 1194 O O     . HOH G 4 .   ? -1.151  -23.064 -4.899  1.00 44.09 ? 523 HOH A O     1 
HETATM 1195 O O     . HOH G 4 .   ? -2.569  -2.010  -11.346 1.00 30.71 ? 524 HOH A O     1 
HETATM 1196 O O     . HOH G 4 .   ? 16.023  -3.205  1.918   1.00 33.53 ? 525 HOH A O     1 
HETATM 1197 O O     . HOH G 4 .   ? 16.848  1.013   0.768   1.00 59.41 ? 526 HOH A O     1 
# 
